data_8D8N
#
_entry.id   8D8N
#
_cell.length_a   1.00
_cell.length_b   1.00
_cell.length_c   1.00
_cell.angle_alpha   90.00
_cell.angle_beta   90.00
_cell.angle_gamma   90.00
#
_symmetry.space_group_name_H-M   'P 1'
#
loop_
_entity.id
_entity.type
_entity.pdbx_description
1 polymer 'RAMP superfamily protein'
2 polymer 'RNA (35-MER)'
3 polymer "RNA (5'-R(P*UP*CP*CP*GP*GP*GP*GP*CP*AP*GP*AP*AP*AP*AP*UP*UP*GP*GP*AP*CP*A)-3')"
4 non-polymer 'ZINC ION'
#
loop_
_entity_poly.entity_id
_entity_poly.type
_entity_poly.pdbx_seq_one_letter_code
_entity_poly.pdbx_strand_id
1 'polypeptide(L)'
;MNITVELTFFEPYRLVEWFDWDARKKSHSAMRGQAFAQWTWKGKGRTAGKSFITGTLVRSAVIKAVEELLSLNNGKWEGV
PCCNGSFQTDESKGKKPSFLRKRHTLQWQANNKNICDKEEACPFCILLGRFDNAGKVHERNKDYDIHFSNFDLDHKQEKN
DLRLVDIASGRILNRVDFDTGKAKDYFRTWEADYETYGTYTGRITLRNEHAKKLLLASLGFVDKLCGALCRIEVIKKSES
PLPSDTKEQSYTKDDTVEVLSEDHNDELRKQAEVIVEAFKQNDKLEKIRILADAIRTLRLHGEGVIEKDELPDGKEERDK
GHHLWDIKVQGTALRTKLKELWQSNKDIGWRKFTEMLGSNLYLIYKKETGGVSTRFRILGDTEYYSKAHDSEGSDLFIPV
TPPEGIETKEWIIVGRLKAATPFYFGVQQPSDSIPGKEKKSEDSLVINEHTSFNILLDKENRYRIPRSALRGALRRDLRT
AFGSGCNVSLGGQILCNCKVCIEMRRITLKDSVSDFSEPPEIRYRIAKNPGTATVEDGSLFDIEVGPEGLTFPFVLRYRG
HKFPEQLSSVIRYWEENDGKNGMAWLGGLDSTGKGRFALKDIKIFEWDLNQKINEYIKERGMRGKEKELLEMGESSLPDG
LIPYKFFEERECLFPYKENLKPQWSEVQYTIEVGSPLLTADTISALTEPGNRDAIAYKKRVYNDGNNAIEPEPRFAVKSE
THRGIFRTAVGRRTGDLGKEDHEDCTCDMCIIFGNEHESSKIRFEDLELINGNEFEKLEKHIDHVAIDRFTGGALDKAKF
DTYPLAGSPKKPLKLKGRFWIKKGFSGDHKLLITTALSDIRDGLYPLGSKGGVGYGWVAGISIDDNVPDDFKEMINKTEM
PLPEEVEESNNGPINNDYVHPGHQSPKQDHKNKNIYYPHYFLDSGSKVYREKDIITHEEFTEELLSGKINCKLETLTPLI
IPDTSDENGLKLQGNKPGHKNYKFFNINGELMIPGSELRGMLRTHFEALTKSCFAIFGEDSTLSWRMNADEKDYKIDSNS
IRKMESQRNPKYRIPDELQKELRNSGNGLFNRLYTSERRFWSDVSNKFENSIDYKREILRCAGRPKNYKGGIIRQRKDSL
MAEELKVHRLPLYDNFDIPDSAYKANDHCRKSATCSTSRGCRERFTCGIKVRDKNRVFLNAANNNRQYLNNIKKSNHDLY
LQYLKGEKKIRFNSKVITGSERSPIDVIAELNERGRQTGFIKLSGLNNSNKSQGNTGTTFNSGWDRFELNILLDDLETRP
SKSDYPRPRLLFTKDQYEYNITKRCERVFEIDKGNKTGYPVDDQIKKNYEDILDSYDGIKDQEVAERFDTFTRGSKLKVG
DLVYFHIDGDNKIDSLIPVRISRKCASKTLGGKLDKALHPCTGLSDGLCPGCHLFGTTDYKGRVKFGFAKYENGPEWLIT
RGNNPERSLTLGVLESPRPAFSIPDDESEIPGRKFYLHHNGWRIIRQKQLEIRETVQPERNVTTEVMDKGNVFSFDVKFE
NLREWELGLLLQSLDPGKNIAHKLGKGKPYGFGSVKIKIDSLHTFKINSNNDKIKRVPQSDIREYINKGYQKLIEWSGNN
SIQKGNVLPQWHVIPHIDKLYKLLWVPFLNDSKLEPDVRYPVLNEESKGYIEGSDYTYKKLGDKDNLPYKTRVKGLTTPW
SPWNPFQVIAEHEEQEVNVTGSRPSVTDKIERDGKMV
;
B
2 'polyribonucleotide' ACUUAAUGUCACGGUACCCAAUUUUCUGCCCCGGA C
3 'polyribonucleotide' UCCGGGGCAGAAAAUUGGACA D
#
# COMPACT_ATOMS: atom_id res chain seq x y z
N MET A 1 -17.44 64.69 -10.76
CA MET A 1 -18.16 63.62 -11.43
C MET A 1 -17.23 62.45 -11.73
N ASN A 2 -16.13 62.36 -10.98
CA ASN A 2 -15.17 61.27 -11.12
C ASN A 2 -15.37 60.27 -10.01
N ILE A 3 -15.32 58.99 -10.35
CA ILE A 3 -15.53 57.91 -9.39
C ILE A 3 -14.37 56.94 -9.51
N THR A 4 -13.54 56.89 -8.49
CA THR A 4 -12.45 55.93 -8.49
C THR A 4 -12.93 54.62 -7.88
N VAL A 5 -12.93 53.57 -8.68
CA VAL A 5 -13.52 52.31 -8.27
C VAL A 5 -12.42 51.31 -7.98
N GLU A 6 -12.47 50.71 -6.81
CA GLU A 6 -11.56 49.69 -6.35
C GLU A 6 -12.25 48.33 -6.39
N LEU A 7 -11.50 47.31 -6.78
CA LEU A 7 -12.09 45.99 -6.87
C LEU A 7 -11.31 45.08 -5.93
N THR A 8 -11.97 44.04 -5.43
CA THR A 8 -11.34 43.12 -4.48
C THR A 8 -11.82 41.72 -4.81
N PHE A 9 -11.00 40.72 -4.50
CA PHE A 9 -11.43 39.35 -4.67
C PHE A 9 -11.45 38.58 -3.36
N PHE A 10 -12.00 37.37 -3.41
CA PHE A 10 -12.06 36.46 -2.27
C PHE A 10 -11.83 35.01 -2.67
N GLU A 11 -11.21 34.78 -3.81
CA GLU A 11 -11.06 33.43 -4.31
C GLU A 11 -10.16 33.45 -5.54
N PRO A 12 -9.30 32.45 -5.71
CA PRO A 12 -8.37 32.45 -6.85
C PRO A 12 -9.09 32.47 -8.19
N TYR A 13 -8.75 33.46 -9.02
CA TYR A 13 -9.37 33.69 -10.31
C TYR A 13 -8.48 33.19 -11.44
N ARG A 14 -8.84 33.54 -12.68
CA ARG A 14 -8.15 33.02 -13.85
C ARG A 14 -7.57 34.14 -14.71
N LEU A 15 -6.55 33.81 -15.49
CA LEU A 15 -5.85 34.72 -16.39
C LEU A 15 -5.63 34.07 -17.73
N VAL A 16 -5.51 34.89 -18.78
CA VAL A 16 -5.18 34.40 -20.11
C VAL A 16 -4.39 35.47 -20.86
N GLU A 17 -3.59 35.02 -21.81
CA GLU A 17 -2.74 35.88 -22.62
C GLU A 17 -3.59 36.87 -23.39
N TRP A 18 -2.95 37.91 -23.92
CA TRP A 18 -3.64 38.96 -24.63
C TRP A 18 -3.55 38.74 -26.14
N PHE A 19 -4.50 39.29 -26.88
CA PHE A 19 -4.49 39.27 -28.34
C PHE A 19 -5.40 40.35 -28.87
N ASP A 20 -5.13 40.81 -30.08
CA ASP A 20 -6.10 41.59 -30.83
C ASP A 20 -7.11 40.67 -31.48
N TRP A 21 -8.38 41.10 -31.50
CA TRP A 21 -9.42 40.25 -32.08
C TRP A 21 -9.11 39.91 -33.53
N ASP A 22 -8.53 40.86 -34.27
CA ASP A 22 -8.08 40.57 -35.62
C ASP A 22 -7.19 39.35 -35.63
N ALA A 23 -6.31 39.22 -34.64
CA ALA A 23 -5.51 38.01 -34.51
C ALA A 23 -6.21 36.97 -33.65
N ARG A 24 -7.07 37.40 -32.74
CA ARG A 24 -7.67 36.47 -31.79
C ARG A 24 -8.57 35.47 -32.49
N LYS A 25 -9.24 35.89 -33.57
CA LYS A 25 -10.13 34.99 -34.29
C LYS A 25 -9.39 33.75 -34.77
N LYS A 26 -8.07 33.85 -34.95
CA LYS A 26 -7.32 32.71 -35.44
C LYS A 26 -7.04 31.72 -34.31
N SER A 27 -6.31 32.15 -33.29
CA SER A 27 -5.88 31.24 -32.24
C SER A 27 -7.08 30.81 -31.42
N HIS A 28 -7.64 29.64 -31.76
CA HIS A 28 -8.90 29.21 -31.15
C HIS A 28 -8.76 29.08 -29.64
N SER A 29 -7.55 28.77 -29.16
CA SER A 29 -7.33 28.60 -27.74
C SER A 29 -7.43 29.90 -26.96
N ALA A 30 -7.47 31.04 -27.64
CA ALA A 30 -7.72 32.29 -26.93
C ALA A 30 -9.19 32.65 -26.90
N MET A 31 -10.04 31.88 -27.59
CA MET A 31 -11.46 32.19 -27.61
C MET A 31 -12.08 32.22 -26.23
N ARG A 32 -11.76 31.25 -25.38
CA ARG A 32 -12.35 31.24 -24.06
C ARG A 32 -12.02 32.52 -23.31
N GLY A 33 -10.96 33.20 -23.73
CA GLY A 33 -10.54 34.40 -23.05
C GLY A 33 -11.41 35.59 -23.30
N GLN A 34 -12.72 35.44 -23.15
CA GLN A 34 -13.59 36.59 -23.28
C GLN A 34 -14.27 36.95 -21.97
N ALA A 35 -13.86 36.35 -20.87
CA ALA A 35 -14.38 36.69 -19.56
C ALA A 35 -13.32 36.80 -18.48
N PHE A 36 -12.08 36.45 -18.78
CA PHE A 36 -11.02 36.50 -17.79
C PHE A 36 -10.29 37.84 -17.87
N ALA A 37 -9.45 38.11 -16.89
CA ALA A 37 -8.63 39.32 -16.97
C ALA A 37 -7.52 39.12 -17.99
N GLN A 38 -6.83 40.21 -18.32
CA GLN A 38 -5.81 40.18 -19.35
C GLN A 38 -4.43 40.35 -18.76
N TRP A 39 -3.46 39.67 -19.37
CA TRP A 39 -2.06 39.74 -19.01
C TRP A 39 -1.22 39.95 -20.26
N THR A 40 -0.50 41.06 -20.31
CA THR A 40 0.26 41.43 -21.51
C THR A 40 1.74 41.32 -21.23
N TRP A 41 2.50 40.96 -22.27
CA TRP A 41 3.95 40.94 -22.21
C TRP A 41 4.48 42.37 -22.27
N LYS A 42 5.79 42.49 -22.08
CA LYS A 42 6.47 43.76 -22.22
C LYS A 42 7.95 43.52 -22.21
N GLY A 43 8.69 44.32 -22.98
CA GLY A 43 10.13 44.26 -22.97
C GLY A 43 10.77 43.25 -23.92
N LYS A 44 10.03 42.79 -24.94
CA LYS A 44 10.58 41.97 -26.01
C LYS A 44 11.33 40.75 -25.47
N GLY A 45 10.56 39.88 -24.84
CA GLY A 45 11.12 38.70 -24.23
C GLY A 45 10.03 37.90 -23.55
N ARG A 46 10.26 37.51 -22.29
CA ARG A 46 9.25 36.86 -21.48
C ARG A 46 9.36 37.36 -20.06
N THR A 47 8.48 36.85 -19.21
CA THR A 47 8.54 36.97 -17.76
C THR A 47 8.35 38.38 -17.24
N ALA A 48 8.25 39.39 -18.10
CA ALA A 48 8.05 40.77 -17.66
C ALA A 48 6.78 41.26 -18.34
N GLY A 49 5.73 41.47 -17.55
CA GLY A 49 4.45 41.85 -18.09
C GLY A 49 3.65 42.70 -17.12
N LYS A 50 2.37 42.85 -17.46
CA LYS A 50 1.45 43.66 -16.71
C LYS A 50 0.08 43.00 -16.74
N SER A 51 -0.76 43.31 -15.76
CA SER A 51 -2.07 42.69 -15.63
C SER A 51 -3.16 43.74 -15.50
N PHE A 52 -4.23 43.58 -16.26
CA PHE A 52 -5.33 44.53 -16.16
C PHE A 52 -6.64 43.84 -16.50
N ILE A 53 -7.72 44.62 -16.49
CA ILE A 53 -9.06 44.12 -16.82
C ILE A 53 -9.70 45.08 -17.81
N THR A 54 -10.32 44.53 -18.84
CA THR A 54 -10.95 45.33 -19.88
C THR A 54 -12.21 46.00 -19.34
N GLY A 55 -12.30 47.31 -19.51
CA GLY A 55 -13.48 48.04 -19.06
C GLY A 55 -14.77 47.46 -19.61
N THR A 56 -14.72 46.89 -20.81
CA THR A 56 -15.92 46.35 -21.42
C THR A 56 -16.57 45.28 -20.54
N LEU A 57 -15.76 44.46 -19.87
CA LEU A 57 -16.34 43.42 -19.03
C LEU A 57 -17.07 44.01 -17.84
N VAL A 58 -16.46 45.00 -17.18
CA VAL A 58 -17.14 45.70 -16.11
C VAL A 58 -18.46 46.26 -16.62
N ARG A 59 -18.44 46.81 -17.83
CA ARG A 59 -19.68 47.35 -18.39
C ARG A 59 -20.75 46.27 -18.47
N SER A 60 -20.41 45.14 -19.09
CA SER A 60 -21.40 44.09 -19.26
C SER A 60 -21.95 43.61 -17.93
N ALA A 61 -21.10 43.52 -16.91
CA ALA A 61 -21.60 43.10 -15.62
C ALA A 61 -22.56 44.11 -15.04
N VAL A 62 -22.23 45.40 -15.13
CA VAL A 62 -23.15 46.40 -14.61
C VAL A 62 -24.48 46.32 -15.35
N ILE A 63 -24.44 45.99 -16.64
CA ILE A 63 -25.67 45.87 -17.40
C ILE A 63 -26.53 44.73 -16.86
N LYS A 64 -25.95 43.55 -16.70
CA LYS A 64 -26.73 42.43 -16.18
C LYS A 64 -27.28 42.75 -14.80
N ALA A 65 -26.50 43.47 -13.99
CA ALA A 65 -26.97 43.86 -12.67
C ALA A 65 -28.22 44.73 -12.77
N VAL A 66 -28.16 45.78 -13.59
CA VAL A 66 -29.32 46.67 -13.68
C VAL A 66 -30.52 45.91 -14.21
N GLU A 67 -30.29 45.00 -15.16
CA GLU A 67 -31.39 44.21 -15.68
C GLU A 67 -32.10 43.42 -14.58
N GLU A 68 -31.33 42.68 -13.79
CA GLU A 68 -31.94 41.91 -12.71
C GLU A 68 -32.67 42.82 -11.73
N LEU A 69 -31.99 43.88 -11.28
CA LEU A 69 -32.59 44.76 -10.29
C LEU A 69 -33.93 45.28 -10.77
N LEU A 70 -34.03 45.61 -12.05
CA LEU A 70 -35.32 46.06 -12.56
C LEU A 70 -36.32 44.92 -12.66
N SER A 71 -35.85 43.71 -12.96
CA SER A 71 -36.81 42.61 -13.07
C SER A 71 -37.46 42.31 -11.73
N LEU A 72 -36.77 42.59 -10.62
CA LEU A 72 -37.30 42.19 -9.33
C LEU A 72 -38.54 42.99 -8.96
N ASN A 73 -38.48 44.31 -9.08
CA ASN A 73 -39.58 45.17 -8.67
C ASN A 73 -40.70 45.23 -9.69
N ASN A 74 -40.77 44.27 -10.60
CA ASN A 74 -41.70 44.29 -11.71
C ASN A 74 -41.53 45.49 -12.61
N GLY A 75 -40.33 46.03 -12.70
CA GLY A 75 -40.01 46.98 -13.75
C GLY A 75 -40.38 48.41 -13.47
N LYS A 76 -39.83 48.97 -12.40
CA LYS A 76 -40.01 50.40 -12.15
C LYS A 76 -39.03 50.85 -11.09
N TRP A 77 -38.72 52.14 -11.12
CA TRP A 77 -37.95 52.80 -10.07
C TRP A 77 -38.86 53.68 -9.24
N GLU A 78 -38.89 53.43 -7.93
CA GLU A 78 -39.69 54.21 -6.99
C GLU A 78 -41.13 54.36 -7.46
N GLY A 79 -41.60 53.45 -8.32
CA GLY A 79 -42.90 53.62 -8.93
C GLY A 79 -42.89 54.28 -10.28
N VAL A 80 -41.73 54.46 -10.91
CA VAL A 80 -41.68 55.01 -12.25
C VAL A 80 -41.41 53.88 -13.23
N PRO A 81 -42.40 53.45 -14.01
CA PRO A 81 -42.13 52.38 -14.98
C PRO A 81 -41.16 52.87 -16.02
N CYS A 82 -40.18 52.02 -16.35
CA CYS A 82 -39.15 52.42 -17.29
C CYS A 82 -39.20 51.54 -18.52
N CYS A 83 -38.20 51.73 -19.36
CA CYS A 83 -38.25 51.31 -20.74
C CYS A 83 -37.84 49.85 -20.88
N ASN A 84 -38.56 49.12 -21.73
CA ASN A 84 -38.44 47.67 -21.75
C ASN A 84 -37.09 47.21 -22.30
N GLY A 85 -36.27 48.14 -22.75
CA GLY A 85 -34.96 47.81 -23.29
C GLY A 85 -34.91 48.02 -24.78
N SER A 86 -33.70 47.83 -25.33
CA SER A 86 -33.47 48.15 -26.72
C SER A 86 -32.62 47.13 -27.46
N PHE A 87 -31.91 46.26 -26.78
CA PHE A 87 -30.90 45.46 -27.46
C PHE A 87 -31.54 44.38 -28.32
N GLN A 88 -30.70 43.49 -28.81
CA GLN A 88 -31.06 42.34 -29.63
C GLN A 88 -31.51 42.76 -31.03
N THR A 89 -31.25 43.98 -31.49
CA THR A 89 -31.63 44.29 -32.86
C THR A 89 -30.45 44.63 -33.76
N ASP A 90 -29.88 45.82 -33.64
CA ASP A 90 -28.58 46.21 -34.19
C ASP A 90 -28.24 45.53 -35.52
N GLU A 91 -29.05 45.81 -36.55
CA GLU A 91 -28.90 45.12 -37.81
C GLU A 91 -28.69 46.11 -38.96
N SER A 92 -27.67 45.83 -39.77
CA SER A 92 -27.43 46.38 -41.10
C SER A 92 -27.30 47.89 -41.16
N LYS A 93 -27.42 48.60 -40.03
CA LYS A 93 -27.23 50.05 -40.04
C LYS A 93 -25.81 50.41 -39.67
N GLY A 94 -25.01 49.41 -39.29
CA GLY A 94 -23.63 49.61 -38.93
C GLY A 94 -23.00 48.27 -38.61
N LYS A 95 -21.85 48.29 -37.96
CA LYS A 95 -21.19 47.05 -37.62
C LYS A 95 -21.94 46.36 -36.50
N LYS A 96 -22.19 45.07 -36.66
CA LYS A 96 -22.71 44.29 -35.54
C LYS A 96 -21.74 44.41 -34.38
N PRO A 97 -22.24 44.72 -33.19
CA PRO A 97 -21.33 44.97 -32.07
C PRO A 97 -20.41 43.80 -31.84
N SER A 98 -19.12 44.09 -31.67
CA SER A 98 -18.19 43.09 -31.22
C SER A 98 -18.71 42.46 -29.94
N PHE A 99 -18.35 41.20 -29.70
CA PHE A 99 -19.03 40.40 -28.70
C PHE A 99 -20.51 40.27 -29.05
N LEU A 100 -20.78 39.36 -29.98
CA LEU A 100 -22.14 38.94 -30.28
C LEU A 100 -22.63 38.00 -29.18
N ARG A 101 -23.75 38.33 -28.52
CA ARG A 101 -24.07 37.75 -27.22
C ARG A 101 -25.51 37.26 -27.15
N LYS A 102 -25.68 36.09 -26.53
CA LYS A 102 -26.96 35.40 -26.52
C LYS A 102 -27.20 34.70 -25.17
N ARG A 103 -28.42 34.80 -24.67
CA ARG A 103 -28.92 34.09 -23.50
C ARG A 103 -30.35 34.51 -23.28
N HIS A 104 -31.03 33.85 -22.34
CA HIS A 104 -32.44 34.13 -22.13
C HIS A 104 -32.58 35.50 -21.50
N THR A 105 -32.44 36.53 -22.33
CA THR A 105 -32.74 37.87 -21.86
C THR A 105 -34.22 37.98 -21.53
N LEU A 106 -34.56 38.87 -20.61
CA LEU A 106 -35.92 38.93 -20.09
C LEU A 106 -36.46 40.35 -20.16
N GLN A 107 -37.75 40.47 -20.39
CA GLN A 107 -38.45 41.75 -20.48
C GLN A 107 -39.75 41.64 -19.70
N TRP A 108 -39.81 42.33 -18.57
CA TRP A 108 -41.09 42.57 -17.93
C TRP A 108 -41.97 43.39 -18.86
N GLN A 109 -43.27 43.29 -18.69
CA GLN A 109 -44.18 44.08 -19.52
C GLN A 109 -44.43 45.43 -18.86
N ALA A 110 -44.26 46.50 -19.64
CA ALA A 110 -44.35 47.85 -19.12
C ALA A 110 -45.40 48.64 -19.87
N ASN A 111 -45.72 49.82 -19.33
CA ASN A 111 -46.81 50.62 -19.88
C ASN A 111 -46.31 51.82 -20.66
N ASN A 112 -45.21 52.45 -20.22
CA ASN A 112 -44.80 53.73 -20.78
C ASN A 112 -44.47 53.60 -22.26
N LYS A 113 -44.54 54.73 -22.97
CA LYS A 113 -44.28 54.78 -24.40
C LYS A 113 -42.96 55.43 -24.75
N ASN A 114 -42.24 55.97 -23.77
CA ASN A 114 -40.93 56.56 -24.00
C ASN A 114 -39.83 55.60 -23.57
N ILE A 115 -38.74 55.57 -24.35
CA ILE A 115 -37.78 54.47 -24.30
C ILE A 115 -36.50 54.98 -23.65
N CYS A 116 -36.64 55.95 -22.76
CA CYS A 116 -35.58 56.90 -22.40
C CYS A 116 -35.22 57.72 -23.62
N ASP A 117 -36.21 58.40 -24.21
CA ASP A 117 -36.01 59.10 -25.47
C ASP A 117 -35.05 60.29 -25.30
N LYS A 118 -34.81 60.99 -26.40
CA LYS A 118 -33.72 61.98 -26.45
C LYS A 118 -33.93 63.10 -25.45
N GLU A 119 -35.07 63.78 -25.53
CA GLU A 119 -35.30 64.90 -24.63
C GLU A 119 -35.50 64.42 -23.20
N GLU A 120 -36.27 63.35 -23.03
CA GLU A 120 -36.55 62.76 -21.73
C GLU A 120 -35.99 61.34 -21.75
N ALA A 121 -34.87 61.14 -21.06
CA ALA A 121 -34.19 59.86 -21.08
C ALA A 121 -34.24 59.25 -19.68
N CYS A 122 -35.05 58.20 -19.54
CA CYS A 122 -35.06 57.45 -18.29
C CYS A 122 -33.66 56.92 -18.01
N PRO A 123 -33.29 56.78 -16.75
CA PRO A 123 -31.87 56.53 -16.43
C PRO A 123 -31.27 55.35 -17.14
N PHE A 124 -32.09 54.37 -17.53
CA PHE A 124 -31.52 53.14 -18.07
C PHE A 124 -30.72 53.40 -19.34
N CYS A 125 -31.31 54.04 -20.34
CA CYS A 125 -30.57 54.19 -21.59
C CYS A 125 -29.44 55.19 -21.49
N ILE A 126 -29.60 56.27 -20.73
CA ILE A 126 -28.45 57.10 -20.44
C ILE A 126 -27.31 56.24 -19.93
N LEU A 127 -27.63 55.28 -19.06
CA LEU A 127 -26.60 54.37 -18.60
C LEU A 127 -26.10 53.47 -19.73
N LEU A 128 -26.96 53.15 -20.70
CA LEU A 128 -26.51 52.31 -21.79
C LEU A 128 -25.53 53.04 -22.69
N GLY A 129 -25.90 54.23 -23.15
CA GLY A 129 -25.07 54.94 -24.11
C GLY A 129 -25.70 54.96 -25.48
N ARG A 130 -27.02 55.13 -25.51
CA ARG A 130 -27.77 55.10 -26.76
C ARG A 130 -27.90 56.48 -27.38
N PHE A 131 -28.00 57.53 -26.57
CA PHE A 131 -28.15 58.89 -27.06
C PHE A 131 -26.95 59.70 -26.60
N ASP A 132 -25.96 59.81 -27.47
CA ASP A 132 -24.66 60.36 -27.15
C ASP A 132 -23.95 60.59 -28.47
N ASN A 133 -22.65 60.85 -28.40
CA ASN A 133 -21.77 60.69 -29.56
C ASN A 133 -20.89 59.49 -29.28
N ALA A 134 -21.43 58.31 -29.54
CA ALA A 134 -20.81 57.07 -29.12
C ALA A 134 -19.87 56.49 -30.16
N GLY A 135 -20.38 56.15 -31.34
CA GLY A 135 -19.54 55.53 -32.34
C GLY A 135 -19.37 54.06 -32.05
N LYS A 136 -19.57 53.22 -33.06
CA LYS A 136 -19.58 51.79 -32.82
C LYS A 136 -18.18 51.29 -32.47
N VAL A 137 -17.21 51.55 -33.34
CA VAL A 137 -15.87 51.01 -33.14
C VAL A 137 -14.87 52.16 -33.23
N HIS A 138 -15.38 53.38 -33.22
CA HIS A 138 -14.54 54.56 -33.29
C HIS A 138 -14.46 55.17 -31.90
N GLU A 139 -13.27 55.61 -31.51
CA GLU A 139 -13.04 56.12 -30.17
C GLU A 139 -12.24 57.41 -30.23
N ARG A 140 -12.55 58.24 -31.23
CA ARG A 140 -11.73 59.41 -31.51
C ARG A 140 -11.57 60.29 -30.27
N ASN A 141 -12.61 60.38 -29.45
CA ASN A 141 -12.59 61.26 -28.30
C ASN A 141 -12.90 60.49 -27.02
N LYS A 142 -12.69 61.16 -25.90
CA LYS A 142 -13.29 60.75 -24.64
C LYS A 142 -14.60 61.51 -24.45
N ASP A 143 -15.42 61.43 -25.50
CA ASP A 143 -16.75 62.02 -25.47
C ASP A 143 -17.79 60.91 -25.42
N TYR A 144 -18.08 60.49 -24.20
CA TYR A 144 -19.15 59.54 -23.92
C TYR A 144 -20.04 60.12 -22.83
N ASP A 145 -21.19 59.49 -22.63
CA ASP A 145 -22.05 59.94 -21.55
C ASP A 145 -21.65 59.29 -20.24
N ILE A 146 -21.25 58.02 -20.30
CA ILE A 146 -20.89 57.25 -19.12
C ILE A 146 -19.74 56.33 -19.52
N HIS A 147 -18.55 56.59 -18.99
CA HIS A 147 -17.35 55.96 -19.53
C HIS A 147 -16.72 54.98 -18.54
N PHE A 148 -16.17 53.89 -19.07
CA PHE A 148 -15.52 52.85 -18.28
C PHE A 148 -14.08 52.66 -18.72
N SER A 149 -13.17 53.39 -18.12
CA SER A 149 -11.75 53.12 -18.31
C SER A 149 -11.41 51.75 -17.76
N ASN A 150 -10.53 51.05 -18.46
CA ASN A 150 -10.20 49.68 -18.08
C ASN A 150 -9.49 49.65 -16.74
N PHE A 151 -9.57 48.51 -16.07
CA PHE A 151 -9.10 48.33 -14.71
C PHE A 151 -7.73 47.65 -14.74
N ASP A 152 -6.75 48.28 -14.11
CA ASP A 152 -5.39 47.77 -14.06
C ASP A 152 -4.99 47.44 -12.62
N LEU A 153 -3.89 46.70 -12.49
CA LEU A 153 -3.56 46.07 -11.22
C LEU A 153 -2.93 47.07 -10.26
N ASP A 154 -3.11 46.82 -8.97
CA ASP A 154 -2.58 47.65 -7.91
C ASP A 154 -1.48 46.89 -7.19
N HIS A 155 -0.30 47.48 -7.12
CA HIS A 155 0.87 46.80 -6.58
C HIS A 155 1.73 47.79 -5.82
N LYS A 156 2.13 47.43 -4.60
CA LYS A 156 2.86 48.35 -3.74
C LYS A 156 4.34 48.36 -4.08
N GLN A 157 4.91 47.19 -4.38
CA GLN A 157 6.33 47.06 -4.71
C GLN A 157 6.57 47.06 -6.20
N GLU A 158 5.76 47.80 -6.96
CA GLU A 158 5.85 47.88 -8.41
C GLU A 158 7.17 48.45 -8.90
N LYS A 159 8.04 48.88 -7.98
CA LYS A 159 9.34 49.42 -8.39
C LYS A 159 10.07 48.41 -9.26
N ASN A 160 9.87 47.13 -8.99
CA ASN A 160 10.32 46.06 -9.86
C ASN A 160 9.14 45.52 -10.66
N ASP A 161 9.46 44.85 -11.76
CA ASP A 161 8.43 44.35 -12.66
C ASP A 161 7.89 43.00 -12.21
N LEU A 162 6.59 42.79 -12.39
CA LEU A 162 5.98 41.53 -12.04
C LEU A 162 6.54 40.42 -12.92
N ARG A 163 6.84 39.28 -12.29
CA ARG A 163 7.29 38.11 -13.00
C ARG A 163 6.14 37.14 -13.10
N LEU A 164 5.96 36.54 -14.27
CA LEU A 164 4.78 35.71 -14.49
C LEU A 164 4.69 34.54 -13.54
N VAL A 165 5.80 33.87 -13.26
CA VAL A 165 5.74 32.69 -12.39
C VAL A 165 5.41 33.07 -10.96
N ASP A 166 5.32 34.36 -10.66
CA ASP A 166 5.02 34.76 -9.29
C ASP A 166 3.52 34.84 -9.02
N ILE A 167 2.71 35.24 -10.00
CA ILE A 167 1.29 35.41 -9.77
C ILE A 167 0.46 34.49 -10.68
N ALA A 168 1.03 33.39 -11.14
CA ALA A 168 0.30 32.49 -12.02
C ALA A 168 0.70 31.06 -11.71
N SER A 169 -0.13 30.13 -12.14
CA SER A 169 0.22 28.72 -12.04
C SER A 169 -0.66 27.93 -13.00
N GLY A 170 -0.06 26.94 -13.64
CA GLY A 170 -0.75 26.14 -14.63
C GLY A 170 -1.65 25.13 -13.96
N ARG A 171 -2.67 24.68 -14.69
CA ARG A 171 -3.51 23.59 -14.22
C ARG A 171 -4.29 23.02 -15.39
N ILE A 172 -4.82 21.83 -15.21
CA ILE A 172 -5.53 21.09 -16.24
C ILE A 172 -6.96 20.88 -15.78
N LEU A 173 -7.91 21.05 -16.68
CA LEU A 173 -9.32 20.75 -16.41
C LEU A 173 -9.85 19.79 -17.48
N ASN A 174 -10.87 19.02 -17.11
CA ASN A 174 -11.36 17.99 -18.01
C ASN A 174 -12.86 17.84 -17.84
N ARG A 175 -13.41 16.76 -18.39
CA ARG A 175 -14.85 16.56 -18.45
C ARG A 175 -15.16 15.08 -18.66
N VAL A 176 -16.10 14.56 -17.88
CA VAL A 176 -16.43 13.14 -17.89
C VAL A 176 -17.88 12.96 -18.24
N ASP A 177 -18.21 11.79 -18.75
CA ASP A 177 -19.56 11.44 -19.11
C ASP A 177 -20.44 11.27 -17.88
N PHE A 178 -21.74 11.18 -18.11
CA PHE A 178 -22.63 10.84 -17.00
C PHE A 178 -22.38 9.44 -16.51
N ASP A 179 -22.21 8.51 -17.44
CA ASP A 179 -21.87 7.13 -17.11
C ASP A 179 -20.44 6.85 -17.55
N THR A 180 -19.95 5.68 -17.17
CA THR A 180 -18.66 5.13 -17.55
C THR A 180 -17.48 5.88 -16.93
N GLY A 181 -17.70 6.97 -16.21
CA GLY A 181 -16.62 7.53 -15.41
C GLY A 181 -15.54 8.23 -16.21
N LYS A 182 -15.11 7.60 -17.31
CA LYS A 182 -13.94 8.03 -18.05
C LYS A 182 -14.03 9.49 -18.44
N ALA A 183 -12.88 10.07 -18.79
CA ALA A 183 -12.81 11.43 -19.27
C ALA A 183 -12.80 11.46 -20.79
N LYS A 184 -13.17 12.61 -21.36
CA LYS A 184 -13.26 12.75 -22.80
C LYS A 184 -12.25 13.73 -23.39
N ASP A 185 -11.81 14.74 -22.63
CA ASP A 185 -10.88 15.72 -23.15
C ASP A 185 -10.39 16.56 -21.98
N TYR A 186 -9.65 17.62 -22.31
CA TYR A 186 -9.03 18.44 -21.28
C TYR A 186 -8.45 19.68 -21.90
N PHE A 187 -8.47 20.77 -21.14
CA PHE A 187 -7.86 22.01 -21.58
C PHE A 187 -7.02 22.57 -20.45
N ARG A 188 -6.25 23.60 -20.77
CA ARG A 188 -5.27 24.17 -19.87
C ARG A 188 -5.78 25.50 -19.35
N THR A 189 -5.34 25.90 -18.16
CA THR A 189 -5.83 27.13 -17.57
C THR A 189 -4.82 27.66 -16.56
N TRP A 190 -4.90 28.97 -16.34
CA TRP A 190 -3.99 29.68 -15.45
C TRP A 190 -4.75 30.18 -14.24
N GLU A 191 -4.30 29.81 -13.05
CA GLU A 191 -4.88 30.30 -11.81
C GLU A 191 -3.96 31.30 -11.16
N ALA A 192 -4.54 32.31 -10.55
CA ALA A 192 -3.80 33.38 -9.92
C ALA A 192 -3.67 33.15 -8.41
N ASP A 193 -3.23 34.18 -7.70
CA ASP A 193 -3.29 34.23 -6.25
C ASP A 193 -4.39 35.21 -5.87
N TYR A 194 -5.01 35.00 -4.71
CA TYR A 194 -6.04 35.90 -4.22
C TYR A 194 -5.65 36.58 -2.92
N GLU A 195 -4.45 36.32 -2.42
CA GLU A 195 -4.02 36.89 -1.15
C GLU A 195 -3.21 38.17 -1.32
N THR A 196 -2.24 38.17 -2.22
CA THR A 196 -1.34 39.30 -2.37
C THR A 196 -1.60 40.14 -3.61
N TYR A 197 -2.31 39.60 -4.60
CA TYR A 197 -2.70 40.36 -5.78
C TYR A 197 -4.19 40.18 -5.99
N GLY A 198 -4.97 40.94 -5.23
CA GLY A 198 -6.40 40.79 -5.25
C GLY A 198 -7.09 42.11 -5.41
N THR A 199 -6.33 43.18 -5.30
CA THR A 199 -6.89 44.50 -5.47
C THR A 199 -6.71 44.97 -6.91
N TYR A 200 -7.79 45.50 -7.49
CA TYR A 200 -7.73 46.05 -8.83
C TYR A 200 -8.29 47.46 -8.77
N THR A 201 -7.61 48.39 -9.41
CA THR A 201 -7.99 49.79 -9.38
C THR A 201 -8.47 50.21 -10.74
N GLY A 202 -9.41 51.16 -10.77
CA GLY A 202 -9.90 51.68 -12.01
C GLY A 202 -10.32 53.13 -11.96
N ARG A 203 -11.27 53.51 -12.81
CA ARG A 203 -11.67 54.89 -12.95
C ARG A 203 -12.91 54.97 -13.81
N ILE A 204 -13.89 55.75 -13.36
CA ILE A 204 -15.13 55.96 -14.09
C ILE A 204 -15.42 57.45 -14.11
N THR A 205 -16.01 57.92 -15.19
CA THR A 205 -16.42 59.31 -15.27
C THR A 205 -17.87 59.40 -15.71
N LEU A 206 -18.55 60.46 -15.29
CA LEU A 206 -19.92 60.72 -15.66
C LEU A 206 -20.05 62.12 -16.24
N ARG A 207 -21.16 62.36 -16.91
CA ARG A 207 -21.43 63.67 -17.49
C ARG A 207 -22.71 64.30 -16.95
N ASN A 208 -23.75 63.51 -16.73
CA ASN A 208 -25.02 64.01 -16.23
C ASN A 208 -25.34 63.35 -14.90
N GLU A 209 -25.41 64.17 -13.86
CA GLU A 209 -25.67 63.67 -12.51
C GLU A 209 -27.02 62.97 -12.42
N HIS A 210 -27.85 63.09 -13.45
CA HIS A 210 -29.25 62.72 -13.33
C HIS A 210 -29.43 61.21 -13.12
N ALA A 211 -28.45 60.40 -13.53
CA ALA A 211 -28.62 58.95 -13.50
C ALA A 211 -27.76 58.25 -12.47
N LYS A 212 -27.38 58.93 -11.40
CA LYS A 212 -26.40 58.36 -10.48
C LYS A 212 -27.00 57.23 -9.65
N LYS A 213 -28.10 57.54 -8.93
CA LYS A 213 -28.61 56.62 -7.91
C LYS A 213 -28.82 55.22 -8.44
N LEU A 214 -29.12 55.08 -9.73
CA LEU A 214 -29.20 53.74 -10.31
C LEU A 214 -27.84 53.07 -10.24
N LEU A 215 -26.83 53.68 -10.87
CA LEU A 215 -25.55 53.01 -10.99
C LEU A 215 -24.90 52.78 -9.63
N LEU A 216 -24.86 53.82 -8.81
CA LEU A 216 -24.15 53.71 -7.55
C LEU A 216 -24.76 52.65 -6.64
N ALA A 217 -26.01 52.27 -6.89
CA ALA A 217 -26.62 51.21 -6.08
C ALA A 217 -26.54 49.87 -6.79
N SER A 218 -26.63 49.85 -8.12
CA SER A 218 -26.57 48.59 -8.83
C SER A 218 -25.17 48.03 -8.81
N LEU A 219 -24.18 48.86 -8.50
CA LEU A 219 -22.82 48.35 -8.41
C LEU A 219 -22.74 47.16 -7.46
N GLY A 220 -23.04 47.40 -6.18
CA GLY A 220 -22.79 46.38 -5.18
C GLY A 220 -23.46 45.05 -5.44
N PHE A 221 -24.48 45.03 -6.29
CA PHE A 221 -25.23 43.80 -6.50
C PHE A 221 -24.41 42.72 -7.17
N VAL A 222 -23.60 43.06 -8.18
CA VAL A 222 -22.92 42.05 -8.96
C VAL A 222 -22.02 41.22 -8.05
N ASP A 223 -21.89 39.93 -8.36
CA ASP A 223 -21.05 39.06 -7.53
C ASP A 223 -19.92 38.43 -8.31
N LYS A 224 -20.18 37.83 -9.46
CA LYS A 224 -19.15 37.15 -10.22
C LYS A 224 -18.47 38.19 -11.10
N LEU A 225 -17.18 38.00 -11.34
CA LEU A 225 -16.46 38.79 -12.32
C LEU A 225 -15.11 38.14 -12.55
N CYS A 226 -14.88 37.64 -13.75
CA CYS A 226 -13.68 36.88 -14.06
C CYS A 226 -13.61 35.58 -13.26
N GLY A 227 -14.74 34.97 -12.96
CA GLY A 227 -14.72 33.63 -12.41
C GLY A 227 -14.50 33.52 -10.91
N ALA A 228 -15.07 34.41 -10.11
CA ALA A 228 -15.01 34.30 -8.66
C ALA A 228 -15.93 35.33 -8.04
N LEU A 229 -16.02 35.31 -6.71
CA LEU A 229 -16.80 36.32 -6.03
C LEU A 229 -16.05 37.65 -6.05
N CYS A 230 -16.70 38.70 -5.54
CA CYS A 230 -16.04 40.00 -5.52
C CYS A 230 -16.84 40.98 -4.67
N ARG A 231 -16.22 42.12 -4.41
CA ARG A 231 -16.86 43.19 -3.63
C ARG A 231 -16.37 44.52 -4.22
N ILE A 232 -17.14 45.05 -5.16
CA ILE A 232 -16.79 46.33 -5.77
C ILE A 232 -17.16 47.45 -4.82
N GLU A 233 -16.19 48.31 -4.50
CA GLU A 233 -16.40 49.34 -3.50
C GLU A 233 -15.99 50.69 -4.06
N VAL A 234 -16.89 51.68 -3.95
CA VAL A 234 -16.56 53.03 -4.34
C VAL A 234 -15.70 53.68 -3.25
N ILE A 235 -14.61 54.30 -3.67
CA ILE A 235 -13.62 54.84 -2.74
C ILE A 235 -13.76 56.35 -2.73
N LYS A 236 -14.20 56.89 -1.61
CA LYS A 236 -14.22 58.34 -1.46
C LYS A 236 -12.79 58.86 -1.37
N LYS A 237 -12.62 60.15 -1.65
CA LYS A 237 -11.31 60.77 -1.53
C LYS A 237 -11.44 62.23 -1.13
N GLU A 258 17.78 36.03 -0.78
CA GLU A 258 17.07 34.76 -0.94
C GLU A 258 17.32 34.17 -2.32
N VAL A 259 18.18 34.82 -3.10
CA VAL A 259 18.53 34.30 -4.42
C VAL A 259 19.41 33.07 -4.28
N LEU A 260 20.12 32.96 -3.17
CA LEU A 260 20.94 31.78 -2.90
C LEU A 260 20.12 30.50 -2.99
N SER A 261 18.85 30.55 -2.58
CA SER A 261 17.95 29.42 -2.76
C SER A 261 18.03 28.87 -4.18
N GLU A 262 17.88 29.76 -5.16
CA GLU A 262 18.08 29.36 -6.55
C GLU A 262 19.45 28.72 -6.75
N ASP A 263 20.49 29.43 -6.34
CA ASP A 263 21.84 28.85 -6.37
C ASP A 263 21.88 27.56 -5.57
N HIS A 264 21.14 27.50 -4.45
CA HIS A 264 21.04 26.26 -3.70
C HIS A 264 20.58 25.12 -4.59
N ASN A 265 19.52 25.35 -5.37
CA ASN A 265 19.02 24.32 -6.28
C ASN A 265 20.14 23.78 -7.15
N ASP A 266 21.10 24.64 -7.52
CA ASP A 266 22.27 24.18 -8.26
C ASP A 266 23.34 23.68 -7.32
N GLU A 267 23.60 24.40 -6.24
CA GLU A 267 24.75 24.12 -5.39
C GLU A 267 24.65 22.73 -4.77
N LEU A 268 23.47 22.38 -4.26
CA LEU A 268 23.28 21.04 -3.70
C LEU A 268 23.56 19.96 -4.74
N ARG A 269 23.23 20.23 -6.00
CA ARG A 269 23.66 19.36 -7.09
C ARG A 269 25.10 18.92 -6.88
N LYS A 270 26.00 19.89 -6.73
CA LYS A 270 27.40 19.59 -6.44
C LYS A 270 27.52 18.53 -5.36
N GLN A 271 27.01 18.82 -4.16
CA GLN A 271 27.14 17.88 -3.06
C GLN A 271 26.60 16.51 -3.42
N ALA A 272 25.45 16.48 -4.12
CA ALA A 272 24.86 15.20 -4.49
C ALA A 272 25.88 14.34 -5.22
N GLU A 273 26.60 14.94 -6.16
CA GLU A 273 27.59 14.18 -6.92
C GLU A 273 28.56 13.46 -6.00
N VAL A 274 29.06 14.15 -4.99
CA VAL A 274 30.03 13.53 -4.08
C VAL A 274 29.44 12.27 -3.47
N ILE A 275 28.17 12.32 -3.08
CA ILE A 275 27.58 11.15 -2.43
C ILE A 275 27.47 10.00 -3.39
N VAL A 276 27.29 10.29 -4.68
CA VAL A 276 26.99 9.22 -5.63
C VAL A 276 28.24 8.40 -5.93
N GLU A 277 29.29 9.06 -6.42
CA GLU A 277 30.46 8.33 -6.89
C GLU A 277 31.07 7.47 -5.79
N ALA A 278 31.02 7.94 -4.54
CA ALA A 278 31.55 7.14 -3.44
C ALA A 278 30.82 5.81 -3.33
N PHE A 279 29.48 5.84 -3.42
CA PHE A 279 28.74 4.60 -3.41
C PHE A 279 29.15 3.71 -4.58
N LYS A 280 29.59 4.31 -5.67
CA LYS A 280 30.06 3.52 -6.81
C LYS A 280 31.35 2.77 -6.52
N GLN A 281 32.14 3.25 -5.56
CA GLN A 281 33.41 2.61 -5.27
C GLN A 281 33.24 1.26 -4.57
N ASN A 282 32.22 1.13 -3.72
CA ASN A 282 32.00 -0.11 -3.00
C ASN A 282 31.05 -1.05 -3.73
N ASP A 283 30.88 -0.88 -5.03
CA ASP A 283 29.95 -1.69 -5.82
C ASP A 283 28.56 -1.65 -5.22
N LYS A 284 28.12 -0.45 -4.82
CA LYS A 284 26.80 -0.24 -4.26
C LYS A 284 26.18 0.91 -5.03
N LEU A 285 25.56 0.60 -6.17
CA LEU A 285 24.89 1.60 -6.97
C LEU A 285 23.38 1.51 -6.86
N GLU A 286 22.83 0.33 -6.61
CA GLU A 286 21.39 0.20 -6.54
C GLU A 286 20.82 0.77 -5.25
N LYS A 287 21.59 0.80 -4.18
CA LYS A 287 21.08 1.35 -2.93
C LYS A 287 20.80 2.85 -3.02
N ILE A 288 21.25 3.51 -4.08
CA ILE A 288 20.97 4.93 -4.23
C ILE A 288 19.47 5.18 -4.23
N ARG A 289 18.70 4.36 -4.94
CA ARG A 289 17.27 4.58 -5.03
C ARG A 289 16.61 4.44 -3.66
N ILE A 290 17.04 3.44 -2.90
CA ILE A 290 16.54 3.27 -1.54
C ILE A 290 16.87 4.50 -0.71
N LEU A 291 18.10 5.00 -0.84
CA LEU A 291 18.47 6.20 -0.09
C LEU A 291 17.60 7.37 -0.49
N ALA A 292 17.26 7.46 -1.78
CA ALA A 292 16.43 8.57 -2.24
C ALA A 292 15.06 8.53 -1.60
N ASP A 293 14.40 7.37 -1.67
CA ASP A 293 13.07 7.28 -1.09
C ASP A 293 13.10 7.47 0.42
N ALA A 294 14.16 6.99 1.08
CA ALA A 294 14.23 7.15 2.53
C ALA A 294 14.44 8.60 2.90
N ILE A 295 15.34 9.30 2.19
CA ILE A 295 15.56 10.69 2.52
C ILE A 295 14.34 11.53 2.16
N ARG A 296 13.53 11.09 1.21
CA ARG A 296 12.25 11.77 1.00
C ARG A 296 11.32 11.53 2.17
N THR A 297 11.18 10.27 2.59
CA THR A 297 10.28 9.97 3.69
C THR A 297 10.71 10.67 4.96
N LEU A 298 11.97 11.08 5.03
CA LEU A 298 12.44 11.82 6.20
C LEU A 298 11.71 13.14 6.36
N ARG A 299 10.77 13.43 5.47
CA ARG A 299 10.12 14.74 5.45
C ARG A 299 9.20 14.93 6.64
N LEU A 300 8.60 13.86 7.14
CA LEU A 300 7.59 14.01 8.18
C LEU A 300 8.20 14.30 9.54
N HIS A 301 9.34 13.68 9.84
CA HIS A 301 9.78 13.59 11.23
C HIS A 301 10.15 14.95 11.80
N GLY A 302 10.86 15.75 11.04
CA GLY A 302 11.30 17.06 11.49
C GLY A 302 12.81 17.14 11.50
N GLU A 303 13.33 18.30 11.89
CA GLU A 303 14.78 18.46 11.91
C GLU A 303 15.42 17.59 12.98
N GLY A 304 14.67 17.27 14.04
CA GLY A 304 15.27 16.68 15.21
C GLY A 304 16.15 15.48 14.90
N VAL A 305 15.70 14.63 13.97
CA VAL A 305 16.40 13.38 13.69
C VAL A 305 17.85 13.62 13.35
N ILE A 306 18.16 14.74 12.72
CA ILE A 306 19.56 15.03 12.40
C ILE A 306 20.27 15.65 13.59
N GLU A 307 19.62 16.56 14.30
CA GLU A 307 20.34 17.30 15.33
C GLU A 307 20.49 16.53 16.64
N LYS A 308 19.82 15.40 16.78
CA LYS A 308 19.99 14.56 17.97
C LYS A 308 20.35 13.13 17.60
N ASP A 309 20.37 12.79 16.31
CA ASP A 309 20.87 11.52 15.82
C ASP A 309 20.07 10.34 16.35
N GLU A 310 18.77 10.34 16.05
CA GLU A 310 17.93 9.20 16.31
C GLU A 310 17.91 8.21 15.16
N LEU A 311 18.81 8.36 14.20
CA LEU A 311 18.86 7.44 13.09
C LEU A 311 19.07 6.02 13.59
N PRO A 312 18.63 5.04 12.82
CA PRO A 312 18.73 3.65 13.28
C PRO A 312 20.17 3.18 13.35
N ASP A 313 20.88 3.58 14.40
CA ASP A 313 22.23 3.11 14.64
C ASP A 313 22.30 1.60 14.49
N GLY A 314 23.42 1.12 13.99
CA GLY A 314 23.58 -0.28 13.63
C GLY A 314 23.44 -1.21 14.81
N LYS A 315 23.62 -2.50 14.54
CA LYS A 315 23.51 -3.54 15.56
C LYS A 315 24.70 -3.42 16.52
N GLU A 316 24.83 -4.38 17.43
CA GLU A 316 26.00 -4.40 18.31
C GLU A 316 27.28 -4.42 17.50
N GLU A 317 28.41 -4.19 18.17
CA GLU A 317 29.57 -3.54 17.57
C GLU A 317 29.80 -3.91 16.11
N ARG A 318 30.03 -5.19 15.84
CA ARG A 318 30.20 -5.69 14.47
C ARG A 318 31.38 -5.01 13.78
N ASP A 319 32.08 -4.12 14.49
CA ASP A 319 33.07 -3.22 13.90
C ASP A 319 32.49 -2.48 12.70
N LYS A 320 31.17 -2.32 12.68
CA LYS A 320 30.46 -1.72 11.56
C LYS A 320 29.24 -0.99 12.11
N GLY A 321 28.32 -0.68 11.21
CA GLY A 321 27.08 -0.06 11.63
C GLY A 321 25.91 -0.46 10.75
N HIS A 322 24.91 0.40 10.65
CA HIS A 322 23.79 0.13 9.77
C HIS A 322 24.27 -0.07 8.35
N HIS A 323 23.67 -1.02 7.66
CA HIS A 323 24.08 -1.32 6.29
C HIS A 323 23.84 -0.17 5.35
N LEU A 324 23.10 0.86 5.77
CA LEU A 324 22.91 2.06 4.95
C LEU A 324 23.47 3.31 5.59
N TRP A 325 23.06 3.64 6.80
CA TRP A 325 23.40 4.93 7.40
C TRP A 325 24.86 5.06 7.78
N ASP A 326 25.70 4.07 7.46
CA ASP A 326 27.09 4.12 7.91
C ASP A 326 28.06 3.77 6.79
N ILE A 327 27.68 4.02 5.53
CA ILE A 327 28.67 3.92 4.48
C ILE A 327 29.66 5.07 4.62
N LYS A 328 30.85 4.87 4.05
CA LYS A 328 31.91 5.86 4.11
C LYS A 328 31.97 6.63 2.82
N VAL A 329 31.91 7.95 2.91
CA VAL A 329 32.03 8.83 1.76
C VAL A 329 33.17 9.80 2.05
N GLN A 330 34.16 9.85 1.15
CA GLN A 330 35.34 10.69 1.31
C GLN A 330 35.99 10.51 2.69
N GLY A 331 35.93 9.30 3.23
CA GLY A 331 36.52 9.00 4.51
C GLY A 331 35.68 9.39 5.71
N THR A 332 34.40 9.65 5.51
CA THR A 332 33.54 10.11 6.60
C THR A 332 32.27 9.27 6.63
N ALA A 333 31.62 9.24 7.79
CA ALA A 333 30.37 8.50 7.92
C ALA A 333 29.20 9.34 7.41
N LEU A 334 28.28 8.67 6.70
CA LEU A 334 27.19 9.38 6.04
C LEU A 334 26.31 10.10 7.05
N ARG A 335 26.02 9.46 8.17
CA ARG A 335 25.14 10.10 9.15
C ARG A 335 25.76 11.32 9.77
N THR A 336 27.02 11.60 9.47
CA THR A 336 27.65 12.86 9.86
C THR A 336 27.66 13.86 8.72
N LYS A 337 27.91 13.40 7.49
CA LYS A 337 27.85 14.30 6.34
C LYS A 337 26.46 14.90 6.20
N LEU A 338 25.42 14.14 6.54
CA LEU A 338 24.08 14.70 6.49
C LEU A 338 23.95 15.87 7.45
N LYS A 339 24.42 15.69 8.69
CA LYS A 339 24.35 16.78 9.66
C LYS A 339 25.17 17.96 9.18
N GLU A 340 26.32 17.71 8.58
CA GLU A 340 27.13 18.79 8.05
C GLU A 340 26.38 19.57 6.98
N LEU A 341 25.77 18.87 6.03
CA LEU A 341 25.05 19.54 4.95
C LEU A 341 23.89 20.35 5.50
N TRP A 342 23.13 19.78 6.44
CA TRP A 342 22.04 20.54 7.03
C TRP A 342 22.55 21.78 7.74
N GLN A 343 23.72 21.68 8.38
CA GLN A 343 24.30 22.86 9.00
C GLN A 343 24.71 23.89 7.94
N SER A 344 25.08 23.41 6.75
CA SER A 344 25.49 24.33 5.70
C SER A 344 24.32 25.15 5.19
N ASN A 345 23.22 24.50 4.83
CA ASN A 345 22.09 25.17 4.20
C ASN A 345 20.88 25.00 5.11
N LYS A 346 20.74 25.88 6.09
CA LYS A 346 19.60 25.79 7.00
C LYS A 346 18.67 26.99 6.89
N ASP A 347 18.87 27.85 5.90
CA ASP A 347 17.94 28.95 5.70
C ASP A 347 16.71 28.53 4.92
N ILE A 348 16.86 27.54 4.04
CA ILE A 348 15.75 27.12 3.22
C ILE A 348 14.60 26.60 4.07
N GLY A 349 14.90 25.72 5.00
CA GLY A 349 13.86 25.06 5.75
C GLY A 349 13.88 23.56 5.52
N TRP A 350 13.57 22.81 6.58
CA TRP A 350 13.65 21.36 6.52
C TRP A 350 12.91 20.81 5.30
N ARG A 351 11.72 21.33 5.04
CA ARG A 351 10.85 20.73 4.03
C ARG A 351 11.49 20.77 2.64
N LYS A 352 11.72 21.97 2.12
CA LYS A 352 12.29 22.09 0.80
C LYS A 352 13.68 21.46 0.73
N PHE A 353 14.42 21.50 1.84
CA PHE A 353 15.70 20.82 1.91
C PHE A 353 15.56 19.37 1.51
N THR A 354 14.74 18.63 2.25
CA THR A 354 14.58 17.21 1.96
C THR A 354 14.04 16.99 0.56
N GLU A 355 13.05 17.78 0.15
CA GLU A 355 12.47 17.54 -1.17
C GLU A 355 13.51 17.72 -2.27
N MET A 356 14.28 18.80 -2.20
CA MET A 356 15.30 19.05 -3.22
C MET A 356 16.34 17.95 -3.23
N LEU A 357 16.78 17.51 -2.05
CA LEU A 357 17.76 16.43 -2.02
C LEU A 357 17.22 15.19 -2.70
N GLY A 358 15.97 14.85 -2.42
CA GLY A 358 15.38 13.69 -3.06
C GLY A 358 15.33 13.82 -4.57
N SER A 359 14.87 14.97 -5.06
CA SER A 359 14.78 15.14 -6.50
C SER A 359 16.15 15.04 -7.15
N ASN A 360 17.16 15.67 -6.54
CA ASN A 360 18.50 15.63 -7.11
C ASN A 360 19.02 14.21 -7.18
N LEU A 361 18.86 13.45 -6.09
CA LEU A 361 19.37 12.08 -6.10
C LEU A 361 18.63 11.25 -7.14
N TYR A 362 17.32 11.42 -7.25
CA TYR A 362 16.58 10.68 -8.26
C TYR A 362 17.14 10.96 -9.65
N LEU A 363 17.35 12.24 -9.96
CA LEU A 363 17.82 12.58 -11.29
C LEU A 363 19.21 12.04 -11.55
N ILE A 364 20.11 12.13 -10.57
CA ILE A 364 21.47 11.66 -10.79
C ILE A 364 21.48 10.15 -11.01
N TYR A 365 20.69 9.41 -10.22
CA TYR A 365 20.63 7.97 -10.42
C TYR A 365 20.08 7.64 -11.80
N LYS A 366 19.01 8.33 -12.20
CA LYS A 366 18.42 8.04 -13.50
C LYS A 366 19.41 8.33 -14.63
N LYS A 367 20.19 9.40 -14.50
CA LYS A 367 21.19 9.69 -15.52
C LYS A 367 22.27 8.62 -15.53
N GLU A 368 22.73 8.19 -14.36
CA GLU A 368 23.79 7.20 -14.30
C GLU A 368 23.36 5.89 -14.94
N THR A 369 22.15 5.42 -14.63
CA THR A 369 21.67 4.21 -15.29
C THR A 369 21.29 4.50 -16.74
N GLY A 370 20.61 5.61 -16.98
CA GLY A 370 20.20 5.99 -18.32
C GLY A 370 18.70 6.01 -18.53
N ILE A 406 -45.59 36.89 -7.67
CA ILE A 406 -44.41 36.04 -7.63
C ILE A 406 -43.17 36.87 -7.35
N GLU A 407 -42.38 36.43 -6.37
CA GLU A 407 -41.15 37.10 -5.98
C GLU A 407 -40.08 36.05 -5.77
N THR A 408 -38.83 36.50 -5.71
CA THR A 408 -37.69 35.59 -5.61
C THR A 408 -36.88 35.93 -4.37
N LYS A 409 -36.11 34.95 -3.90
CA LYS A 409 -35.34 35.08 -2.68
C LYS A 409 -34.03 34.35 -2.84
N GLU A 410 -33.09 34.66 -1.93
CA GLU A 410 -31.75 34.08 -1.95
C GLU A 410 -31.56 33.20 -0.73
N TRP A 411 -31.24 31.93 -0.98
CA TRP A 411 -30.99 30.95 0.06
C TRP A 411 -29.49 30.68 0.17
N ILE A 412 -29.00 30.66 1.40
CA ILE A 412 -27.59 30.46 1.68
C ILE A 412 -27.44 29.18 2.48
N ILE A 413 -26.40 28.43 2.21
CA ILE A 413 -26.02 27.33 3.07
C ILE A 413 -24.56 27.49 3.46
N VAL A 414 -24.31 27.47 4.76
CA VAL A 414 -22.98 27.36 5.30
C VAL A 414 -22.85 25.99 5.95
N GLY A 415 -21.64 25.65 6.39
CA GLY A 415 -21.45 24.37 7.02
C GLY A 415 -20.06 23.81 6.87
N ARG A 416 -19.81 22.65 7.47
CA ARG A 416 -18.46 22.11 7.52
C ARG A 416 -18.40 20.76 6.84
N LEU A 417 -17.42 20.58 5.97
CA LEU A 417 -17.13 19.28 5.37
C LEU A 417 -16.10 18.53 6.18
N LYS A 418 -16.31 17.21 6.29
CA LYS A 418 -15.39 16.31 6.97
C LYS A 418 -15.09 15.14 6.05
N ALA A 419 -13.90 14.59 6.17
CA ALA A 419 -13.47 13.51 5.29
C ALA A 419 -13.28 12.24 6.10
N ALA A 420 -14.25 11.35 6.03
CA ALA A 420 -14.21 10.13 6.82
C ALA A 420 -13.34 9.06 6.20
N THR A 421 -12.41 9.42 5.33
CA THR A 421 -11.47 8.48 4.76
C THR A 421 -10.38 9.27 4.05
N PRO A 422 -9.21 8.68 3.87
CA PRO A 422 -8.14 9.38 3.15
C PRO A 422 -8.60 9.78 1.75
N PHE A 423 -8.23 10.99 1.35
CA PHE A 423 -8.73 11.63 0.14
C PHE A 423 -7.58 12.02 -0.78
N TYR A 424 -7.91 12.35 -2.02
CA TYR A 424 -6.88 12.66 -3.01
C TYR A 424 -7.46 13.33 -4.24
N PHE A 425 -6.92 14.50 -4.59
CA PHE A 425 -7.16 15.15 -5.87
C PHE A 425 -5.84 15.22 -6.61
N GLY A 426 -5.84 14.81 -7.87
CA GLY A 426 -4.61 14.73 -8.64
C GLY A 426 -4.39 15.91 -9.57
N VAL A 427 -3.13 16.28 -9.76
CA VAL A 427 -2.77 17.33 -10.70
C VAL A 427 -1.75 16.76 -11.68
N GLN A 428 -1.27 17.60 -12.60
CA GLN A 428 -0.49 17.06 -13.71
C GLN A 428 0.81 16.44 -13.26
N GLN A 429 1.75 17.27 -12.84
CA GLN A 429 3.10 16.96 -12.38
C GLN A 429 3.75 18.27 -11.94
N PRO A 430 4.89 18.24 -11.28
CA PRO A 430 5.65 19.48 -11.12
C PRO A 430 6.23 19.90 -12.45
N SER A 431 7.00 20.98 -12.46
CA SER A 431 7.67 21.47 -13.65
C SER A 431 6.70 21.84 -14.75
N ASP A 432 5.50 22.30 -14.39
CA ASP A 432 4.61 22.96 -15.35
C ASP A 432 4.69 24.46 -15.11
N SER A 433 5.75 25.08 -15.64
CA SER A 433 5.83 26.52 -15.63
C SER A 433 4.72 27.10 -16.50
N ILE A 434 4.35 28.34 -16.24
CA ILE A 434 3.16 28.91 -16.85
C ILE A 434 3.28 29.02 -18.36
N PRO A 435 4.31 29.67 -18.93
CA PRO A 435 4.42 29.65 -20.40
C PRO A 435 4.96 28.32 -20.90
N GLY A 436 5.21 28.22 -22.19
CA GLY A 436 5.77 27.00 -22.75
C GLY A 436 7.14 26.68 -22.20
N VAL A 446 9.39 14.19 -19.98
CA VAL A 446 10.07 13.07 -19.35
C VAL A 446 11.02 13.55 -18.28
N ILE A 447 10.60 14.58 -17.54
CA ILE A 447 11.37 15.09 -16.41
C ILE A 447 10.75 14.53 -15.15
N ASN A 448 10.02 13.43 -15.29
CA ASN A 448 9.20 12.83 -14.23
C ASN A 448 9.98 12.69 -12.93
N GLU A 449 9.55 13.44 -11.92
CA GLU A 449 10.19 13.37 -10.63
C GLU A 449 9.87 12.03 -9.96
N HIS A 450 10.47 11.81 -8.80
CA HIS A 450 10.27 10.53 -8.14
C HIS A 450 8.98 10.53 -7.32
N THR A 451 7.89 10.98 -7.93
CA THR A 451 6.55 10.83 -7.38
C THR A 451 5.63 10.77 -8.58
N SER A 452 5.21 9.57 -8.97
CA SER A 452 4.50 9.42 -10.24
C SER A 452 3.19 10.20 -10.24
N PHE A 453 2.64 10.49 -9.07
CA PHE A 453 1.50 11.38 -8.95
C PHE A 453 1.79 12.40 -7.87
N ASN A 454 0.88 13.35 -7.69
CA ASN A 454 0.97 14.32 -6.60
C ASN A 454 -0.41 14.76 -6.17
N ILE A 455 -0.55 15.08 -4.90
CA ILE A 455 -1.76 15.74 -4.45
C ILE A 455 -1.66 17.19 -4.85
N LEU A 456 -2.79 17.85 -4.98
CA LEU A 456 -2.83 19.29 -5.21
C LEU A 456 -2.32 19.98 -3.96
N LEU A 457 -1.81 21.19 -4.10
CA LEU A 457 -1.37 21.96 -2.95
C LEU A 457 -1.49 23.44 -3.24
N ASP A 458 -1.72 24.20 -2.19
CA ASP A 458 -1.89 25.64 -2.28
C ASP A 458 -0.52 26.31 -2.32
N LYS A 459 -0.47 27.61 -2.08
CA LYS A 459 0.82 28.29 -2.04
C LYS A 459 1.61 27.91 -0.82
N GLU A 460 0.98 27.88 0.36
CA GLU A 460 1.70 27.59 1.60
C GLU A 460 1.53 26.15 2.06
N ASN A 461 1.40 25.21 1.12
CA ASN A 461 1.22 23.80 1.46
C ASN A 461 0.00 23.58 2.34
N ARG A 462 -1.18 23.86 1.79
CA ARG A 462 -2.45 23.57 2.42
C ARG A 462 -3.34 22.83 1.44
N TYR A 463 -4.22 22.00 1.95
CA TYR A 463 -5.07 21.20 1.08
C TYR A 463 -6.25 22.02 0.56
N ARG A 464 -6.45 21.97 -0.76
CA ARG A 464 -7.51 22.72 -1.40
C ARG A 464 -8.54 21.78 -2.00
N ILE A 465 -9.77 22.28 -2.11
CA ILE A 465 -10.82 21.60 -2.86
C ILE A 465 -11.33 22.58 -3.92
N PRO A 466 -10.88 22.46 -5.15
CA PRO A 466 -11.19 23.49 -6.14
C PRO A 466 -12.65 23.44 -6.55
N ARG A 467 -13.23 24.62 -6.75
CA ARG A 467 -14.66 24.69 -7.05
C ARG A 467 -15.01 23.86 -8.28
N SER A 468 -14.04 23.60 -9.13
CA SER A 468 -14.30 22.73 -10.28
C SER A 468 -14.86 21.38 -9.82
N ALA A 469 -14.13 20.69 -8.95
CA ALA A 469 -14.53 19.33 -8.60
C ALA A 469 -15.83 19.32 -7.80
N LEU A 470 -15.97 20.25 -6.87
CA LEU A 470 -17.22 20.34 -6.13
C LEU A 470 -18.40 20.54 -7.08
N ARG A 471 -18.27 21.51 -7.98
CA ARG A 471 -19.32 21.75 -8.96
C ARG A 471 -19.66 20.49 -9.73
N GLY A 472 -18.64 19.81 -10.26
CA GLY A 472 -18.90 18.63 -11.06
C GLY A 472 -19.64 17.56 -10.28
N ALA A 473 -19.18 17.29 -9.05
CA ALA A 473 -19.81 16.22 -8.29
C ALA A 473 -21.24 16.59 -7.93
N LEU A 474 -21.46 17.84 -7.53
CA LEU A 474 -22.83 18.27 -7.26
C LEU A 474 -23.70 18.04 -8.47
N ARG A 475 -23.18 18.34 -9.66
CA ARG A 475 -23.98 18.13 -10.84
C ARG A 475 -24.30 16.67 -11.04
N ARG A 476 -23.32 15.79 -10.89
CA ARG A 476 -23.59 14.38 -11.15
C ARG A 476 -24.66 13.84 -10.20
N ASP A 477 -24.54 14.17 -8.92
CA ASP A 477 -25.52 13.64 -7.99
C ASP A 477 -26.90 14.23 -8.23
N LEU A 478 -26.97 15.52 -8.57
CA LEU A 478 -28.28 16.09 -8.89
C LEU A 478 -28.88 15.42 -10.12
N ARG A 479 -28.04 15.15 -11.11
CA ARG A 479 -28.53 14.52 -12.33
C ARG A 479 -29.09 13.15 -12.05
N THR A 480 -28.48 12.41 -11.13
CA THR A 480 -29.13 11.18 -10.68
C THR A 480 -30.43 11.47 -9.97
N ALA A 481 -30.47 12.55 -9.18
CA ALA A 481 -31.65 12.83 -8.37
C ALA A 481 -32.89 13.02 -9.24
N PHE A 482 -32.77 13.78 -10.33
CA PHE A 482 -33.93 13.94 -11.20
C PHE A 482 -34.25 12.66 -11.96
N GLY A 483 -33.33 12.20 -12.79
CA GLY A 483 -33.57 10.98 -13.54
C GLY A 483 -33.25 11.13 -15.01
N SER A 484 -33.14 12.37 -15.47
CA SER A 484 -32.85 12.66 -16.86
C SER A 484 -31.52 13.39 -16.97
N GLY A 485 -30.63 12.85 -17.80
CA GLY A 485 -29.31 13.42 -17.91
C GLY A 485 -28.89 13.89 -19.29
N CYS A 486 -28.74 15.19 -19.45
CA CYS A 486 -28.24 15.77 -20.69
C CYS A 486 -26.72 15.73 -20.63
N ASN A 487 -26.12 14.92 -21.47
CA ASN A 487 -24.66 14.94 -21.60
C ASN A 487 -24.25 16.30 -22.12
N VAL A 488 -23.38 16.99 -21.36
CA VAL A 488 -23.14 18.42 -21.59
C VAL A 488 -22.65 18.65 -23.00
N SER A 489 -23.04 19.78 -23.57
CA SER A 489 -22.69 20.15 -24.94
C SER A 489 -21.73 21.32 -24.89
N LEU A 490 -20.95 21.50 -25.95
CA LEU A 490 -19.98 22.57 -26.00
C LEU A 490 -20.33 23.62 -27.05
N GLY A 491 -20.24 24.88 -26.65
CA GLY A 491 -20.31 25.98 -27.58
C GLY A 491 -21.54 26.05 -28.46
N GLY A 492 -22.67 25.53 -28.01
CA GLY A 492 -23.86 25.60 -28.83
C GLY A 492 -24.37 27.02 -29.01
N GLN A 493 -25.45 27.14 -29.77
CA GLN A 493 -26.09 28.43 -29.97
C GLN A 493 -27.45 28.54 -29.30
N ILE A 494 -27.93 27.47 -28.69
CA ILE A 494 -29.15 27.49 -27.89
C ILE A 494 -28.86 26.77 -26.58
N LEU A 495 -29.87 26.67 -25.72
CA LEU A 495 -29.65 26.23 -24.34
C LEU A 495 -30.52 25.02 -24.02
N CYS A 496 -29.87 23.89 -23.74
CA CYS A 496 -30.60 22.64 -23.51
C CYS A 496 -31.34 22.72 -22.20
N ASN A 497 -32.62 23.14 -22.26
CA ASN A 497 -33.35 23.58 -21.09
C ASN A 497 -34.01 22.45 -20.32
N CYS A 498 -33.50 21.23 -20.43
CA CYS A 498 -33.92 20.19 -19.51
C CYS A 498 -33.73 20.68 -18.08
N LYS A 499 -34.63 20.27 -17.19
CA LYS A 499 -34.67 20.83 -15.85
C LYS A 499 -33.32 20.81 -15.16
N VAL A 500 -32.52 19.77 -15.37
CA VAL A 500 -31.23 19.69 -14.68
C VAL A 500 -30.37 20.89 -15.03
N CYS A 501 -30.35 21.29 -16.30
CA CYS A 501 -29.64 22.50 -16.65
C CYS A 501 -30.29 23.71 -16.00
N ILE A 502 -31.62 23.72 -15.91
CA ILE A 502 -32.30 24.89 -15.38
C ILE A 502 -31.87 25.16 -13.96
N GLU A 503 -31.83 24.11 -13.14
CA GLU A 503 -31.34 24.30 -11.77
C GLU A 503 -29.86 24.59 -11.76
N MET A 504 -29.09 23.84 -12.54
CA MET A 504 -27.64 23.88 -12.44
C MET A 504 -27.05 25.26 -12.72
N ARG A 505 -27.79 26.17 -13.35
CA ARG A 505 -27.24 27.49 -13.62
C ARG A 505 -27.73 28.54 -12.63
N ARG A 506 -28.29 28.12 -11.51
CA ARG A 506 -28.68 29.09 -10.50
C ARG A 506 -27.91 28.96 -9.20
N ILE A 507 -26.85 28.16 -9.15
CA ILE A 507 -26.16 27.93 -7.89
C ILE A 507 -24.72 28.42 -7.97
N THR A 508 -24.16 28.76 -6.81
CA THR A 508 -22.82 29.31 -6.74
C THR A 508 -22.10 28.70 -5.56
N LEU A 509 -20.82 28.36 -5.74
CA LEU A 509 -20.03 27.67 -4.74
C LEU A 509 -18.81 28.52 -4.38
N LYS A 510 -17.90 27.93 -3.60
CA LYS A 510 -16.72 28.65 -3.15
C LYS A 510 -15.65 27.65 -2.77
N ASP A 511 -14.39 28.04 -2.91
CA ASP A 511 -13.28 27.16 -2.58
C ASP A 511 -13.14 26.99 -1.08
N SER A 512 -12.09 26.28 -0.69
CA SER A 512 -11.96 25.81 0.68
C SER A 512 -10.52 25.47 0.97
N VAL A 513 -10.04 25.90 2.13
CA VAL A 513 -8.66 25.67 2.54
C VAL A 513 -8.64 25.32 4.02
N SER A 514 -7.90 24.28 4.36
CA SER A 514 -7.92 23.77 5.73
C SER A 514 -6.96 24.56 6.60
N ASP A 515 -6.69 24.07 7.81
CA ASP A 515 -5.69 24.64 8.68
C ASP A 515 -4.41 23.83 8.75
N PHE A 516 -4.53 22.50 8.73
CA PHE A 516 -3.37 21.64 8.75
C PHE A 516 -2.45 21.97 7.59
N SER A 517 -1.15 21.97 7.82
CA SER A 517 -0.19 22.28 6.76
C SER A 517 1.01 21.35 6.86
N GLU A 518 0.77 20.09 7.07
CA GLU A 518 1.90 19.18 7.15
C GLU A 518 2.07 18.43 5.85
N PRO A 519 3.24 17.85 5.61
CA PRO A 519 3.45 17.07 4.39
C PRO A 519 2.51 15.88 4.35
N PRO A 520 2.22 15.37 3.17
CA PRO A 520 1.27 14.28 3.04
C PRO A 520 1.96 12.95 3.33
N GLU A 521 1.20 11.88 3.13
CA GLU A 521 1.71 10.53 3.33
C GLU A 521 1.86 9.86 1.98
N ILE A 522 2.65 8.80 1.93
CA ILE A 522 2.92 8.08 0.70
C ILE A 522 2.29 6.71 0.78
N ARG A 523 1.91 6.17 -0.38
CA ARG A 523 1.53 4.77 -0.49
C ARG A 523 2.10 4.22 -1.79
N TYR A 524 2.24 2.90 -1.85
CA TYR A 524 2.74 2.24 -3.03
C TYR A 524 1.69 1.29 -3.57
N ARG A 525 1.81 0.95 -4.85
CA ARG A 525 0.90 -0.01 -5.48
C ARG A 525 1.71 -0.80 -6.49
N ILE A 526 1.62 -2.13 -6.44
CA ILE A 526 2.28 -2.94 -7.44
C ILE A 526 1.26 -3.73 -8.23
N ALA A 527 1.69 -4.39 -9.28
CA ALA A 527 0.88 -5.33 -10.02
C ALA A 527 1.38 -6.73 -9.78
N LYS A 528 0.55 -7.72 -10.07
CA LYS A 528 0.94 -9.11 -9.90
C LYS A 528 0.55 -9.90 -11.12
N ASN A 529 1.54 -10.42 -11.82
CA ASN A 529 1.30 -11.28 -12.95
C ASN A 529 0.59 -12.53 -12.48
N PRO A 530 -0.66 -12.75 -12.87
CA PRO A 530 -1.34 -13.98 -12.45
C PRO A 530 -0.72 -15.22 -13.03
N GLY A 531 0.24 -15.05 -13.94
CA GLY A 531 0.93 -16.22 -14.48
C GLY A 531 1.65 -17.00 -13.42
N THR A 532 2.49 -16.33 -12.63
CA THR A 532 3.33 -17.03 -11.65
C THR A 532 3.29 -16.37 -10.29
N ALA A 533 2.28 -15.57 -10.00
CA ALA A 533 2.12 -14.93 -8.69
C ALA A 533 3.42 -14.28 -8.22
N THR A 534 3.91 -13.35 -9.04
CA THR A 534 5.18 -12.70 -8.78
C THR A 534 5.02 -11.23 -9.11
N VAL A 535 5.96 -10.41 -8.65
CA VAL A 535 5.89 -9.00 -8.98
C VAL A 535 6.05 -8.85 -10.49
N GLU A 536 5.01 -8.35 -11.15
CA GLU A 536 5.05 -8.14 -12.58
C GLU A 536 5.96 -6.97 -12.92
N ASP A 537 7.04 -7.24 -13.65
CA ASP A 537 8.11 -6.26 -13.75
C ASP A 537 7.63 -5.02 -14.49
N GLY A 538 8.32 -3.91 -14.25
CA GLY A 538 7.95 -2.66 -14.87
C GLY A 538 6.69 -2.04 -14.32
N SER A 539 6.25 -2.45 -13.13
CA SER A 539 5.03 -1.92 -12.55
C SER A 539 5.26 -1.76 -11.05
N LEU A 540 5.69 -0.57 -10.66
CA LEU A 540 5.78 -0.22 -9.24
C LEU A 540 5.77 1.29 -9.16
N PHE A 541 4.72 1.86 -8.58
CA PHE A 541 4.59 3.29 -8.48
C PHE A 541 3.97 3.64 -7.13
N ASP A 542 3.89 4.93 -6.89
CA ASP A 542 3.52 5.45 -5.58
C ASP A 542 2.68 6.69 -5.73
N ILE A 543 1.70 6.84 -4.85
CA ILE A 543 0.84 8.00 -4.85
C ILE A 543 0.94 8.68 -3.50
N GLU A 544 0.43 9.90 -3.45
CA GLU A 544 0.37 10.67 -2.21
C GLU A 544 -1.06 10.69 -1.72
N VAL A 545 -1.24 10.83 -0.42
CA VAL A 545 -2.57 10.84 0.19
C VAL A 545 -2.55 11.79 1.36
N GLY A 546 -3.69 12.42 1.60
CA GLY A 546 -3.82 13.35 2.69
C GLY A 546 -4.30 12.69 3.96
N PRO A 547 -4.11 13.36 5.09
CA PRO A 547 -4.55 12.80 6.36
C PRO A 547 -6.06 12.67 6.39
N GLU A 548 -6.52 11.67 7.13
CA GLU A 548 -7.93 11.38 7.29
C GLU A 548 -8.44 12.13 8.51
N GLY A 549 -9.47 12.91 8.32
CA GLY A 549 -10.12 13.56 9.45
C GLY A 549 -10.05 15.06 9.39
N LEU A 550 -9.67 15.61 8.25
CA LEU A 550 -9.58 17.05 8.14
C LEU A 550 -10.94 17.66 7.86
N THR A 551 -11.05 18.96 8.09
CA THR A 551 -12.33 19.66 7.98
C THR A 551 -12.17 20.95 7.19
N PHE A 552 -13.07 21.17 6.24
CA PHE A 552 -13.07 22.38 5.44
C PHE A 552 -14.35 23.17 5.65
N PRO A 553 -14.35 24.46 5.30
CA PRO A 553 -15.62 25.20 5.22
C PRO A 553 -16.28 24.97 3.87
N PHE A 554 -17.59 25.19 3.83
CA PHE A 554 -18.37 24.89 2.63
C PHE A 554 -19.54 25.85 2.52
N VAL A 555 -19.73 26.40 1.33
CA VAL A 555 -20.68 27.48 1.12
C VAL A 555 -21.40 27.25 -0.20
N LEU A 556 -22.74 27.36 -0.16
CA LEU A 556 -23.55 27.08 -1.34
C LEU A 556 -24.74 28.01 -1.42
N ARG A 557 -24.83 28.75 -2.52
CA ARG A 557 -25.85 29.77 -2.68
C ARG A 557 -26.92 29.29 -3.65
N TYR A 558 -28.08 29.94 -3.59
CA TYR A 558 -29.16 29.64 -4.51
C TYR A 558 -30.05 30.87 -4.60
N ARG A 559 -30.64 31.08 -5.77
CA ARG A 559 -31.43 32.28 -6.02
C ARG A 559 -32.62 31.90 -6.89
N GLY A 560 -33.83 32.15 -6.43
CA GLY A 560 -34.97 31.79 -7.25
C GLY A 560 -36.32 31.93 -6.59
N HIS A 561 -37.26 31.09 -7.06
CA HIS A 561 -38.66 31.19 -6.66
C HIS A 561 -39.07 30.20 -5.61
N LYS A 562 -38.54 28.97 -5.65
CA LYS A 562 -38.94 27.97 -4.66
C LYS A 562 -37.88 26.90 -4.56
N PHE A 563 -37.43 26.66 -3.33
CA PHE A 563 -36.33 25.74 -3.07
C PHE A 563 -36.66 24.37 -3.62
N PRO A 564 -36.00 23.93 -4.68
CA PRO A 564 -36.36 22.65 -5.29
C PRO A 564 -36.09 21.50 -4.35
N GLU A 565 -37.12 20.67 -4.14
CA GLU A 565 -37.04 19.61 -3.15
C GLU A 565 -35.94 18.61 -3.44
N GLN A 566 -35.44 18.56 -4.68
CA GLN A 566 -34.37 17.61 -4.97
C GLN A 566 -33.01 18.16 -4.55
N LEU A 567 -32.86 19.48 -4.55
CA LEU A 567 -31.68 20.03 -3.89
C LEU A 567 -31.67 19.66 -2.42
N SER A 568 -32.82 19.80 -1.76
CA SER A 568 -32.94 19.31 -0.39
C SER A 568 -32.62 17.83 -0.32
N SER A 569 -33.02 17.08 -1.35
CA SER A 569 -32.71 15.66 -1.36
C SER A 569 -31.21 15.42 -1.33
N VAL A 570 -30.48 16.07 -2.22
CA VAL A 570 -29.04 15.82 -2.29
C VAL A 570 -28.34 16.31 -1.03
N ILE A 571 -28.73 17.46 -0.52
CA ILE A 571 -28.13 17.92 0.73
C ILE A 571 -28.32 16.89 1.83
N ARG A 572 -29.56 16.43 2.01
CA ARG A 572 -29.78 15.41 3.04
C ARG A 572 -28.96 14.16 2.77
N TYR A 573 -28.80 13.79 1.50
CA TYR A 573 -28.04 12.60 1.17
C TYR A 573 -26.58 12.77 1.56
N TRP A 574 -26.06 13.99 1.51
CA TRP A 574 -24.69 14.20 1.97
C TRP A 574 -24.60 14.36 3.47
N GLU A 575 -25.72 14.41 4.17
CA GLU A 575 -25.67 14.67 5.61
C GLU A 575 -25.25 13.43 6.36
N GLU A 576 -24.90 13.62 7.63
CA GLU A 576 -24.53 12.53 8.53
C GLU A 576 -25.25 12.71 9.86
N ASN A 577 -25.84 11.63 10.36
CA ASN A 577 -26.47 11.65 11.67
C ASN A 577 -26.02 10.47 12.49
N ASP A 578 -26.67 10.27 13.65
CA ASP A 578 -26.25 9.25 14.60
C ASP A 578 -26.07 7.88 13.93
N GLY A 579 -27.05 7.48 13.13
CA GLY A 579 -26.97 6.18 12.51
C GLY A 579 -27.04 6.24 11.00
N LYS A 580 -26.44 7.28 10.41
CA LYS A 580 -26.51 7.46 8.97
C LYS A 580 -25.22 8.16 8.53
N ASN A 581 -24.36 7.41 7.85
CA ASN A 581 -23.10 7.95 7.38
C ASN A 581 -23.25 8.53 5.99
N GLY A 582 -22.82 9.77 5.82
CA GLY A 582 -22.94 10.43 4.54
C GLY A 582 -22.18 9.71 3.45
N MET A 583 -22.53 10.03 2.20
CA MET A 583 -21.84 9.42 1.08
C MET A 583 -21.55 10.41 -0.04
N ALA A 584 -21.04 11.59 0.28
CA ALA A 584 -20.56 12.50 -0.75
C ALA A 584 -19.23 11.98 -1.28
N TRP A 585 -19.12 11.85 -2.60
CA TRP A 585 -17.98 11.19 -3.23
C TRP A 585 -17.10 12.14 -4.02
N LEU A 586 -16.73 13.27 -3.43
CA LEU A 586 -15.84 14.21 -4.09
C LEU A 586 -14.56 13.54 -4.56
N GLY A 587 -13.85 14.23 -5.42
CA GLY A 587 -12.49 13.87 -5.76
C GLY A 587 -12.41 12.60 -6.58
N GLY A 588 -11.22 12.40 -7.16
CA GLY A 588 -10.96 11.26 -8.01
C GLY A 588 -10.60 10.02 -7.21
N LEU A 589 -10.08 9.03 -7.92
CA LEU A 589 -9.72 7.73 -7.36
C LEU A 589 -10.77 7.18 -6.43
N ASP A 590 -12.05 7.43 -6.72
CA ASP A 590 -13.09 6.91 -5.85
C ASP A 590 -13.31 5.42 -6.03
N SER A 591 -12.47 4.75 -6.81
CA SER A 591 -12.67 3.33 -7.02
C SER A 591 -12.24 2.54 -5.80
N THR A 592 -11.05 2.83 -5.27
CA THR A 592 -10.53 2.10 -4.13
C THR A 592 -10.78 2.81 -2.82
N GLY A 593 -11.92 3.50 -2.68
CA GLY A 593 -12.33 4.02 -1.41
C GLY A 593 -11.62 5.24 -0.91
N LYS A 594 -11.22 6.15 -1.79
CA LYS A 594 -10.61 7.40 -1.38
C LYS A 594 -11.48 8.57 -1.84
N GLY A 595 -12.04 9.29 -0.88
CA GLY A 595 -12.73 10.52 -1.21
C GLY A 595 -14.07 10.70 -0.55
N ARG A 596 -14.52 9.74 0.25
CA ARG A 596 -15.82 9.86 0.88
C ARG A 596 -15.82 11.01 1.86
N PHE A 597 -16.88 11.81 1.85
CA PHE A 597 -17.00 12.95 2.73
C PHE A 597 -18.36 12.97 3.39
N ALA A 598 -18.54 13.89 4.34
CA ALA A 598 -19.80 14.02 5.04
C ALA A 598 -19.93 15.45 5.53
N LEU A 599 -21.15 15.84 5.87
CA LEU A 599 -21.43 17.20 6.30
C LEU A 599 -21.70 17.26 7.79
N LYS A 600 -21.41 18.43 8.38
CA LYS A 600 -21.71 18.64 9.78
C LYS A 600 -22.06 20.11 10.01
N ASP A 601 -23.04 20.32 10.88
CA ASP A 601 -23.44 21.65 11.35
C ASP A 601 -24.04 22.49 10.23
N ILE A 602 -25.01 21.93 9.55
CA ILE A 602 -25.69 22.65 8.48
C ILE A 602 -26.64 23.67 9.09
N LYS A 603 -26.55 24.92 8.65
CA LYS A 603 -27.42 25.97 9.15
C LYS A 603 -27.84 26.86 8.00
N ILE A 604 -29.01 26.60 7.44
CA ILE A 604 -29.48 27.23 6.21
C ILE A 604 -30.08 28.58 6.55
N PHE A 605 -29.72 29.61 5.79
CA PHE A 605 -30.26 30.95 5.98
C PHE A 605 -31.02 31.36 4.73
N GLU A 606 -31.88 32.36 4.84
CA GLU A 606 -32.54 32.90 3.66
C GLU A 606 -32.84 34.38 3.83
N TRP A 607 -32.87 35.08 2.69
CA TRP A 607 -33.12 36.50 2.63
C TRP A 607 -34.58 36.76 2.33
N ASP A 608 -34.90 38.03 2.10
CA ASP A 608 -36.16 38.45 1.51
C ASP A 608 -35.83 39.50 0.46
N LEU A 609 -35.57 39.05 -0.76
CA LEU A 609 -35.11 39.91 -1.83
C LEU A 609 -36.12 40.95 -2.25
N ASN A 610 -37.41 40.64 -2.16
CA ASN A 610 -38.40 41.43 -2.88
C ASN A 610 -38.61 42.80 -2.25
N GLN A 611 -38.53 42.90 -0.93
CA GLN A 611 -38.78 44.17 -0.25
C GLN A 611 -37.69 44.55 0.74
N LYS A 612 -36.48 44.02 0.59
CA LYS A 612 -35.37 44.35 1.48
C LYS A 612 -34.09 44.53 0.67
N ILE A 613 -34.21 45.08 -0.54
CA ILE A 613 -33.08 45.09 -1.45
C ILE A 613 -31.95 45.97 -0.90
N ASN A 614 -32.31 47.03 -0.18
CA ASN A 614 -31.26 47.86 0.40
C ASN A 614 -30.55 47.13 1.51
N GLU A 615 -31.23 46.21 2.18
CA GLU A 615 -30.58 45.41 3.21
C GLU A 615 -29.65 44.37 2.62
N TYR A 616 -29.96 43.90 1.41
CA TYR A 616 -29.04 43.00 0.71
C TYR A 616 -27.82 43.77 0.22
N ILE A 617 -28.02 44.97 -0.34
CA ILE A 617 -26.89 45.72 -0.83
C ILE A 617 -25.99 46.17 0.31
N LYS A 618 -26.57 46.71 1.38
CA LYS A 618 -25.76 47.27 2.45
C LYS A 618 -24.81 46.24 3.04
N GLU A 619 -25.20 44.98 3.05
CA GLU A 619 -24.31 43.92 3.48
C GLU A 619 -23.51 43.33 2.34
N ARG A 620 -23.45 44.03 1.21
CA ARG A 620 -22.72 43.57 0.03
C ARG A 620 -22.96 42.09 -0.23
N GLY A 621 -24.21 41.66 -0.10
CA GLY A 621 -24.54 40.28 -0.35
C GLY A 621 -23.98 39.31 0.66
N MET A 622 -23.39 39.80 1.75
CA MET A 622 -22.74 38.94 2.73
C MET A 622 -21.83 37.94 2.02
N ARG A 623 -20.83 38.50 1.36
CA ARG A 623 -19.81 37.72 0.66
C ARG A 623 -18.46 38.22 1.12
N GLY A 624 -17.63 37.32 1.62
CA GLY A 624 -16.37 37.68 2.21
C GLY A 624 -16.31 37.52 3.71
N LYS A 625 -17.39 37.08 4.34
CA LYS A 625 -17.40 36.82 5.77
C LYS A 625 -18.16 35.53 6.06
N GLU A 626 -18.23 34.65 5.08
CA GLU A 626 -19.00 33.42 5.16
C GLU A 626 -18.58 32.54 6.32
N LYS A 627 -17.50 32.87 7.02
CA LYS A 627 -17.14 32.12 8.22
C LYS A 627 -17.97 32.56 9.42
N GLU A 628 -18.25 33.85 9.53
CA GLU A 628 -18.96 34.35 10.71
C GLU A 628 -20.31 33.68 10.87
N LEU A 629 -21.02 33.44 9.77
CA LEU A 629 -22.38 32.92 9.87
C LEU A 629 -22.44 31.60 10.62
N LEU A 630 -21.45 30.73 10.43
CA LEU A 630 -21.54 29.39 10.99
C LEU A 630 -21.60 29.41 12.51
N GLU A 631 -20.94 30.37 13.15
CA GLU A 631 -20.77 30.33 14.59
C GLU A 631 -21.51 31.44 15.33
N MET A 632 -22.01 32.46 14.62
CA MET A 632 -22.63 33.56 15.34
C MET A 632 -23.94 33.12 15.99
N GLY A 633 -24.34 33.88 17.00
CA GLY A 633 -25.62 33.64 17.64
C GLY A 633 -26.76 34.10 16.76
N GLU A 634 -27.90 33.43 16.93
CA GLU A 634 -29.09 33.75 16.15
C GLU A 634 -29.53 35.19 16.32
N SER A 635 -29.20 35.82 17.44
CA SER A 635 -29.68 37.18 17.70
C SER A 635 -28.88 38.24 16.96
N SER A 636 -27.57 38.07 16.81
CA SER A 636 -26.73 39.09 16.21
C SER A 636 -26.70 39.01 14.69
N LEU A 637 -27.69 38.35 14.10
CA LEU A 637 -27.75 38.27 12.64
C LEU A 637 -27.98 39.66 12.06
N PRO A 638 -27.55 39.89 10.81
CA PRO A 638 -27.84 41.19 10.19
C PRO A 638 -29.30 41.24 9.75
N ASP A 639 -29.90 42.41 9.90
CA ASP A 639 -31.30 42.60 9.54
C ASP A 639 -31.54 42.19 8.09
N GLY A 640 -32.62 41.44 7.87
CA GLY A 640 -32.94 40.95 6.56
C GLY A 640 -32.50 39.52 6.29
N LEU A 641 -32.11 38.79 7.32
CA LEU A 641 -31.65 37.42 7.18
C LEU A 641 -32.36 36.58 8.22
N ILE A 642 -32.87 35.42 7.82
CA ILE A 642 -33.73 34.65 8.72
C ILE A 642 -33.48 33.16 8.55
N PRO A 643 -33.46 32.39 9.63
CA PRO A 643 -33.30 30.94 9.51
C PRO A 643 -34.42 30.32 8.72
N TYR A 644 -34.10 29.24 8.02
CA TYR A 644 -35.05 28.59 7.13
C TYR A 644 -35.73 27.45 7.86
N LYS A 645 -37.04 27.55 8.03
CA LYS A 645 -37.83 26.43 8.51
C LYS A 645 -38.19 25.55 7.31
N PHE A 646 -39.12 24.61 7.52
CA PHE A 646 -39.70 23.81 6.45
C PHE A 646 -38.62 22.99 5.73
N PHE A 647 -37.50 22.78 6.39
CA PHE A 647 -36.44 21.93 5.85
C PHE A 647 -36.89 20.49 6.02
N GLU A 648 -37.52 19.95 4.98
CA GLU A 648 -37.96 18.56 5.04
C GLU A 648 -36.76 17.65 5.27
N GLU A 649 -36.90 16.73 6.23
CA GLU A 649 -35.75 16.00 6.76
C GLU A 649 -35.91 14.50 6.51
N ARG A 650 -35.41 14.05 5.36
CA ARG A 650 -35.17 12.64 5.10
C ARG A 650 -36.44 11.79 5.08
N GLU A 651 -37.61 12.39 5.31
CA GLU A 651 -38.83 11.62 5.44
C GLU A 651 -39.81 11.86 4.32
N CYS A 652 -40.20 13.12 4.06
CA CYS A 652 -41.17 13.38 3.00
C CYS A 652 -40.51 13.44 1.63
N LEU A 653 -39.20 13.67 1.58
CA LEU A 653 -38.52 13.89 0.32
C LEU A 653 -38.67 12.66 -0.55
N PHE A 654 -39.43 12.76 -1.64
CA PHE A 654 -39.71 11.55 -2.41
C PHE A 654 -38.52 11.05 -3.21
N PRO A 655 -37.78 11.90 -3.94
CA PRO A 655 -36.65 11.38 -4.72
C PRO A 655 -35.63 10.65 -3.88
N TYR A 656 -35.30 11.18 -2.70
CA TYR A 656 -34.30 10.55 -1.85
C TYR A 656 -34.72 9.15 -1.46
N LYS A 657 -35.95 8.99 -0.98
CA LYS A 657 -36.42 7.67 -0.62
C LYS A 657 -36.60 6.80 -1.85
N GLU A 658 -36.66 7.41 -3.03
CA GLU A 658 -36.96 6.67 -4.25
C GLU A 658 -35.73 6.43 -5.11
N ASN A 659 -34.97 7.48 -5.44
CA ASN A 659 -33.91 7.34 -6.42
C ASN A 659 -32.51 7.39 -5.83
N LEU A 660 -32.28 8.17 -4.78
CA LEU A 660 -30.92 8.24 -4.25
C LEU A 660 -30.58 7.09 -3.33
N LYS A 661 -31.27 6.97 -2.20
CA LYS A 661 -30.86 6.02 -1.16
C LYS A 661 -30.50 4.64 -1.68
N PRO A 662 -31.24 4.03 -2.58
CA PRO A 662 -30.84 2.71 -3.05
C PRO A 662 -29.71 2.74 -4.05
N GLN A 663 -29.01 3.87 -4.18
CA GLN A 663 -27.88 3.91 -5.10
C GLN A 663 -26.79 2.95 -4.64
N TRP A 664 -26.27 3.14 -3.43
CA TRP A 664 -25.19 2.33 -2.91
C TRP A 664 -25.68 1.51 -1.73
N SER A 665 -25.30 0.25 -1.71
CA SER A 665 -25.62 -0.65 -0.60
C SER A 665 -24.32 -1.18 -0.02
N GLU A 666 -24.23 -1.21 1.31
CA GLU A 666 -22.97 -1.51 1.96
C GLU A 666 -22.94 -2.92 2.50
N VAL A 667 -21.74 -3.47 2.61
CA VAL A 667 -21.49 -4.71 3.31
C VAL A 667 -20.39 -4.44 4.31
N GLN A 668 -20.54 -4.96 5.51
CA GLN A 668 -19.63 -4.65 6.62
C GLN A 668 -19.35 -5.91 7.41
N TYR A 669 -18.08 -6.18 7.70
CA TYR A 669 -17.77 -7.43 8.38
C TYR A 669 -16.40 -7.37 9.00
N THR A 670 -16.13 -8.36 9.86
CA THR A 670 -14.91 -8.43 10.66
C THR A 670 -14.22 -9.76 10.40
N ILE A 671 -12.99 -9.69 9.92
CA ILE A 671 -12.16 -10.87 9.78
C ILE A 671 -11.42 -11.13 11.08
N GLU A 672 -11.11 -12.39 11.34
CA GLU A 672 -10.51 -12.85 12.59
C GLU A 672 -9.22 -13.59 12.25
N VAL A 673 -8.09 -13.01 12.63
CA VAL A 673 -6.80 -13.55 12.25
C VAL A 673 -6.22 -14.38 13.39
N GLY A 674 -5.62 -15.51 13.06
CA GLY A 674 -5.09 -16.42 14.06
C GLY A 674 -3.63 -16.75 13.92
N SER A 675 -2.81 -15.76 13.59
CA SER A 675 -1.38 -15.96 13.39
C SER A 675 -0.72 -14.59 13.29
N PRO A 676 0.60 -14.53 13.29
CA PRO A 676 1.25 -13.24 13.08
C PRO A 676 0.88 -12.68 11.72
N LEU A 677 0.64 -11.37 11.69
CA LEU A 677 0.21 -10.67 10.50
C LEU A 677 1.20 -9.58 10.18
N LEU A 678 1.56 -9.46 8.90
CA LEU A 678 2.58 -8.51 8.48
C LEU A 678 2.30 -8.03 7.07
N THR A 679 2.20 -6.72 6.90
CA THR A 679 2.14 -6.09 5.58
C THR A 679 3.41 -5.27 5.43
N ALA A 680 4.36 -5.78 4.66
CA ALA A 680 5.70 -5.21 4.64
C ALA A 680 5.68 -3.79 4.11
N ASP A 681 6.31 -2.88 4.86
CA ASP A 681 6.53 -1.52 4.43
C ASP A 681 8.00 -1.20 4.70
N THR A 682 8.86 -1.56 3.75
CA THR A 682 10.28 -1.60 4.05
C THR A 682 10.88 -0.20 4.21
N ILE A 683 10.26 0.82 3.62
CA ILE A 683 10.88 2.13 3.61
C ILE A 683 10.89 2.74 5.00
N SER A 684 9.75 2.67 5.70
CA SER A 684 9.68 3.28 7.02
C SER A 684 10.70 2.68 7.98
N ALA A 685 11.01 1.39 7.80
CA ALA A 685 11.97 0.72 8.68
C ALA A 685 13.30 1.43 8.75
N LEU A 686 13.69 2.13 7.69
CA LEU A 686 15.00 2.76 7.68
C LEU A 686 15.04 4.05 8.48
N THR A 687 13.94 4.48 9.08
CA THR A 687 13.97 5.70 9.88
C THR A 687 13.32 5.50 11.24
N GLU A 688 13.66 4.42 11.92
CA GLU A 688 13.05 4.12 13.21
C GLU A 688 14.09 3.48 14.13
N PRO A 689 14.02 3.78 15.44
CA PRO A 689 15.02 3.22 16.37
C PRO A 689 14.96 1.72 16.52
N GLY A 690 14.13 1.01 15.76
CA GLY A 690 14.01 -0.42 15.95
C GLY A 690 15.18 -1.22 15.41
N ASN A 691 15.86 -0.68 14.39
CA ASN A 691 16.91 -1.40 13.68
C ASN A 691 16.39 -2.69 13.05
N ARG A 692 15.24 -2.63 12.40
CA ARG A 692 14.60 -3.81 11.86
C ARG A 692 14.53 -3.72 10.35
N ASP A 693 13.87 -4.70 9.73
CA ASP A 693 13.80 -4.78 8.29
C ASP A 693 12.38 -4.65 7.74
N ALA A 694 11.39 -5.13 8.47
CA ALA A 694 10.00 -5.01 8.06
C ALA A 694 9.16 -4.61 9.25
N ILE A 695 8.21 -3.72 9.02
CA ILE A 695 7.31 -3.28 10.07
C ILE A 695 5.90 -3.32 9.54
N ALA A 696 4.93 -3.41 10.44
CA ALA A 696 3.54 -3.30 10.05
C ALA A 696 3.28 -1.92 9.45
N TYR A 697 2.36 -1.89 8.49
CA TYR A 697 1.94 -0.62 7.92
C TYR A 697 1.33 0.26 9.00
N LYS A 698 1.44 1.58 8.83
CA LYS A 698 0.89 2.51 9.80
C LYS A 698 0.10 3.60 9.08
N LYS A 699 -1.13 3.82 9.52
CA LYS A 699 -1.89 5.00 9.12
C LYS A 699 -1.80 6.04 10.23
N ARG A 700 -1.92 7.29 9.84
CA ARG A 700 -2.05 8.39 10.80
C ARG A 700 -3.31 9.16 10.47
N VAL A 701 -3.93 9.76 11.49
CA VAL A 701 -5.22 10.39 11.34
C VAL A 701 -5.20 11.73 12.05
N TYR A 702 -5.95 12.69 11.52
CA TYR A 702 -6.24 13.90 12.26
C TYR A 702 -7.27 13.58 13.34
N ASN A 703 -7.52 14.56 14.21
CA ASN A 703 -8.54 14.44 15.24
C ASN A 703 -9.12 15.82 15.47
N ASP A 704 -10.40 15.99 15.14
CA ASP A 704 -11.00 17.30 15.29
C ASP A 704 -11.07 17.75 16.74
N GLY A 705 -10.79 16.85 17.69
CA GLY A 705 -10.86 17.25 19.09
C GLY A 705 -9.74 18.18 19.50
N ASN A 706 -8.50 17.82 19.17
CA ASN A 706 -7.34 18.54 19.65
C ASN A 706 -6.62 19.33 18.58
N ASN A 707 -7.09 19.30 17.34
CA ASN A 707 -6.52 20.08 16.25
C ASN A 707 -5.06 19.71 15.97
N ALA A 708 -4.71 18.44 16.17
CA ALA A 708 -3.35 17.99 15.91
C ALA A 708 -3.38 16.50 15.62
N ILE A 709 -2.31 16.01 14.99
CA ILE A 709 -2.21 14.60 14.69
C ILE A 709 -2.30 13.80 15.97
N GLU A 710 -3.04 12.70 15.91
CA GLU A 710 -3.19 11.85 17.08
C GLU A 710 -1.82 11.33 17.51
N PRO A 711 -1.52 11.35 18.81
CA PRO A 711 -0.15 10.97 19.25
C PRO A 711 0.19 9.52 18.95
N GLU A 712 -0.79 8.66 18.79
CA GLU A 712 -0.43 7.26 18.59
C GLU A 712 -1.01 6.74 17.27
N PRO A 713 -0.20 6.18 16.39
CA PRO A 713 -0.69 5.74 15.10
C PRO A 713 -1.66 4.58 15.21
N ARG A 714 -2.13 4.10 14.06
CA ARG A 714 -3.05 2.97 14.00
C ARG A 714 -2.60 2.00 12.92
N PHE A 715 -2.43 0.74 13.30
CA PHE A 715 -2.09 -0.30 12.35
C PHE A 715 -3.31 -0.64 11.51
N ALA A 716 -3.07 -1.26 10.37
CA ALA A 716 -4.16 -1.58 9.46
C ALA A 716 -3.65 -2.49 8.36
N VAL A 717 -4.50 -2.72 7.37
CA VAL A 717 -4.13 -3.33 6.11
C VAL A 717 -4.74 -2.49 5.00
N LYS A 718 -3.93 -2.14 4.02
CA LYS A 718 -4.35 -1.16 3.02
C LYS A 718 -5.51 -1.69 2.18
N SER A 719 -6.38 -0.78 1.76
CA SER A 719 -7.55 -1.17 0.98
C SER A 719 -7.16 -1.89 -0.29
N GLU A 720 -6.25 -1.31 -1.07
CA GLU A 720 -5.88 -1.91 -2.34
C GLU A 720 -5.57 -3.40 -2.20
N THR A 721 -5.09 -3.83 -1.04
CA THR A 721 -4.91 -5.27 -0.83
C THR A 721 -6.25 -5.98 -0.79
N HIS A 722 -7.22 -5.39 -0.08
CA HIS A 722 -8.58 -5.90 -0.09
C HIS A 722 -9.04 -6.11 -1.52
N ARG A 723 -8.89 -5.07 -2.34
CA ARG A 723 -9.38 -5.12 -3.71
C ARG A 723 -8.68 -6.20 -4.50
N GLY A 724 -7.35 -6.22 -4.43
CA GLY A 724 -6.63 -7.25 -5.15
C GLY A 724 -7.07 -8.64 -4.76
N ILE A 725 -7.34 -8.86 -3.47
CA ILE A 725 -7.72 -10.18 -3.04
C ILE A 725 -9.04 -10.59 -3.70
N PHE A 726 -10.07 -9.77 -3.55
CA PHE A 726 -11.34 -10.15 -4.18
C PHE A 726 -11.18 -10.32 -5.68
N ARG A 727 -10.41 -9.45 -6.32
CA ARG A 727 -10.27 -9.52 -7.77
C ARG A 727 -9.67 -10.84 -8.18
N THR A 728 -8.52 -11.19 -7.60
CA THR A 728 -7.88 -12.44 -7.97
C THR A 728 -8.80 -13.61 -7.65
N ALA A 729 -9.55 -13.52 -6.55
CA ALA A 729 -10.42 -14.63 -6.18
C ALA A 729 -11.46 -14.88 -7.25
N VAL A 730 -12.27 -13.87 -7.57
CA VAL A 730 -13.30 -14.05 -8.58
C VAL A 730 -12.69 -14.47 -9.90
N GLY A 731 -11.59 -13.83 -10.29
CA GLY A 731 -10.98 -14.17 -11.57
C GLY A 731 -10.57 -15.62 -11.64
N ARG A 732 -9.75 -16.06 -10.68
CA ARG A 732 -9.29 -17.44 -10.69
C ARG A 732 -10.47 -18.39 -10.66
N ARG A 733 -11.56 -18.02 -9.99
CA ARG A 733 -12.70 -18.92 -9.98
C ARG A 733 -13.31 -19.06 -11.37
N THR A 734 -13.67 -17.95 -11.99
CA THR A 734 -14.36 -18.03 -13.27
C THR A 734 -13.45 -18.40 -14.42
N GLY A 735 -12.15 -18.52 -14.20
CA GLY A 735 -11.25 -18.86 -15.29
C GLY A 735 -11.17 -17.80 -16.36
N ASP A 736 -11.14 -16.53 -15.97
CA ASP A 736 -11.13 -15.42 -16.92
C ASP A 736 -9.90 -14.54 -16.78
N LEU A 737 -9.03 -14.81 -15.81
CA LEU A 737 -7.92 -13.91 -15.56
C LEU A 737 -6.76 -14.13 -16.52
N GLY A 738 -6.74 -15.24 -17.24
CA GLY A 738 -5.57 -15.58 -18.02
C GLY A 738 -5.58 -15.10 -19.46
N LYS A 739 -6.74 -14.79 -20.01
CA LYS A 739 -6.80 -14.44 -21.41
C LYS A 739 -6.21 -13.05 -21.64
N GLU A 740 -5.60 -12.88 -22.82
CA GLU A 740 -4.91 -11.63 -23.15
C GLU A 740 -5.83 -10.64 -23.84
N ASP A 741 -6.91 -11.11 -24.45
CA ASP A 741 -7.89 -10.19 -25.04
C ASP A 741 -8.75 -9.59 -23.93
N HIS A 742 -8.11 -8.87 -23.02
CA HIS A 742 -8.79 -8.36 -21.84
C HIS A 742 -9.24 -6.91 -21.98
N GLU A 743 -8.63 -6.15 -22.90
CA GLU A 743 -9.14 -4.81 -23.19
C GLU A 743 -10.60 -4.86 -23.63
N ASP A 744 -11.04 -6.00 -24.15
CA ASP A 744 -12.44 -6.23 -24.49
C ASP A 744 -12.92 -7.58 -23.96
N CYS A 745 -12.35 -8.03 -22.85
CA CYS A 745 -12.78 -9.29 -22.27
C CYS A 745 -14.25 -9.21 -21.86
N THR A 746 -15.07 -10.01 -22.53
CA THR A 746 -16.51 -9.94 -22.35
C THR A 746 -17.00 -10.86 -21.26
N CYS A 747 -16.10 -11.42 -20.45
CA CYS A 747 -16.49 -12.25 -19.34
C CYS A 747 -16.96 -11.35 -18.20
N ASP A 748 -17.36 -11.97 -17.09
CA ASP A 748 -18.06 -11.22 -16.05
C ASP A 748 -17.13 -10.33 -15.24
N MET A 749 -15.86 -10.71 -15.10
CA MET A 749 -14.94 -9.93 -14.29
C MET A 749 -14.84 -8.50 -14.82
N CYS A 750 -14.73 -8.34 -16.13
CA CYS A 750 -14.64 -7.01 -16.71
C CYS A 750 -15.91 -6.22 -16.46
N ILE A 751 -17.05 -6.90 -16.36
CA ILE A 751 -18.29 -6.19 -16.07
C ILE A 751 -18.30 -5.73 -14.61
N ILE A 752 -17.85 -6.59 -13.70
CA ILE A 752 -17.93 -6.24 -12.29
C ILE A 752 -16.89 -5.19 -11.93
N PHE A 753 -15.62 -5.54 -12.05
CA PHE A 753 -14.55 -4.68 -11.57
C PHE A 753 -14.20 -3.56 -12.53
N GLY A 754 -14.45 -3.75 -13.82
CA GLY A 754 -14.34 -2.65 -14.75
C GLY A 754 -12.95 -2.45 -15.34
N ASN A 755 -12.82 -2.67 -16.64
CA ASN A 755 -11.58 -2.38 -17.34
C ASN A 755 -11.56 -0.89 -17.66
N GLU A 756 -10.61 -0.47 -18.50
CA GLU A 756 -10.44 0.95 -18.76
C GLU A 756 -11.63 1.57 -19.47
N HIS A 757 -12.47 0.76 -20.11
CA HIS A 757 -13.57 1.33 -20.86
C HIS A 757 -14.64 1.92 -19.96
N GLU A 758 -15.10 1.16 -18.97
CA GLU A 758 -16.17 1.61 -18.08
C GLU A 758 -15.60 1.81 -16.68
N SER A 759 -16.43 2.37 -15.81
CA SER A 759 -16.06 2.52 -14.41
C SER A 759 -16.14 1.18 -13.70
N SER A 760 -15.91 1.22 -12.39
CA SER A 760 -16.06 0.01 -11.61
C SER A 760 -17.31 0.08 -10.76
N LYS A 761 -17.75 -1.08 -10.28
CA LYS A 761 -19.01 -1.17 -9.56
C LYS A 761 -18.83 -1.66 -8.13
N ILE A 762 -17.61 -1.70 -7.61
CA ILE A 762 -17.35 -2.08 -6.24
C ILE A 762 -16.37 -1.07 -5.67
N ARG A 763 -16.56 -0.69 -4.41
CA ARG A 763 -15.69 0.28 -3.79
C ARG A 763 -15.28 -0.19 -2.39
N PHE A 764 -13.99 -0.36 -2.18
CA PHE A 764 -13.49 -0.92 -0.94
C PHE A 764 -13.11 0.17 0.05
N GLU A 765 -12.55 -0.25 1.17
CA GLU A 765 -12.07 0.67 2.19
C GLU A 765 -10.95 0.00 2.96
N ASP A 766 -10.50 0.68 4.00
CA ASP A 766 -9.36 0.18 4.74
C ASP A 766 -9.79 -0.74 5.87
N LEU A 767 -9.01 -1.80 6.07
CA LEU A 767 -9.23 -2.74 7.15
C LEU A 767 -8.58 -2.20 8.41
N GLU A 768 -9.39 -1.82 9.38
CA GLU A 768 -8.89 -1.20 10.60
C GLU A 768 -8.83 -2.26 11.69
N LEU A 769 -8.05 -1.96 12.73
CA LEU A 769 -7.82 -2.88 13.83
C LEU A 769 -8.36 -2.29 15.12
N ILE A 770 -9.31 -2.98 15.74
CA ILE A 770 -9.98 -2.47 16.94
C ILE A 770 -9.62 -3.22 18.20
N ASN A 771 -9.32 -4.52 18.10
CA ASN A 771 -9.03 -5.33 19.26
C ASN A 771 -7.54 -5.25 19.56
N GLY A 772 -7.09 -4.02 19.79
CA GLY A 772 -5.67 -3.77 19.88
C GLY A 772 -5.16 -3.59 21.29
N ASN A 773 -5.91 -2.88 22.12
CA ASN A 773 -5.41 -2.55 23.44
C ASN A 773 -5.30 -3.79 24.32
N GLU A 774 -6.14 -4.79 24.09
CA GLU A 774 -6.13 -5.98 24.95
C GLU A 774 -4.78 -6.67 24.95
N PHE A 775 -4.03 -6.57 23.87
CA PHE A 775 -2.70 -7.13 23.83
C PHE A 775 -1.73 -6.23 24.59
N GLU A 776 -0.78 -6.85 25.30
CA GLU A 776 0.19 -6.06 26.04
C GLU A 776 1.42 -5.74 25.19
N LYS A 777 1.72 -6.56 24.19
CA LYS A 777 2.89 -6.36 23.33
C LYS A 777 2.52 -6.74 21.91
N LEU A 778 2.17 -5.74 21.10
CA LEU A 778 1.54 -6.01 19.82
C LEU A 778 2.51 -6.65 18.84
N GLU A 779 3.77 -6.26 18.87
CA GLU A 779 4.74 -6.61 17.85
C GLU A 779 5.85 -7.45 18.44
N LYS A 780 6.10 -8.62 17.85
CA LYS A 780 7.02 -9.58 18.43
C LYS A 780 8.16 -9.89 17.47
N HIS A 781 9.38 -9.75 17.96
CA HIS A 781 10.57 -10.00 17.15
C HIS A 781 10.62 -11.46 16.72
N ILE A 782 11.10 -11.70 15.50
CA ILE A 782 11.33 -13.05 15.00
C ILE A 782 12.54 -13.01 14.09
N ASP A 783 13.34 -14.07 14.11
CA ASP A 783 14.51 -14.15 13.26
C ASP A 783 14.42 -15.35 12.32
N HIS A 784 15.09 -15.25 11.18
CA HIS A 784 15.13 -16.32 10.20
C HIS A 784 16.51 -16.35 9.56
N VAL A 785 16.89 -17.53 9.08
CA VAL A 785 18.24 -17.76 8.58
C VAL A 785 18.23 -18.99 7.67
N ALA A 786 19.05 -18.93 6.63
CA ALA A 786 19.23 -20.04 5.72
C ALA A 786 20.28 -21.00 6.27
N ILE A 787 20.40 -22.14 5.61
CA ILE A 787 21.42 -23.13 5.95
C ILE A 787 21.99 -23.71 4.66
N ASP A 788 23.31 -23.79 4.61
CA ASP A 788 24.00 -24.43 3.51
C ASP A 788 23.69 -25.91 3.51
N ARG A 789 23.04 -26.38 2.44
CA ARG A 789 22.67 -27.78 2.37
C ARG A 789 23.88 -28.70 2.37
N PHE A 790 25.09 -28.16 2.19
CA PHE A 790 26.30 -28.97 2.20
C PHE A 790 26.98 -28.99 3.56
N THR A 791 26.93 -27.88 4.29
CA THR A 791 27.39 -27.83 5.67
C THR A 791 26.31 -27.17 6.50
N GLY A 792 25.78 -27.89 7.48
CA GLY A 792 24.59 -27.40 8.16
C GLY A 792 24.85 -26.20 9.03
N GLY A 793 25.43 -25.15 8.44
CA GLY A 793 25.69 -23.92 9.14
C GLY A 793 25.09 -22.74 8.40
N ALA A 794 25.14 -21.59 9.04
CA ALA A 794 24.54 -20.41 8.46
C ALA A 794 25.40 -19.88 7.32
N LEU A 795 24.78 -19.69 6.16
CA LEU A 795 25.47 -19.10 5.03
C LEU A 795 25.79 -17.63 5.32
N ASP A 796 26.69 -17.06 4.52
CA ASP A 796 27.09 -15.68 4.74
C ASP A 796 26.03 -14.71 4.24
N LYS A 797 25.84 -13.64 4.99
CA LYS A 797 24.93 -12.56 4.62
C LYS A 797 23.49 -13.04 4.50
N ALA A 798 23.10 -14.03 5.30
CA ALA A 798 21.79 -14.66 5.17
C ALA A 798 21.14 -14.85 6.52
N LYS A 799 21.13 -13.83 7.35
CA LYS A 799 20.45 -13.87 8.64
C LYS A 799 19.64 -12.61 8.83
N PHE A 800 18.33 -12.71 8.69
CA PHE A 800 17.49 -11.52 8.72
C PHE A 800 16.39 -11.71 9.75
N ASP A 801 15.47 -10.76 9.80
CA ASP A 801 14.50 -10.75 10.88
C ASP A 801 13.28 -9.93 10.49
N THR A 802 12.18 -10.21 11.18
CA THR A 802 10.94 -9.48 10.98
C THR A 802 10.34 -9.13 12.33
N TYR A 803 9.35 -8.26 12.28
CA TYR A 803 8.79 -7.63 13.48
C TYR A 803 7.29 -7.45 13.33
N PRO A 804 6.55 -8.53 13.17
CA PRO A 804 5.14 -8.42 12.86
C PRO A 804 4.24 -8.41 14.10
N LEU A 805 2.96 -8.16 13.86
CA LEU A 805 1.96 -8.16 14.91
C LEU A 805 1.83 -9.55 15.51
N ALA A 806 1.41 -9.59 16.77
CA ALA A 806 1.25 -10.84 17.49
C ALA A 806 -0.14 -11.39 17.28
N GLY A 807 -0.22 -12.65 16.86
CA GLY A 807 -1.52 -13.26 16.66
C GLY A 807 -1.55 -14.72 17.07
N SER A 808 -2.41 -15.05 17.98
CA SER A 808 -2.41 -16.38 18.56
C SER A 808 -3.63 -17.16 18.11
N PRO A 809 -3.59 -18.48 18.26
CA PRO A 809 -4.81 -19.26 18.03
C PRO A 809 -5.84 -19.07 19.13
N LYS A 810 -5.46 -18.50 20.27
CA LYS A 810 -6.39 -18.31 21.38
C LYS A 810 -6.86 -16.87 21.53
N LYS A 811 -5.96 -15.91 21.36
CA LYS A 811 -6.32 -14.49 21.39
C LYS A 811 -6.17 -13.95 19.98
N PRO A 812 -7.13 -14.17 19.11
CA PRO A 812 -6.96 -13.79 17.71
C PRO A 812 -7.14 -12.29 17.50
N LEU A 813 -6.53 -11.81 16.43
CA LEU A 813 -6.71 -10.42 16.04
C LEU A 813 -8.12 -10.20 15.50
N LYS A 814 -8.51 -8.94 15.40
CA LYS A 814 -9.83 -8.58 14.91
C LYS A 814 -9.72 -7.40 13.97
N LEU A 815 -10.12 -7.58 12.72
CA LEU A 815 -10.07 -6.52 11.73
C LEU A 815 -11.48 -6.24 11.23
N LYS A 816 -11.80 -4.96 11.05
CA LYS A 816 -13.12 -4.55 10.61
C LYS A 816 -13.01 -3.82 9.28
N GLY A 817 -13.99 -4.04 8.40
CA GLY A 817 -13.93 -3.42 7.10
C GLY A 817 -15.28 -3.40 6.43
N ARG A 818 -15.37 -2.60 5.37
CA ARG A 818 -16.61 -2.38 4.65
C ARG A 818 -16.31 -2.30 3.17
N PHE A 819 -17.37 -2.45 2.37
CA PHE A 819 -17.25 -2.17 0.94
C PHE A 819 -18.64 -2.00 0.35
N TRP A 820 -18.72 -1.12 -0.65
CA TRP A 820 -19.98 -0.67 -1.22
C TRP A 820 -20.21 -1.27 -2.59
N ILE A 821 -21.50 -1.46 -2.92
CA ILE A 821 -21.96 -1.97 -4.20
C ILE A 821 -22.90 -0.95 -4.82
N LYS A 822 -22.70 -0.67 -6.10
CA LYS A 822 -23.63 0.17 -6.86
C LYS A 822 -24.86 -0.63 -7.24
N LYS A 823 -26.03 0.00 -7.13
CA LYS A 823 -27.27 -0.66 -7.48
C LYS A 823 -27.25 -1.05 -8.95
N GLY A 824 -27.83 -2.20 -9.26
CA GLY A 824 -27.93 -2.69 -10.61
C GLY A 824 -27.37 -4.08 -10.83
N PHE A 825 -26.79 -4.69 -9.80
CA PHE A 825 -26.30 -6.05 -9.96
C PHE A 825 -27.45 -6.98 -10.30
N SER A 826 -27.18 -8.01 -11.07
CA SER A 826 -28.21 -8.88 -11.61
C SER A 826 -28.02 -10.29 -11.08
N GLY A 827 -28.69 -10.59 -9.98
CA GLY A 827 -28.76 -11.98 -9.54
C GLY A 827 -27.40 -12.58 -9.29
N ASP A 828 -27.00 -13.47 -10.20
CA ASP A 828 -25.83 -14.30 -9.98
C ASP A 828 -24.58 -13.48 -9.71
N HIS A 829 -24.56 -12.22 -10.15
CA HIS A 829 -23.43 -11.37 -9.85
C HIS A 829 -23.25 -11.28 -8.34
N LYS A 830 -24.35 -11.17 -7.60
CA LYS A 830 -24.26 -11.24 -6.14
C LYS A 830 -23.72 -12.60 -5.71
N LEU A 831 -24.08 -13.65 -6.45
CA LEU A 831 -23.64 -14.99 -6.10
C LEU A 831 -22.13 -15.11 -6.17
N LEU A 832 -21.51 -14.48 -7.17
CA LEU A 832 -20.06 -14.57 -7.29
C LEU A 832 -19.36 -13.92 -6.10
N ILE A 833 -19.79 -12.71 -5.73
CA ILE A 833 -19.19 -12.04 -4.59
C ILE A 833 -19.36 -12.87 -3.33
N THR A 834 -20.56 -13.41 -3.12
CA THR A 834 -20.77 -14.18 -1.91
C THR A 834 -19.91 -15.43 -1.91
N THR A 835 -19.74 -16.05 -3.07
CA THR A 835 -18.83 -17.19 -3.16
C THR A 835 -17.42 -16.82 -2.77
N ALA A 836 -16.91 -15.72 -3.31
CA ALA A 836 -15.55 -15.31 -2.97
C ALA A 836 -15.41 -15.06 -1.48
N LEU A 837 -16.44 -14.47 -0.88
CA LEU A 837 -16.38 -14.21 0.55
C LEU A 837 -16.32 -15.52 1.33
N SER A 838 -17.18 -16.47 0.97
CA SER A 838 -17.11 -17.78 1.62
C SER A 838 -15.77 -18.43 1.37
N ASP A 839 -15.17 -18.18 0.21
CA ASP A 839 -13.88 -18.78 -0.09
C ASP A 839 -12.81 -18.23 0.83
N ILE A 840 -12.81 -16.93 1.09
CA ILE A 840 -11.88 -16.40 2.08
C ILE A 840 -12.14 -17.04 3.43
N ARG A 841 -13.40 -17.06 3.87
CA ARG A 841 -13.70 -17.64 5.18
C ARG A 841 -13.24 -19.09 5.26
N ASP A 842 -13.11 -19.75 4.11
CA ASP A 842 -12.56 -21.10 4.12
C ASP A 842 -11.07 -21.08 4.46
N GLY A 843 -10.36 -20.07 3.99
CA GLY A 843 -8.95 -19.97 4.33
C GLY A 843 -7.99 -20.32 3.22
N LEU A 844 -8.25 -19.86 2.00
CA LEU A 844 -7.33 -20.14 0.91
C LEU A 844 -6.39 -18.98 0.62
N TYR A 845 -6.79 -17.76 0.92
CA TYR A 845 -5.98 -16.61 0.58
C TYR A 845 -5.49 -15.93 1.83
N PRO A 846 -4.17 -15.79 1.99
CA PRO A 846 -3.63 -15.19 3.22
C PRO A 846 -3.44 -13.69 3.04
N LEU A 847 -3.83 -12.93 4.07
CA LEU A 847 -3.59 -11.50 4.08
C LEU A 847 -2.15 -11.23 4.46
N GLY A 848 -1.45 -10.41 3.68
CA GLY A 848 -0.12 -9.98 4.02
C GLY A 848 0.92 -10.60 3.11
N SER A 849 2.09 -10.84 3.67
CA SER A 849 3.19 -11.43 2.92
C SER A 849 3.62 -12.72 3.57
N LYS A 850 4.53 -13.41 2.91
CA LYS A 850 5.09 -14.65 3.42
C LYS A 850 4.00 -15.62 3.82
N GLY A 851 3.11 -15.93 2.89
CA GLY A 851 2.09 -16.91 3.19
C GLY A 851 2.67 -18.26 3.51
N GLY A 852 3.53 -18.78 2.64
CA GLY A 852 3.88 -20.19 2.69
C GLY A 852 4.42 -20.63 4.04
N VAL A 853 4.96 -19.70 4.81
CA VAL A 853 5.53 -20.06 6.11
C VAL A 853 4.62 -19.68 7.27
N GLY A 854 3.37 -19.35 7.01
CA GLY A 854 2.42 -19.26 8.10
C GLY A 854 1.82 -17.91 8.38
N TYR A 855 2.55 -16.84 8.08
CA TYR A 855 2.08 -15.50 8.42
C TYR A 855 0.71 -15.25 7.81
N GLY A 856 -0.14 -14.57 8.57
CA GLY A 856 -1.37 -14.04 8.03
C GLY A 856 -2.40 -15.04 7.55
N TRP A 857 -2.87 -15.93 8.41
CA TRP A 857 -3.98 -16.78 8.02
C TRP A 857 -5.27 -16.31 8.68
N VAL A 858 -6.39 -16.77 8.14
CA VAL A 858 -7.71 -16.38 8.61
C VAL A 858 -8.39 -17.59 9.23
N ALA A 859 -9.37 -17.32 10.08
CA ALA A 859 -10.03 -18.41 10.79
C ALA A 859 -11.53 -18.27 10.96
N GLY A 860 -12.16 -17.26 10.38
CA GLY A 860 -13.59 -17.13 10.51
C GLY A 860 -14.07 -15.77 10.07
N ILE A 861 -15.39 -15.64 9.97
CA ILE A 861 -16.03 -14.41 9.56
C ILE A 861 -17.34 -14.26 10.32
N SER A 862 -17.66 -13.04 10.74
CA SER A 862 -18.91 -12.74 11.42
C SER A 862 -19.58 -11.60 10.69
N ILE A 863 -20.38 -11.92 9.67
CA ILE A 863 -21.08 -10.88 8.91
C ILE A 863 -22.06 -10.18 9.83
N ASP A 864 -21.95 -8.86 9.92
CA ASP A 864 -22.86 -8.09 10.74
C ASP A 864 -24.27 -8.21 10.19
N ASP A 865 -25.26 -7.92 11.04
CA ASP A 865 -26.64 -8.15 10.67
C ASP A 865 -27.18 -7.05 9.75
N ASN A 866 -26.69 -5.82 9.89
CA ASN A 866 -27.23 -4.69 9.13
C ASN A 866 -26.70 -4.73 7.71
N VAL A 867 -27.16 -5.74 6.98
CA VAL A 867 -26.81 -5.92 5.57
C VAL A 867 -28.05 -6.32 4.79
N PRO A 868 -27.96 -6.37 3.46
CA PRO A 868 -29.04 -6.99 2.70
C PRO A 868 -29.25 -8.43 3.13
N ASP A 869 -30.53 -8.79 3.32
CA ASP A 869 -30.86 -10.15 3.72
C ASP A 869 -30.38 -11.17 2.68
N ASP A 870 -30.37 -10.77 1.41
CA ASP A 870 -29.92 -11.66 0.36
C ASP A 870 -28.53 -12.21 0.66
N PHE A 871 -27.63 -11.34 1.10
CA PHE A 871 -26.27 -11.76 1.40
C PHE A 871 -26.24 -12.72 2.58
N LYS A 872 -26.95 -12.38 3.66
CA LYS A 872 -26.98 -13.27 4.82
C LYS A 872 -27.45 -14.66 4.43
N GLU A 873 -28.52 -14.74 3.65
CA GLU A 873 -29.01 -16.05 3.20
C GLU A 873 -27.96 -16.76 2.36
N MET A 874 -27.48 -16.09 1.32
CA MET A 874 -26.56 -16.75 0.39
C MET A 874 -25.27 -17.17 1.06
N ILE A 875 -24.88 -16.53 2.16
CA ILE A 875 -23.64 -16.94 2.81
C ILE A 875 -23.89 -17.99 3.87
N ASN A 876 -25.00 -17.92 4.59
CA ASN A 876 -25.24 -18.87 5.66
C ASN A 876 -25.68 -20.23 5.11
N LYS A 877 -26.34 -20.24 3.94
CA LYS A 877 -26.74 -21.51 3.36
C LYS A 877 -25.52 -22.38 3.06
N THR A 878 -24.40 -21.75 2.70
CA THR A 878 -23.17 -22.48 2.38
C THR A 878 -22.35 -22.61 3.64
N GLU A 879 -22.75 -23.57 4.49
CA GLU A 879 -22.09 -23.83 5.76
C GLU A 879 -21.99 -22.58 6.63
N GLY A 892 -9.74 -41.16 12.58
CA GLY A 892 -10.49 -42.41 12.46
C GLY A 892 -9.96 -43.24 11.30
N PRO A 893 -8.79 -42.89 10.81
CA PRO A 893 -8.17 -43.55 9.65
C PRO A 893 -6.72 -43.11 9.56
N ILE A 894 -6.09 -43.44 8.43
CA ILE A 894 -4.75 -43.00 8.07
C ILE A 894 -3.73 -43.44 9.13
N ASN A 895 -3.59 -44.76 9.24
CA ASN A 895 -2.59 -45.35 10.09
C ASN A 895 -1.21 -45.14 9.47
N ASN A 896 -0.18 -45.62 10.15
CA ASN A 896 1.18 -45.47 9.65
C ASN A 896 1.37 -46.29 8.37
N ASP A 897 2.52 -46.11 7.75
CA ASP A 897 2.83 -46.83 6.52
C ASP A 897 3.44 -48.19 6.76
N TYR A 898 4.12 -48.40 7.89
CA TYR A 898 4.75 -49.67 8.22
C TYR A 898 5.75 -50.08 7.14
N VAL A 899 6.80 -49.28 7.03
CA VAL A 899 7.81 -49.49 6.00
C VAL A 899 8.84 -50.54 6.39
N HIS A 900 9.18 -50.63 7.68
CA HIS A 900 10.06 -51.68 8.21
C HIS A 900 11.42 -51.67 7.48
N PRO A 901 12.16 -50.58 7.72
CA PRO A 901 13.34 -50.23 6.93
C PRO A 901 14.38 -51.32 6.79
N GLY A 902 14.26 -52.40 7.56
CA GLY A 902 15.10 -53.59 7.47
C GLY A 902 16.56 -53.32 7.74
N HIS A 903 16.94 -52.10 8.13
CA HIS A 903 18.32 -51.80 8.52
C HIS A 903 18.47 -52.07 10.02
N GLN A 904 18.75 -53.33 10.32
CA GLN A 904 18.59 -53.85 11.67
C GLN A 904 19.65 -54.92 11.90
N SER A 905 19.41 -55.80 12.88
CA SER A 905 20.34 -56.84 13.31
C SER A 905 21.57 -56.24 14.00
N PRO A 906 21.33 -55.45 15.04
CA PRO A 906 22.29 -54.96 16.03
C PRO A 906 23.25 -53.92 15.48
N LYS A 907 23.10 -53.47 14.23
CA LYS A 907 24.02 -52.53 13.61
C LYS A 907 25.47 -53.00 13.71
N GLN A 908 25.66 -54.33 13.79
CA GLN A 908 26.94 -54.99 13.97
C GLN A 908 27.67 -54.52 15.23
N ASP A 909 26.94 -54.01 16.23
CA ASP A 909 27.60 -53.38 17.38
C ASP A 909 28.15 -54.43 18.35
N HIS A 910 27.43 -55.53 18.54
CA HIS A 910 27.75 -56.58 19.50
C HIS A 910 27.80 -56.06 20.93
N LYS A 911 27.25 -54.86 21.16
CA LYS A 911 26.99 -54.28 22.47
C LYS A 911 28.26 -53.85 23.20
N ASN A 912 29.43 -54.17 22.65
CA ASN A 912 30.66 -53.94 23.40
C ASN A 912 31.10 -52.48 23.34
N LYS A 913 31.48 -52.00 22.15
CA LYS A 913 32.00 -50.64 22.01
C LYS A 913 32.13 -50.28 20.55
N ASN A 914 31.53 -49.15 20.15
CA ASN A 914 31.66 -48.65 18.79
C ASN A 914 31.38 -47.15 18.84
N ILE A 915 32.44 -46.35 18.83
CA ILE A 915 32.28 -44.90 18.84
C ILE A 915 32.08 -44.44 17.40
N TYR A 916 30.85 -44.07 17.06
CA TYR A 916 30.54 -43.63 15.71
C TYR A 916 30.75 -42.13 15.60
N TYR A 917 30.42 -41.57 14.45
CA TYR A 917 30.57 -40.15 14.20
C TYR A 917 29.23 -39.45 14.33
N PRO A 918 29.22 -38.21 14.80
CA PRO A 918 27.95 -37.50 14.97
C PRO A 918 27.16 -37.34 13.68
N HIS A 919 27.80 -36.81 12.63
CA HIS A 919 27.12 -36.54 11.37
C HIS A 919 27.72 -37.39 10.27
N TYR A 920 27.00 -37.51 9.15
CA TYR A 920 27.45 -38.28 8.02
C TYR A 920 27.12 -37.55 6.73
N PHE A 921 27.73 -38.02 5.64
CA PHE A 921 27.49 -37.46 4.32
C PHE A 921 26.73 -38.43 3.45
N LEU A 922 26.06 -37.88 2.43
CA LEU A 922 25.19 -38.65 1.57
C LEU A 922 25.38 -38.23 0.12
N ASP A 923 25.68 -39.20 -0.74
CA ASP A 923 25.89 -38.97 -2.17
C ASP A 923 24.60 -39.29 -2.91
N SER A 924 24.28 -38.47 -3.91
CA SER A 924 22.99 -38.57 -4.59
C SER A 924 23.16 -38.51 -6.09
N GLY A 925 24.11 -39.25 -6.64
CA GLY A 925 24.27 -39.30 -8.08
C GLY A 925 24.61 -37.92 -8.67
N SER A 926 24.47 -37.82 -9.97
CA SER A 926 24.78 -36.55 -10.61
C SER A 926 23.67 -36.01 -11.50
N LYS A 927 22.98 -36.87 -12.25
CA LYS A 927 22.00 -36.39 -13.20
C LYS A 927 20.76 -35.88 -12.49
N VAL A 928 20.10 -34.90 -13.11
CA VAL A 928 18.90 -34.29 -12.54
C VAL A 928 17.86 -34.18 -13.64
N TYR A 929 16.61 -34.53 -13.31
CA TYR A 929 15.54 -34.42 -14.27
C TYR A 929 14.91 -33.03 -14.21
N ARG A 930 14.55 -32.51 -15.38
CA ARG A 930 14.02 -31.16 -15.47
C ARG A 930 12.82 -31.16 -16.40
N GLU A 931 11.95 -30.18 -16.21
CA GLU A 931 10.76 -30.03 -17.03
C GLU A 931 10.68 -28.60 -17.55
N LYS A 932 10.66 -28.45 -18.88
CA LYS A 932 10.52 -27.14 -19.47
C LYS A 932 9.16 -26.54 -19.14
N ASP A 933 8.13 -27.36 -19.16
CA ASP A 933 6.78 -26.88 -18.85
C ASP A 933 6.63 -26.60 -17.37
N ILE A 934 5.71 -25.70 -17.06
CA ILE A 934 5.41 -25.30 -15.69
C ILE A 934 3.89 -25.28 -15.54
N ILE A 935 3.43 -25.61 -14.33
CA ILE A 935 2.00 -25.50 -14.05
C ILE A 935 1.72 -24.15 -13.43
N THR A 936 0.82 -23.40 -14.06
CA THR A 936 0.55 -22.04 -13.62
C THR A 936 -0.39 -22.03 -12.42
N HIS A 937 -0.66 -20.82 -11.93
CA HIS A 937 -1.62 -20.60 -10.85
C HIS A 937 -2.89 -19.94 -11.37
N GLU A 938 -3.10 -19.97 -12.69
CA GLU A 938 -4.22 -19.25 -13.28
C GLU A 938 -5.54 -19.66 -12.66
N GLU A 939 -5.81 -20.96 -12.60
CA GLU A 939 -7.10 -21.46 -12.17
C GLU A 939 -6.98 -22.88 -11.63
N PHE A 940 -7.97 -23.29 -10.87
CA PHE A 940 -8.01 -24.63 -10.30
C PHE A 940 -8.34 -25.60 -11.42
N THR A 941 -7.31 -26.00 -12.17
CA THR A 941 -7.53 -26.93 -13.27
C THR A 941 -8.21 -28.20 -12.77
N GLU A 942 -9.17 -28.70 -13.55
CA GLU A 942 -10.09 -29.70 -13.02
C GLU A 942 -9.41 -31.04 -12.81
N GLU A 943 -8.41 -31.36 -13.62
CA GLU A 943 -7.77 -32.66 -13.55
C GLU A 943 -6.80 -32.78 -12.39
N LEU A 944 -6.63 -31.73 -11.61
CA LEU A 944 -5.71 -31.71 -10.50
C LEU A 944 -6.50 -31.49 -9.20
N LEU A 945 -5.88 -31.84 -8.08
CA LEU A 945 -6.56 -31.86 -6.80
C LEU A 945 -5.94 -30.85 -5.85
N SER A 946 -6.74 -30.41 -4.87
CA SER A 946 -6.32 -29.38 -3.94
C SER A 946 -7.07 -29.55 -2.62
N GLY A 947 -6.34 -29.44 -1.52
CA GLY A 947 -6.96 -29.59 -0.23
C GLY A 947 -6.02 -29.26 0.91
N LYS A 948 -6.23 -29.94 2.03
CA LYS A 948 -5.44 -29.71 3.23
C LYS A 948 -5.20 -31.02 3.95
N ILE A 949 -4.21 -31.00 4.84
CA ILE A 949 -3.83 -32.15 5.63
C ILE A 949 -3.64 -31.70 7.07
N ASN A 950 -4.18 -32.46 8.01
CA ASN A 950 -3.93 -32.23 9.43
C ASN A 950 -2.95 -33.28 9.93
N CYS A 951 -2.16 -32.93 10.93
CA CYS A 951 -1.15 -33.82 11.47
C CYS A 951 -0.86 -33.46 12.92
N LYS A 952 -0.40 -34.46 13.65
CA LYS A 952 0.07 -34.30 15.01
C LYS A 952 1.53 -34.70 15.08
N LEU A 953 2.31 -33.86 15.75
CA LEU A 953 3.75 -34.02 15.85
C LEU A 953 4.07 -34.54 17.24
N GLU A 954 4.69 -35.70 17.33
CA GLU A 954 4.99 -36.34 18.60
C GLU A 954 6.49 -36.37 18.81
N THR A 955 6.93 -35.98 20.00
CA THR A 955 8.35 -35.84 20.27
C THR A 955 8.92 -37.13 20.85
N LEU A 956 10.21 -37.36 20.62
CA LEU A 956 10.85 -38.60 21.04
C LEU A 956 12.04 -38.39 21.96
N THR A 957 12.59 -37.18 22.03
CA THR A 957 13.78 -36.89 22.78
C THR A 957 13.63 -35.43 23.17
N PRO A 958 14.19 -35.00 24.29
CA PRO A 958 14.13 -33.58 24.65
C PRO A 958 14.35 -32.63 23.49
N LEU A 959 13.56 -31.57 23.45
CA LEU A 959 13.52 -30.64 22.32
C LEU A 959 13.93 -29.26 22.79
N ILE A 960 14.45 -28.45 21.85
CA ILE A 960 14.85 -27.08 22.13
C ILE A 960 14.61 -26.23 20.90
N ILE A 961 13.86 -25.14 21.07
CA ILE A 961 13.73 -24.11 20.05
C ILE A 961 13.80 -22.75 20.74
N PRO A 962 14.91 -22.05 20.62
CA PRO A 962 15.07 -20.82 21.40
C PRO A 962 14.23 -19.69 20.84
N ASP A 963 13.96 -18.70 21.69
CA ASP A 963 13.32 -17.47 21.27
C ASP A 963 14.35 -16.34 21.29
N THR A 964 14.79 -15.92 20.11
CA THR A 964 15.90 -14.99 20.03
C THR A 964 15.51 -13.55 20.35
N SER A 965 14.22 -13.27 20.56
CA SER A 965 13.81 -11.88 20.78
C SER A 965 14.43 -11.33 22.06
N ASP A 966 14.48 -12.14 23.11
CA ASP A 966 15.00 -11.73 24.40
C ASP A 966 16.41 -12.29 24.57
N GLU A 967 17.21 -11.62 25.39
CA GLU A 967 18.57 -12.03 25.67
C GLU A 967 18.81 -12.32 27.14
N ASN A 968 17.91 -11.89 28.03
CA ASN A 968 18.03 -12.13 29.46
C ASN A 968 16.71 -12.61 30.02
N GLY A 969 16.06 -13.53 29.31
CA GLY A 969 14.75 -13.99 29.74
C GLY A 969 14.78 -14.68 31.08
N LEU A 970 15.83 -15.43 31.37
CA LEU A 970 15.93 -16.16 32.62
C LEU A 970 16.62 -15.37 33.72
N LYS A 971 16.87 -14.08 33.50
CA LYS A 971 17.44 -13.21 34.53
C LYS A 971 18.80 -13.72 35.01
N LEU A 972 19.53 -14.39 34.13
CA LEU A 972 20.78 -15.02 34.52
C LEU A 972 21.98 -14.11 34.33
N GLN A 973 21.83 -12.99 33.64
CA GLN A 973 22.97 -12.10 33.44
C GLN A 973 23.25 -11.21 34.63
N GLY A 974 22.40 -11.24 35.65
CA GLY A 974 22.68 -10.48 36.86
C GLY A 974 23.88 -11.00 37.64
N ASN A 975 24.32 -12.22 37.34
CA ASN A 975 25.47 -12.81 38.03
C ASN A 975 26.63 -13.08 37.08
N LYS A 976 26.39 -13.77 35.97
CA LYS A 976 27.44 -14.13 35.02
C LYS A 976 27.25 -13.31 33.76
N PRO A 977 27.93 -12.18 33.63
CA PRO A 977 27.76 -11.34 32.44
C PRO A 977 28.26 -12.06 31.19
N GLY A 978 27.62 -11.73 30.07
CA GLY A 978 27.98 -12.33 28.81
C GLY A 978 27.48 -13.74 28.60
N HIS A 979 26.68 -14.28 29.51
CA HIS A 979 26.13 -15.61 29.38
C HIS A 979 24.69 -15.48 28.87
N LYS A 980 24.46 -15.97 27.66
CA LYS A 980 23.13 -15.90 27.08
C LYS A 980 22.19 -16.84 27.79
N ASN A 981 20.94 -16.42 27.95
CA ASN A 981 19.87 -17.29 28.40
C ASN A 981 18.66 -17.08 27.51
N TYR A 982 17.83 -18.11 27.40
CA TYR A 982 16.67 -18.06 26.51
C TYR A 982 15.46 -18.64 27.23
N LYS A 983 14.34 -18.65 26.52
CA LYS A 983 13.15 -19.39 26.92
C LYS A 983 12.44 -19.87 25.67
N PHE A 984 11.69 -20.96 25.82
CA PHE A 984 11.11 -21.64 24.68
C PHE A 984 10.20 -20.71 23.89
N PHE A 985 10.17 -20.93 22.57
CA PHE A 985 9.40 -20.07 21.68
C PHE A 985 7.95 -20.01 22.11
N ASN A 986 7.46 -18.81 22.39
CA ASN A 986 6.13 -18.69 22.96
C ASN A 986 5.48 -17.41 22.48
N ILE A 987 4.16 -17.44 22.42
CA ILE A 987 3.37 -16.30 21.99
C ILE A 987 2.25 -16.12 23.00
N ASN A 988 2.31 -15.02 23.76
CA ASN A 988 1.35 -14.76 24.83
C ASN A 988 1.32 -15.93 25.82
N GLY A 989 2.48 -16.52 26.05
CA GLY A 989 2.55 -17.66 26.95
C GLY A 989 1.85 -18.90 26.43
N GLU A 990 1.89 -19.12 25.12
CA GLU A 990 1.33 -20.32 24.51
C GLU A 990 2.39 -20.96 23.65
N LEU A 991 2.94 -22.07 24.10
CA LEU A 991 4.03 -22.71 23.39
C LEU A 991 3.62 -22.98 21.95
N MET A 992 4.60 -22.94 21.04
CA MET A 992 4.31 -22.97 19.62
C MET A 992 5.61 -23.08 18.86
N ILE A 993 5.59 -23.85 17.79
CA ILE A 993 6.75 -24.05 16.92
C ILE A 993 6.61 -23.15 15.71
N PRO A 994 7.61 -22.36 15.36
CA PRO A 994 7.54 -21.57 14.13
C PRO A 994 7.58 -22.47 12.92
N GLY A 995 6.73 -22.17 11.94
CA GLY A 995 6.50 -23.10 10.86
C GLY A 995 7.62 -23.18 9.85
N SER A 996 8.23 -22.04 9.52
CA SER A 996 9.28 -22.04 8.52
C SER A 996 10.32 -23.11 8.80
N GLU A 997 10.55 -23.43 10.07
CA GLU A 997 11.48 -24.50 10.40
C GLU A 997 10.96 -25.84 9.89
N LEU A 998 9.69 -26.12 10.12
CA LEU A 998 9.11 -27.32 9.54
C LEU A 998 9.26 -27.31 8.03
N ARG A 999 9.04 -26.15 7.41
CA ARG A 999 9.19 -26.06 5.97
C ARG A 999 10.60 -26.47 5.56
N GLY A 1000 11.59 -25.94 6.24
CA GLY A 1000 12.96 -26.28 5.91
C GLY A 1000 13.24 -27.76 6.05
N MET A 1001 12.76 -28.35 7.15
CA MET A 1001 13.02 -29.78 7.37
C MET A 1001 12.39 -30.62 6.27
N LEU A 1002 11.10 -30.43 6.05
CA LEU A 1002 10.43 -31.16 4.97
C LEU A 1002 11.13 -30.93 3.64
N ARG A 1003 11.55 -29.71 3.37
CA ARG A 1003 12.12 -29.42 2.06
C ARG A 1003 13.46 -30.13 1.89
N THR A 1004 14.30 -30.11 2.91
CA THR A 1004 15.55 -30.85 2.83
C THR A 1004 15.27 -32.32 2.54
N HIS A 1005 14.35 -32.92 3.29
CA HIS A 1005 14.09 -34.33 3.09
C HIS A 1005 13.59 -34.59 1.68
N PHE A 1006 12.60 -33.82 1.23
CA PHE A 1006 12.02 -34.06 -0.08
C PHE A 1006 13.05 -33.91 -1.18
N GLU A 1007 13.84 -32.84 -1.13
CA GLU A 1007 14.88 -32.67 -2.13
C GLU A 1007 15.81 -33.86 -2.15
N ALA A 1008 16.38 -34.20 -0.98
CA ALA A 1008 17.34 -35.31 -0.94
C ALA A 1008 16.72 -36.59 -1.47
N LEU A 1009 15.40 -36.73 -1.31
CA LEU A 1009 14.74 -37.92 -1.84
C LEU A 1009 14.70 -37.88 -3.36
N THR A 1010 14.30 -36.76 -3.93
CA THR A 1010 14.00 -36.71 -5.34
C THR A 1010 15.17 -36.27 -6.21
N LYS A 1011 16.34 -36.07 -5.63
CA LYS A 1011 17.55 -35.74 -6.38
C LYS A 1011 17.40 -34.38 -7.08
N SER A 1012 17.05 -33.36 -6.31
CA SER A 1012 16.82 -32.04 -6.84
C SER A 1012 18.14 -31.29 -6.93
N CYS A 1013 18.07 -29.98 -7.19
CA CYS A 1013 19.24 -29.13 -7.22
C CYS A 1013 19.51 -28.57 -5.84
N PHE A 1014 20.76 -28.21 -5.58
CA PHE A 1014 21.12 -27.61 -4.30
C PHE A 1014 20.45 -26.25 -4.22
N ALA A 1015 19.54 -26.10 -3.26
CA ALA A 1015 18.76 -24.87 -3.19
C ALA A 1015 19.63 -23.69 -2.75
N ILE A 1016 20.19 -23.76 -1.55
CA ILE A 1016 20.94 -22.67 -0.96
C ILE A 1016 22.34 -23.18 -0.68
N PHE A 1017 23.30 -22.84 -1.52
CA PHE A 1017 24.67 -23.29 -1.35
C PHE A 1017 25.63 -22.16 -1.67
N GLY A 1018 26.62 -22.00 -0.80
CA GLY A 1018 27.63 -20.97 -0.98
C GLY A 1018 28.74 -21.39 -1.93
N GLU A 1019 28.69 -20.87 -3.16
CA GLU A 1019 29.71 -21.22 -4.13
C GLU A 1019 30.98 -20.41 -3.92
N ASP A 1020 30.84 -19.18 -3.45
CA ASP A 1020 31.96 -18.25 -3.32
C ASP A 1020 32.59 -18.48 -1.96
N SER A 1021 33.52 -19.44 -1.89
CA SER A 1021 34.27 -19.73 -0.69
C SER A 1021 35.45 -20.60 -1.07
N THR A 1022 36.64 -20.18 -0.66
CA THR A 1022 37.88 -20.87 -1.00
C THR A 1022 38.52 -21.39 0.28
N LEU A 1023 39.05 -22.60 0.22
CA LEU A 1023 39.71 -23.22 1.36
C LEU A 1023 41.21 -23.32 1.07
N SER A 1024 41.97 -23.66 2.11
CA SER A 1024 43.41 -23.86 2.01
C SER A 1024 43.81 -25.04 2.89
N TRP A 1025 44.18 -26.15 2.26
CA TRP A 1025 44.58 -27.34 3.00
C TRP A 1025 45.90 -27.11 3.71
N ARG A 1026 46.04 -27.70 4.89
CA ARG A 1026 47.25 -27.58 5.69
C ARG A 1026 47.47 -28.83 6.56
N ARG A 1383 51.62 -23.93 1.57
CA ARG A 1383 50.19 -23.77 1.75
C ARG A 1383 49.44 -24.05 0.45
N LYS A 1384 48.71 -25.16 0.41
CA LYS A 1384 47.94 -25.55 -0.75
C LYS A 1384 46.69 -24.69 -0.83
N CYS A 1385 46.69 -23.70 -1.71
CA CYS A 1385 45.49 -22.91 -1.97
C CYS A 1385 44.57 -23.67 -2.93
N ALA A 1386 43.30 -23.28 -2.95
CA ALA A 1386 42.35 -23.92 -3.84
C ALA A 1386 42.45 -23.26 -5.22
N SER A 1387 42.80 -24.06 -6.22
CA SER A 1387 42.87 -23.55 -7.59
C SER A 1387 41.53 -22.94 -8.01
N LYS A 1388 40.44 -23.58 -7.62
CA LYS A 1388 39.10 -23.09 -7.90
C LYS A 1388 38.30 -23.08 -6.61
N THR A 1389 37.27 -22.24 -6.56
CA THR A 1389 36.43 -22.15 -5.39
C THR A 1389 35.56 -23.41 -5.27
N LEU A 1390 34.75 -23.45 -4.21
CA LEU A 1390 33.86 -24.58 -4.00
C LEU A 1390 32.95 -24.83 -5.19
N GLY A 1391 32.30 -23.80 -5.72
CA GLY A 1391 31.44 -23.95 -6.88
C GLY A 1391 32.12 -24.54 -8.09
N GLY A 1392 33.44 -24.54 -8.14
CA GLY A 1392 34.17 -25.12 -9.25
C GLY A 1392 34.22 -26.64 -9.17
N LYS A 1393 34.48 -27.16 -7.97
CA LYS A 1393 34.48 -28.61 -7.80
C LYS A 1393 33.10 -29.20 -8.01
N LEU A 1394 32.07 -28.51 -7.51
CA LEU A 1394 30.70 -28.99 -7.68
C LEU A 1394 30.32 -28.95 -9.15
N ASP A 1395 29.65 -30.01 -9.60
CA ASP A 1395 29.19 -30.06 -10.98
C ASP A 1395 28.27 -28.89 -11.28
N LYS A 1396 28.32 -28.43 -12.54
CA LYS A 1396 27.49 -27.31 -12.95
C LYS A 1396 26.02 -27.69 -12.97
N ALA A 1397 25.69 -28.93 -13.32
CA ALA A 1397 24.29 -29.31 -13.45
C ALA A 1397 23.53 -29.19 -12.13
N LEU A 1398 24.24 -29.23 -11.01
CA LEU A 1398 23.62 -29.18 -9.70
C LEU A 1398 23.54 -27.77 -9.14
N HIS A 1399 24.12 -26.79 -9.81
CA HIS A 1399 24.05 -25.41 -9.35
C HIS A 1399 22.60 -24.95 -9.33
N PRO A 1400 22.27 -23.93 -8.54
CA PRO A 1400 20.88 -23.52 -8.37
C PRO A 1400 20.15 -23.32 -9.68
N CYS A 1401 18.94 -23.85 -9.76
CA CYS A 1401 18.07 -23.63 -10.90
C CYS A 1401 17.73 -22.15 -11.00
N THR A 1402 18.19 -21.49 -12.06
CA THR A 1402 18.16 -20.03 -12.10
C THR A 1402 17.05 -19.46 -12.97
N GLY A 1403 16.95 -19.91 -14.22
CA GLY A 1403 16.11 -19.27 -15.21
C GLY A 1403 14.91 -20.12 -15.61
N LEU A 1404 13.81 -19.43 -15.88
CA LEU A 1404 12.57 -20.10 -16.26
C LEU A 1404 12.68 -20.82 -17.59
N SER A 1405 13.55 -20.36 -18.48
CA SER A 1405 13.67 -21.00 -19.78
C SER A 1405 14.37 -22.33 -19.70
N ASP A 1406 15.44 -22.42 -18.90
CA ASP A 1406 16.22 -23.64 -18.84
C ASP A 1406 15.41 -24.79 -18.27
N GLY A 1407 14.47 -24.51 -17.38
CA GLY A 1407 13.67 -25.53 -16.74
C GLY A 1407 13.86 -25.54 -15.25
N LEU A 1408 13.02 -26.33 -14.59
CA LEU A 1408 12.98 -26.36 -13.14
C LEU A 1408 13.19 -27.79 -12.66
N CYS A 1409 14.00 -27.95 -11.63
CA CYS A 1409 14.17 -29.25 -11.00
C CYS A 1409 12.95 -29.58 -10.15
N PRO A 1410 12.63 -30.86 -9.98
CA PRO A 1410 11.41 -31.22 -9.26
C PRO A 1410 11.33 -30.63 -7.88
N GLY A 1411 12.46 -30.58 -7.17
CA GLY A 1411 12.45 -29.92 -5.87
C GLY A 1411 11.99 -28.50 -5.97
N CYS A 1412 12.80 -27.64 -6.59
CA CYS A 1412 12.43 -26.23 -6.75
C CYS A 1412 11.05 -26.06 -7.33
N HIS A 1413 10.60 -26.98 -8.17
CA HIS A 1413 9.31 -26.82 -8.81
C HIS A 1413 8.18 -26.87 -7.81
N LEU A 1414 8.30 -27.71 -6.78
CA LEU A 1414 7.19 -27.83 -5.85
C LEU A 1414 7.15 -26.71 -4.84
N PHE A 1415 8.24 -26.47 -4.13
CA PHE A 1415 8.27 -25.45 -3.10
C PHE A 1415 8.41 -24.06 -3.68
N GLY A 1416 8.85 -23.94 -4.92
CA GLY A 1416 9.00 -22.65 -5.56
C GLY A 1416 10.42 -22.14 -5.51
N THR A 1417 10.62 -21.00 -6.15
CA THR A 1417 11.92 -20.33 -6.19
C THR A 1417 11.67 -18.86 -6.48
N THR A 1418 12.74 -18.15 -6.84
CA THR A 1418 12.68 -16.69 -6.90
C THR A 1418 11.58 -16.18 -7.80
N ASP A 1419 11.25 -16.93 -8.86
CA ASP A 1419 10.31 -16.41 -9.86
C ASP A 1419 9.09 -17.28 -9.98
N TYR A 1420 8.76 -18.06 -8.95
CA TYR A 1420 7.61 -18.95 -9.06
C TYR A 1420 7.14 -19.33 -7.67
N LYS A 1421 6.02 -18.75 -7.24
CA LYS A 1421 5.55 -18.97 -5.87
C LYS A 1421 5.21 -20.42 -5.65
N GLY A 1422 5.61 -20.95 -4.49
CA GLY A 1422 5.38 -22.34 -4.20
C GLY A 1422 3.91 -22.69 -4.14
N ARG A 1423 3.64 -23.99 -4.13
CA ARG A 1423 2.29 -24.51 -4.10
C ARG A 1423 2.01 -25.29 -2.82
N VAL A 1424 2.83 -25.14 -1.80
CA VAL A 1424 2.67 -25.85 -0.54
C VAL A 1424 2.92 -24.85 0.57
N LYS A 1425 1.94 -24.67 1.45
CA LYS A 1425 1.99 -23.63 2.47
C LYS A 1425 1.78 -24.25 3.84
N PHE A 1426 2.79 -24.14 4.71
CA PHE A 1426 2.71 -24.73 6.05
C PHE A 1426 2.04 -23.76 7.00
N GLY A 1427 2.07 -24.07 8.29
CA GLY A 1427 1.47 -23.21 9.29
C GLY A 1427 2.04 -23.50 10.66
N PHE A 1428 1.88 -22.56 11.57
CA PHE A 1428 2.41 -22.74 12.90
C PHE A 1428 1.81 -23.97 13.57
N ALA A 1429 2.39 -24.34 14.70
CA ALA A 1429 2.01 -25.54 15.43
C ALA A 1429 1.45 -25.16 16.79
N LYS A 1430 0.35 -25.78 17.17
CA LYS A 1430 -0.30 -25.48 18.44
C LYS A 1430 0.15 -26.50 19.48
N TYR A 1431 -0.22 -26.27 20.75
CA TYR A 1431 0.22 -27.11 21.84
C TYR A 1431 -0.95 -27.89 22.41
N GLU A 1432 -0.63 -29.03 23.02
CA GLU A 1432 -1.59 -30.06 23.40
C GLU A 1432 -1.08 -30.82 24.62
N ASN A 1433 -1.39 -32.10 24.69
CA ASN A 1433 -1.25 -32.97 25.87
C ASN A 1433 0.07 -32.84 26.61
N GLY A 1434 0.15 -33.45 27.78
CA GLY A 1434 0.88 -32.92 28.91
C GLY A 1434 2.37 -33.19 28.94
N PRO A 1435 2.83 -34.01 29.90
CA PRO A 1435 4.08 -33.73 30.63
C PRO A 1435 5.15 -33.03 29.82
N GLU A 1436 5.65 -31.91 30.35
CA GLU A 1436 6.25 -30.87 29.54
C GLU A 1436 7.75 -30.70 29.77
N TRP A 1437 8.14 -30.38 30.99
CA TRP A 1437 9.48 -29.87 31.25
C TRP A 1437 10.35 -30.95 31.87
N LEU A 1438 11.44 -31.28 31.20
CA LEU A 1438 12.46 -32.13 31.80
C LEU A 1438 13.05 -31.41 33.00
N ILE A 1439 12.76 -31.91 34.20
CA ILE A 1439 13.14 -31.25 35.44
C ILE A 1439 14.47 -31.80 35.92
N THR A 1440 15.40 -30.91 36.24
CA THR A 1440 16.70 -31.28 36.76
C THR A 1440 16.88 -30.64 38.14
N ARG A 1441 17.58 -31.36 39.02
CA ARG A 1441 17.66 -30.99 40.43
C ARG A 1441 18.71 -29.93 40.72
N GLY A 1442 19.93 -30.11 40.22
CA GLY A 1442 21.00 -29.19 40.57
C GLY A 1442 20.82 -27.82 39.96
N ASN A 1443 20.23 -27.75 38.77
CA ASN A 1443 20.14 -26.48 38.06
C ASN A 1443 19.24 -25.50 38.80
N ASN A 1444 19.55 -24.22 38.68
CA ASN A 1444 18.88 -23.19 39.46
C ASN A 1444 17.43 -22.99 39.00
N PRO A 1445 17.16 -22.72 37.72
CA PRO A 1445 15.75 -22.61 37.30
C PRO A 1445 15.01 -23.95 37.31
N GLU A 1446 15.69 -25.04 37.68
CA GLU A 1446 15.09 -26.35 37.92
C GLU A 1446 14.54 -27.00 36.66
N ARG A 1447 14.54 -26.30 35.53
CA ARG A 1447 14.05 -26.89 34.29
C ARG A 1447 14.88 -26.47 33.10
N SER A 1448 16.03 -25.83 33.32
CA SER A 1448 16.86 -25.31 32.25
C SER A 1448 18.11 -26.17 32.12
N LEU A 1449 18.79 -26.02 31.00
CA LEU A 1449 20.03 -26.76 30.75
C LEU A 1449 21.11 -25.81 30.28
N THR A 1450 22.36 -26.20 30.52
CA THR A 1450 23.52 -25.42 30.09
C THR A 1450 24.22 -26.22 29.01
N LEU A 1451 24.03 -25.82 27.75
CA LEU A 1451 24.56 -26.59 26.65
C LEU A 1451 26.08 -26.54 26.60
N GLY A 1452 26.67 -27.47 25.86
CA GLY A 1452 28.11 -27.52 25.72
C GLY A 1452 28.61 -26.39 24.84
N VAL A 1453 29.84 -26.55 24.38
CA VAL A 1453 30.45 -25.59 23.48
C VAL A 1453 30.10 -25.97 22.05
N LEU A 1454 29.88 -24.96 21.20
CA LEU A 1454 29.54 -25.17 19.80
C LEU A 1454 30.44 -24.30 18.94
N GLU A 1455 31.01 -24.89 17.90
CA GLU A 1455 31.90 -24.16 17.00
C GLU A 1455 31.41 -24.34 15.58
N SER A 1456 32.02 -23.60 14.66
CA SER A 1456 31.59 -23.60 13.27
C SER A 1456 32.01 -24.88 12.56
N PRO A 1457 31.23 -25.31 11.58
CA PRO A 1457 31.63 -26.47 10.77
C PRO A 1457 32.82 -26.11 9.90
N ARG A 1458 33.62 -27.13 9.61
CA ARG A 1458 34.87 -26.96 8.86
C ARG A 1458 34.81 -27.83 7.62
N PRO A 1459 34.54 -27.25 6.46
CA PRO A 1459 34.53 -28.06 5.24
C PRO A 1459 35.89 -28.58 4.87
N ALA A 1460 36.95 -28.11 5.52
CA ALA A 1460 38.29 -28.55 5.18
C ALA A 1460 38.47 -30.04 5.45
N PHE A 1461 38.15 -30.51 6.66
CA PHE A 1461 38.35 -31.90 6.99
C PHE A 1461 37.55 -32.84 6.11
N SER A 1462 36.48 -32.35 5.48
CA SER A 1462 35.73 -33.15 4.53
C SER A 1462 36.38 -33.21 3.16
N ILE A 1463 37.22 -32.24 2.83
CA ILE A 1463 37.92 -32.19 1.56
C ILE A 1463 39.41 -32.24 1.84
N PRO A 1464 40.04 -33.42 1.76
CA PRO A 1464 41.43 -33.54 2.22
C PRO A 1464 42.42 -32.74 1.41
N ASP A 1465 42.20 -32.59 0.11
CA ASP A 1465 43.18 -31.96 -0.76
C ASP A 1465 42.48 -31.44 -2.00
N ASP A 1466 43.27 -31.10 -3.03
CA ASP A 1466 42.71 -30.46 -4.21
C ASP A 1466 41.82 -31.39 -5.01
N GLU A 1467 42.28 -32.61 -5.27
CA GLU A 1467 41.59 -33.50 -6.19
C GLU A 1467 40.27 -34.02 -5.65
N SER A 1468 39.94 -33.72 -4.39
CA SER A 1468 38.72 -34.22 -3.78
C SER A 1468 37.52 -33.46 -4.34
N GLU A 1469 36.31 -33.96 -4.06
CA GLU A 1469 35.09 -33.40 -4.60
C GLU A 1469 34.07 -33.25 -3.48
N ILE A 1470 33.00 -32.52 -3.78
CA ILE A 1470 31.92 -32.36 -2.81
C ILE A 1470 31.25 -33.71 -2.63
N PRO A 1471 31.22 -34.26 -1.43
CA PRO A 1471 30.65 -35.60 -1.25
C PRO A 1471 29.16 -35.62 -1.51
N GLY A 1472 28.42 -34.71 -0.90
CA GLY A 1472 26.98 -34.64 -1.06
C GLY A 1472 26.30 -33.84 0.04
N ARG A 1473 25.09 -34.20 0.39
CA ARG A 1473 24.41 -33.52 1.48
C ARG A 1473 24.90 -34.05 2.81
N LYS A 1474 24.55 -33.34 3.88
CA LYS A 1474 24.95 -33.70 5.23
C LYS A 1474 23.71 -34.11 6.01
N PHE A 1475 23.89 -35.03 6.96
CA PHE A 1475 22.79 -35.47 7.80
C PHE A 1475 23.29 -35.78 9.19
N TYR A 1476 22.42 -35.60 10.17
CA TYR A 1476 22.75 -35.88 11.55
C TYR A 1476 22.06 -37.15 12.02
N LEU A 1477 22.59 -37.73 13.08
CA LEU A 1477 22.20 -39.08 13.46
C LEU A 1477 21.26 -39.07 14.67
N HIS A 1478 20.74 -40.25 15.00
CA HIS A 1478 19.86 -40.43 16.14
C HIS A 1478 20.61 -41.22 17.22
N HIS A 1479 20.64 -40.70 18.44
CA HIS A 1479 21.23 -41.42 19.54
C HIS A 1479 20.78 -40.79 20.84
N ASN A 1480 20.81 -41.60 21.90
CA ASN A 1480 20.43 -41.15 23.23
C ASN A 1480 21.66 -40.69 24.01
N GLY A 1481 22.38 -39.74 23.42
CA GLY A 1481 23.63 -39.28 23.99
C GLY A 1481 23.49 -37.96 24.73
N TRP A 1482 22.26 -37.49 24.87
CA TRP A 1482 22.01 -36.22 25.55
C TRP A 1482 22.07 -36.34 27.06
N ARG A 1483 21.54 -37.43 27.63
CA ARG A 1483 21.47 -37.56 29.08
C ARG A 1483 22.82 -37.45 29.75
N ILE A 1484 23.90 -37.67 29.00
CA ILE A 1484 25.24 -37.45 29.56
C ILE A 1484 25.36 -36.03 30.08
N ILE A 1485 24.93 -35.05 29.28
CA ILE A 1485 25.02 -33.66 29.71
C ILE A 1485 24.07 -33.41 30.87
N ARG A 1486 22.99 -34.17 30.97
CA ARG A 1486 22.04 -33.97 32.05
C ARG A 1486 22.64 -34.28 33.42
N GLN A 1487 23.89 -34.71 33.49
CA GLN A 1487 24.52 -35.00 34.77
C GLN A 1487 25.86 -34.29 34.95
N LYS A 1488 26.27 -33.44 34.01
CA LYS A 1488 27.54 -32.75 34.12
C LYS A 1488 27.38 -31.25 34.28
N GLN A 1489 26.19 -30.80 34.71
CA GLN A 1489 25.94 -29.38 34.84
C GLN A 1489 26.99 -28.71 35.71
N LEU A 1490 27.17 -29.21 36.94
CA LEU A 1490 28.11 -28.61 37.87
C LEU A 1490 29.53 -28.60 37.34
N GLU A 1491 29.92 -29.60 36.56
CA GLU A 1491 31.27 -29.62 36.02
C GLU A 1491 31.39 -28.75 34.77
N ILE A 1492 30.38 -28.79 33.91
CA ILE A 1492 30.42 -27.97 32.69
C ILE A 1492 30.51 -26.50 33.05
N ARG A 1493 29.74 -26.07 34.04
CA ARG A 1493 29.79 -24.68 34.44
C ARG A 1493 31.13 -24.29 35.05
N GLU A 1494 31.98 -25.25 35.39
CA GLU A 1494 33.27 -24.92 36.00
C GLU A 1494 34.31 -24.56 34.94
N THR A 1495 34.60 -25.50 34.04
CA THR A 1495 35.74 -25.33 33.14
C THR A 1495 35.45 -24.36 32.00
N VAL A 1496 34.23 -24.36 31.47
CA VAL A 1496 33.94 -23.58 30.27
C VAL A 1496 33.71 -22.13 30.65
N GLN A 1497 34.29 -21.22 29.88
CA GLN A 1497 34.11 -19.81 30.11
C GLN A 1497 32.66 -19.42 29.83
N PRO A 1498 32.03 -18.61 30.69
CA PRO A 1498 30.61 -18.29 30.48
C PRO A 1498 30.33 -17.49 29.23
N GLU A 1499 31.35 -17.14 28.44
CA GLU A 1499 31.10 -16.38 27.23
C GLU A 1499 30.66 -17.25 26.06
N ARG A 1500 30.78 -18.56 26.16
CA ARG A 1500 30.48 -19.43 25.03
C ARG A 1500 29.38 -20.44 25.29
N ASN A 1501 28.84 -20.49 26.51
CA ASN A 1501 27.74 -21.40 26.77
C ASN A 1501 26.40 -20.69 26.60
N VAL A 1502 25.35 -21.48 26.44
CA VAL A 1502 23.99 -20.97 26.33
C VAL A 1502 23.07 -21.83 27.17
N THR A 1503 22.13 -21.18 27.85
CA THR A 1503 21.22 -21.83 28.77
C THR A 1503 19.79 -21.56 28.34
N THR A 1504 18.94 -22.57 28.42
CA THR A 1504 17.56 -22.37 28.01
C THR A 1504 16.68 -23.47 28.59
N GLU A 1505 15.37 -23.26 28.45
CA GLU A 1505 14.40 -24.26 28.85
C GLU A 1505 14.41 -25.42 27.87
N VAL A 1506 13.82 -26.53 28.28
CA VAL A 1506 13.76 -27.74 27.46
C VAL A 1506 12.39 -28.38 27.65
N MET A 1507 11.94 -29.07 26.62
CA MET A 1507 10.73 -29.87 26.69
C MET A 1507 11.07 -31.34 26.66
N ASP A 1508 10.39 -32.12 27.50
CA ASP A 1508 10.68 -33.53 27.65
C ASP A 1508 9.91 -34.33 26.60
N LYS A 1509 9.91 -35.65 26.75
CA LYS A 1509 9.17 -36.54 25.87
C LYS A 1509 7.68 -36.37 26.08
N GLY A 1510 6.89 -37.14 25.34
CA GLY A 1510 5.48 -37.25 25.60
C GLY A 1510 4.67 -36.02 25.29
N ASN A 1511 5.05 -35.24 24.30
CA ASN A 1511 4.24 -34.10 23.93
C ASN A 1511 3.78 -34.19 22.48
N VAL A 1512 2.63 -33.60 22.20
CA VAL A 1512 2.07 -33.64 20.86
C VAL A 1512 1.64 -32.23 20.45
N PHE A 1513 2.03 -31.82 19.26
CA PHE A 1513 1.65 -30.53 18.71
C PHE A 1513 0.70 -30.70 17.55
N SER A 1514 -0.22 -29.75 17.41
CA SER A 1514 -1.09 -29.71 16.26
C SER A 1514 -0.36 -29.05 15.10
N PHE A 1515 -0.77 -29.39 13.88
CA PHE A 1515 0.04 -29.00 12.74
C PHE A 1515 -0.77 -29.28 11.49
N ASP A 1516 -0.56 -28.49 10.45
CA ASP A 1516 -1.41 -28.66 9.27
C ASP A 1516 -0.80 -27.98 8.07
N VAL A 1517 -0.95 -28.61 6.91
CA VAL A 1517 -0.47 -28.07 5.65
C VAL A 1517 -1.67 -27.86 4.74
N LYS A 1518 -1.53 -26.92 3.80
CA LYS A 1518 -2.59 -26.61 2.84
C LYS A 1518 -1.94 -26.55 1.47
N PHE A 1519 -2.44 -27.33 0.53
CA PHE A 1519 -1.87 -27.44 -0.79
C PHE A 1519 -2.95 -27.21 -1.84
N GLU A 1520 -2.58 -26.54 -2.92
CA GLU A 1520 -3.52 -26.27 -3.99
C GLU A 1520 -2.83 -26.51 -5.33
N ASN A 1521 -3.59 -27.07 -6.27
CA ASN A 1521 -3.15 -27.23 -7.65
C ASN A 1521 -1.96 -28.18 -7.78
N LEU A 1522 -2.00 -29.33 -7.12
CA LEU A 1522 -0.93 -30.29 -7.24
C LEU A 1522 -1.18 -31.23 -8.40
N ARG A 1523 -0.11 -31.83 -8.90
CA ARG A 1523 -0.23 -32.88 -9.90
C ARG A 1523 -0.57 -34.18 -9.18
N GLU A 1524 -0.49 -35.31 -9.87
CA GLU A 1524 -0.97 -36.54 -9.27
C GLU A 1524 0.05 -37.15 -8.32
N TRP A 1525 1.21 -37.55 -8.84
CA TRP A 1525 2.19 -38.24 -8.01
C TRP A 1525 2.90 -37.31 -7.06
N GLU A 1526 2.87 -36.00 -7.30
CA GLU A 1526 3.51 -35.08 -6.38
C GLU A 1526 2.89 -35.17 -4.99
N LEU A 1527 1.56 -35.19 -4.92
CA LEU A 1527 0.91 -35.33 -3.63
C LEU A 1527 1.25 -36.66 -2.99
N GLY A 1528 1.33 -37.71 -3.81
CA GLY A 1528 1.72 -39.00 -3.27
C GLY A 1528 3.08 -38.97 -2.62
N LEU A 1529 4.06 -38.39 -3.31
CA LEU A 1529 5.40 -38.32 -2.74
C LEU A 1529 5.42 -37.44 -1.51
N LEU A 1530 4.69 -36.33 -1.52
CA LEU A 1530 4.65 -35.49 -0.32
C LEU A 1530 4.11 -36.25 0.87
N LEU A 1531 3.00 -36.98 0.66
CA LEU A 1531 2.44 -37.78 1.74
C LEU A 1531 3.43 -38.82 2.24
N GLN A 1532 4.10 -39.51 1.30
CA GLN A 1532 5.11 -40.47 1.71
C GLN A 1532 6.21 -39.79 2.52
N SER A 1533 6.52 -38.54 2.20
CA SER A 1533 7.63 -37.87 2.87
C SER A 1533 7.24 -37.41 4.26
N LEU A 1534 5.98 -37.01 4.46
CA LEU A 1534 5.55 -36.61 5.79
C LEU A 1534 5.76 -37.73 6.79
N ASP A 1535 5.44 -38.95 6.41
CA ASP A 1535 5.68 -40.13 7.24
C ASP A 1535 6.35 -41.20 6.40
N PRO A 1536 7.63 -41.43 6.61
CA PRO A 1536 8.31 -42.50 5.86
C PRO A 1536 7.82 -43.87 6.24
N GLY A 1537 7.29 -44.05 7.43
CA GLY A 1537 6.78 -45.32 7.88
C GLY A 1537 7.17 -45.55 9.31
N LYS A 1538 6.84 -46.75 9.80
CA LYS A 1538 7.24 -47.13 11.14
C LYS A 1538 8.76 -47.12 11.26
N ASN A 1539 9.24 -46.96 12.49
CA ASN A 1539 10.64 -47.16 12.82
C ASN A 1539 11.55 -46.10 12.20
N ILE A 1540 11.00 -44.98 11.73
CA ILE A 1540 11.79 -43.92 11.11
C ILE A 1540 11.32 -42.58 11.66
N ALA A 1541 12.24 -41.60 11.68
CA ALA A 1541 11.90 -40.30 12.25
C ALA A 1541 12.86 -39.24 11.73
N HIS A 1542 12.38 -38.00 11.72
CA HIS A 1542 13.19 -36.87 11.25
C HIS A 1542 14.07 -36.35 12.38
N LYS A 1543 14.73 -35.21 12.13
CA LYS A 1543 15.46 -34.48 13.16
C LYS A 1543 15.11 -33.02 13.04
N LEU A 1544 15.24 -32.28 14.15
CA LEU A 1544 14.77 -30.90 14.18
C LEU A 1544 15.23 -30.24 15.48
N GLY A 1545 15.45 -28.93 15.42
CA GLY A 1545 15.75 -28.15 16.61
C GLY A 1545 17.24 -27.91 16.79
N LYS A 1546 17.55 -27.00 17.71
CA LYS A 1546 18.95 -26.69 18.00
C LYS A 1546 19.64 -27.85 18.69
N GLY A 1547 20.93 -28.01 18.43
CA GLY A 1547 21.70 -29.04 19.08
C GLY A 1547 21.55 -30.41 18.49
N LYS A 1548 21.47 -30.50 17.17
CA LYS A 1548 21.23 -31.79 16.54
C LYS A 1548 22.27 -32.85 16.89
N PRO A 1549 23.58 -32.60 16.81
CA PRO A 1549 24.53 -33.71 16.91
C PRO A 1549 24.62 -34.31 18.29
N TYR A 1550 24.19 -33.60 19.33
CA TYR A 1550 24.21 -34.21 20.65
C TYR A 1550 23.09 -35.21 20.81
N GLY A 1551 21.96 -34.97 20.17
CA GLY A 1551 20.87 -35.92 20.22
C GLY A 1551 19.52 -35.29 20.48
N PHE A 1552 19.49 -33.98 20.67
CA PHE A 1552 18.25 -33.26 20.91
C PHE A 1552 17.48 -33.13 19.61
N GLY A 1553 16.22 -33.59 19.59
CA GLY A 1553 15.35 -33.22 18.51
C GLY A 1553 14.82 -34.32 17.61
N SER A 1554 14.64 -35.53 18.12
CA SER A 1554 14.04 -36.58 17.32
C SER A 1554 12.53 -36.43 17.29
N VAL A 1555 11.95 -36.42 16.09
CA VAL A 1555 10.54 -36.15 15.89
C VAL A 1555 9.94 -37.16 14.92
N LYS A 1556 8.69 -37.55 15.20
CA LYS A 1556 7.96 -38.47 14.34
C LYS A 1556 6.60 -37.88 14.03
N ILE A 1557 6.16 -38.05 12.77
CA ILE A 1557 4.95 -37.41 12.28
C ILE A 1557 3.95 -38.48 11.84
N LYS A 1558 2.68 -38.27 12.19
CA LYS A 1558 1.59 -39.08 11.69
C LYS A 1558 0.61 -38.20 10.95
N ILE A 1559 -0.35 -38.84 10.29
CA ILE A 1559 -1.42 -38.15 9.59
C ILE A 1559 -2.71 -38.41 10.37
N ASP A 1560 -3.64 -37.47 10.33
CA ASP A 1560 -4.94 -37.71 10.92
C ASP A 1560 -6.11 -37.49 9.97
N SER A 1561 -6.06 -36.47 9.12
CA SER A 1561 -7.21 -36.20 8.28
C SER A 1561 -6.75 -35.54 7.01
N LEU A 1562 -7.35 -35.96 5.89
CA LEU A 1562 -7.08 -35.41 4.58
C LEU A 1562 -8.39 -34.84 4.05
N HIS A 1563 -8.33 -33.67 3.42
CA HIS A 1563 -9.48 -33.11 2.72
C HIS A 1563 -9.02 -32.70 1.34
N THR A 1564 -9.79 -33.08 0.32
CA THR A 1564 -9.56 -32.64 -1.04
C THR A 1564 -10.89 -32.20 -1.64
N PHE A 1565 -10.89 -31.08 -2.33
CA PHE A 1565 -12.09 -30.59 -2.97
C PHE A 1565 -11.75 -29.99 -4.32
N LYS A 1566 -12.41 -30.48 -5.37
CA LYS A 1566 -12.19 -29.99 -6.73
C LYS A 1566 -13.16 -28.84 -6.94
N ILE A 1567 -12.77 -27.66 -6.46
CA ILE A 1567 -13.64 -26.50 -6.53
C ILE A 1567 -13.76 -26.03 -7.97
N ASN A 1568 -14.98 -25.73 -8.38
CA ASN A 1568 -15.27 -25.31 -9.74
C ASN A 1568 -16.69 -24.77 -9.76
N SER A 1569 -17.21 -24.47 -10.96
CA SER A 1569 -18.59 -24.03 -11.09
C SER A 1569 -19.59 -25.06 -10.59
N ASN A 1570 -19.19 -26.33 -10.51
CA ASN A 1570 -20.07 -27.37 -10.00
C ASN A 1570 -20.28 -27.20 -8.50
N ASN A 1571 -21.33 -27.84 -7.99
CA ASN A 1571 -21.70 -27.75 -6.59
C ASN A 1571 -20.87 -28.69 -5.72
N ASP A 1572 -19.76 -29.21 -6.25
CA ASP A 1572 -18.90 -30.08 -5.45
C ASP A 1572 -18.25 -29.28 -4.33
N LYS A 1573 -18.52 -29.69 -3.09
CA LYS A 1573 -18.02 -29.02 -1.91
C LYS A 1573 -16.98 -29.90 -1.22
N ILE A 1574 -16.49 -29.44 -0.07
CA ILE A 1574 -15.40 -30.12 0.60
C ILE A 1574 -15.84 -31.51 1.04
N LYS A 1575 -15.13 -32.52 0.56
CA LYS A 1575 -15.45 -33.90 0.87
C LYS A 1575 -14.24 -34.60 1.44
N ARG A 1576 -14.49 -35.57 2.31
CA ARG A 1576 -13.43 -36.34 2.92
C ARG A 1576 -12.91 -37.38 1.92
N VAL A 1577 -11.79 -38.00 2.25
CA VAL A 1577 -11.29 -39.15 1.52
C VAL A 1577 -11.07 -40.28 2.51
N PRO A 1578 -11.61 -41.46 2.27
CA PRO A 1578 -11.37 -42.57 3.18
C PRO A 1578 -10.00 -43.17 2.94
N GLN A 1579 -9.60 -44.07 3.82
CA GLN A 1579 -8.34 -44.77 3.66
C GLN A 1579 -8.42 -45.68 2.43
N SER A 1580 -7.30 -46.31 2.10
CA SER A 1580 -7.13 -47.23 0.98
C SER A 1580 -7.11 -46.48 -0.34
N ASP A 1581 -7.40 -45.18 -0.32
CA ASP A 1581 -7.17 -44.33 -1.48
C ASP A 1581 -5.79 -43.71 -1.47
N ILE A 1582 -5.33 -43.28 -0.30
CA ILE A 1582 -3.96 -42.83 -0.14
C ILE A 1582 -2.99 -43.91 -0.60
N ARG A 1583 -3.37 -45.18 -0.45
CA ARG A 1583 -2.53 -46.25 -0.96
C ARG A 1583 -2.31 -46.10 -2.46
N GLU A 1584 -3.38 -45.79 -3.20
CA GLU A 1584 -3.24 -45.61 -4.64
C GLU A 1584 -2.33 -44.43 -4.96
N TYR A 1585 -2.52 -43.31 -4.26
CA TYR A 1585 -1.66 -42.15 -4.45
C TYR A 1585 -0.19 -42.52 -4.26
N ILE A 1586 0.13 -43.12 -3.11
CA ILE A 1586 1.51 -43.45 -2.80
C ILE A 1586 2.06 -44.43 -3.82
N ASN A 1587 1.25 -45.42 -4.21
CA ASN A 1587 1.71 -46.40 -5.19
C ASN A 1587 2.05 -45.73 -6.51
N LYS A 1588 1.18 -44.85 -7.00
CA LYS A 1588 1.47 -44.17 -8.25
C LYS A 1588 2.70 -43.29 -8.13
N GLY A 1589 2.88 -42.62 -7.00
CA GLY A 1589 4.10 -41.85 -6.81
C GLY A 1589 5.33 -42.72 -6.87
N TYR A 1590 5.26 -43.90 -6.27
CA TYR A 1590 6.39 -44.82 -6.28
C TYR A 1590 6.82 -45.15 -7.70
N GLN A 1591 5.87 -45.37 -8.60
CA GLN A 1591 6.24 -45.71 -9.97
C GLN A 1591 6.86 -44.53 -10.70
N LYS A 1592 6.45 -43.31 -10.37
CA LYS A 1592 7.07 -42.15 -11.00
C LYS A 1592 8.54 -42.07 -10.65
N LEU A 1593 8.88 -42.31 -9.38
CA LEU A 1593 10.28 -42.33 -9.00
C LEU A 1593 11.00 -43.51 -9.62
N ILE A 1594 10.30 -44.65 -9.73
CA ILE A 1594 10.84 -45.78 -10.47
C ILE A 1594 11.31 -45.33 -11.84
N GLU A 1595 10.45 -44.62 -12.56
CA GLU A 1595 10.79 -44.21 -13.92
C GLU A 1595 11.93 -43.20 -13.92
N TRP A 1596 11.87 -42.21 -13.04
CA TRP A 1596 12.96 -41.23 -12.96
C TRP A 1596 14.30 -41.89 -12.75
N SER A 1597 14.34 -43.00 -12.02
CA SER A 1597 15.58 -43.73 -11.87
C SER A 1597 16.15 -44.15 -13.22
N GLY A 1598 15.29 -44.36 -14.22
CA GLY A 1598 15.71 -44.70 -15.55
C GLY A 1598 16.30 -46.09 -15.70
N ASN A 1599 16.71 -46.73 -14.61
CA ASN A 1599 17.22 -48.09 -14.63
C ASN A 1599 16.05 -49.06 -14.40
N ASN A 1600 15.33 -49.30 -15.49
CA ASN A 1600 14.13 -50.12 -15.44
C ASN A 1600 14.40 -51.56 -15.00
N SER A 1601 15.67 -51.94 -14.83
CA SER A 1601 16.00 -53.29 -14.36
C SER A 1601 15.41 -53.57 -12.99
N ILE A 1602 15.05 -52.53 -12.23
CA ILE A 1602 14.41 -52.74 -10.94
C ILE A 1602 13.06 -53.42 -11.11
N GLN A 1603 12.63 -54.13 -10.08
CA GLN A 1603 11.45 -54.99 -10.17
C GLN A 1603 10.21 -54.19 -10.51
N LYS A 1604 9.42 -54.71 -11.44
CA LYS A 1604 8.16 -54.11 -11.87
C LYS A 1604 7.03 -55.09 -11.60
N GLY A 1605 6.05 -54.66 -10.81
CA GLY A 1605 4.93 -55.55 -10.51
C GLY A 1605 3.93 -54.89 -9.58
N ASN A 1606 3.00 -55.71 -9.09
CA ASN A 1606 1.91 -55.26 -8.23
C ASN A 1606 2.09 -55.85 -6.84
N VAL A 1607 2.50 -55.01 -5.89
CA VAL A 1607 2.72 -55.44 -4.52
C VAL A 1607 2.81 -54.17 -3.68
N LEU A 1608 2.56 -54.32 -2.37
CA LEU A 1608 2.74 -53.20 -1.46
C LEU A 1608 4.15 -52.64 -1.64
N PRO A 1609 4.30 -51.33 -1.76
CA PRO A 1609 5.59 -50.76 -2.19
C PRO A 1609 6.72 -51.09 -1.21
N GLN A 1610 7.91 -51.24 -1.77
CA GLN A 1610 9.12 -51.47 -0.98
C GLN A 1610 10.18 -50.47 -1.42
N TRP A 1611 10.49 -49.53 -0.53
CA TRP A 1611 11.32 -48.39 -0.87
C TRP A 1611 12.79 -48.72 -1.01
N HIS A 1612 13.24 -49.82 -0.42
CA HIS A 1612 14.66 -50.06 -0.23
C HIS A 1612 15.24 -50.89 -1.38
N VAL A 1613 14.77 -50.64 -2.58
CA VAL A 1613 15.32 -51.24 -3.79
C VAL A 1613 16.18 -50.26 -4.57
N ILE A 1614 15.79 -49.00 -4.61
CA ILE A 1614 16.59 -48.00 -5.33
C ILE A 1614 17.81 -47.66 -4.49
N PRO A 1615 18.99 -47.52 -5.06
CA PRO A 1615 20.20 -47.34 -4.25
C PRO A 1615 20.15 -46.18 -3.27
N HIS A 1616 19.93 -44.95 -3.73
CA HIS A 1616 20.19 -43.82 -2.86
C HIS A 1616 19.17 -43.71 -1.72
N ILE A 1617 17.91 -44.10 -1.97
CA ILE A 1617 16.94 -44.09 -0.88
C ILE A 1617 17.36 -45.06 0.22
N ASP A 1618 17.97 -46.19 -0.17
CA ASP A 1618 18.42 -47.13 0.83
C ASP A 1618 19.36 -46.45 1.83
N LYS A 1619 20.36 -45.75 1.32
CA LYS A 1619 21.26 -45.03 2.21
C LYS A 1619 20.50 -43.97 2.99
N LEU A 1620 19.65 -43.20 2.32
CA LEU A 1620 18.93 -42.12 3.01
C LEU A 1620 18.21 -42.66 4.23
N TYR A 1621 17.50 -43.77 4.07
CA TYR A 1621 16.82 -44.34 5.23
C TYR A 1621 17.79 -44.94 6.22
N LYS A 1622 18.89 -45.53 5.75
CA LYS A 1622 19.86 -46.07 6.70
C LYS A 1622 20.37 -44.98 7.63
N LEU A 1623 20.45 -43.74 7.14
CA LEU A 1623 20.91 -42.66 8.01
C LEU A 1623 19.98 -42.46 9.20
N LEU A 1624 18.76 -42.02 8.96
CA LEU A 1624 17.86 -41.63 10.03
C LEU A 1624 16.99 -42.83 10.41
N TRP A 1625 17.46 -43.59 11.40
CA TRP A 1625 16.84 -44.83 11.82
C TRP A 1625 16.94 -44.94 13.32
N VAL A 1626 15.87 -44.61 14.03
CA VAL A 1626 15.90 -44.68 15.48
C VAL A 1626 16.17 -46.11 15.92
N PRO A 1627 17.31 -46.37 16.55
CA PRO A 1627 17.60 -47.74 17.01
C PRO A 1627 16.82 -48.11 18.25
N PHE A 1628 16.74 -47.18 19.20
CA PHE A 1628 16.25 -47.53 20.53
C PHE A 1628 14.73 -47.60 20.60
N LEU A 1629 14.03 -47.41 19.47
CA LEU A 1629 12.57 -47.44 19.52
C LEU A 1629 12.06 -48.86 19.73
N ASN A 1630 12.48 -49.79 18.87
CA ASN A 1630 11.96 -51.16 18.94
C ASN A 1630 12.62 -51.93 20.08
N ASP A 1631 13.92 -52.14 19.99
CA ASP A 1631 14.69 -52.76 21.07
C ASP A 1631 14.99 -51.67 22.10
N SER A 1632 14.24 -51.70 23.22
CA SER A 1632 14.31 -50.60 24.16
C SER A 1632 15.65 -50.54 24.90
N LYS A 1633 16.58 -51.45 24.59
CA LYS A 1633 17.84 -51.54 25.29
C LYS A 1633 19.05 -51.58 24.35
N LEU A 1634 18.94 -50.98 23.17
CA LEU A 1634 20.04 -50.95 22.21
C LEU A 1634 20.38 -49.50 21.91
N GLU A 1635 21.39 -48.98 22.59
CA GLU A 1635 21.81 -47.59 22.42
C GLU A 1635 23.31 -47.52 22.19
N PRO A 1636 23.78 -46.81 21.18
CA PRO A 1636 25.22 -46.71 20.94
C PRO A 1636 25.81 -45.50 21.64
N ASP A 1637 27.10 -45.30 21.42
CA ASP A 1637 27.84 -44.16 21.94
C ASP A 1637 28.32 -43.31 20.77
N VAL A 1638 27.89 -42.05 20.74
CA VAL A 1638 28.25 -41.13 19.67
C VAL A 1638 28.84 -39.88 20.29
N ARG A 1639 29.98 -39.44 19.78
CA ARG A 1639 30.64 -38.26 20.31
C ARG A 1639 31.72 -37.82 19.34
N TYR A 1640 32.05 -36.55 19.40
CA TYR A 1640 33.14 -36.05 18.61
C TYR A 1640 34.48 -36.52 19.17
N PRO A 1641 35.54 -36.54 18.37
CA PRO A 1641 36.84 -36.92 18.89
C PRO A 1641 37.47 -35.79 19.69
N VAL A 1642 38.17 -36.18 20.76
CA VAL A 1642 38.93 -35.20 21.52
C VAL A 1642 40.05 -34.64 20.66
N LEU A 1643 40.57 -33.48 21.06
CA LEU A 1643 41.44 -32.74 20.15
C LEU A 1643 42.84 -33.32 20.09
N ASN A 1644 43.58 -33.35 21.21
CA ASN A 1644 45.00 -33.69 21.10
C ASN A 1644 45.51 -34.50 22.29
N GLU A 1645 44.71 -35.43 22.81
CA GLU A 1645 45.30 -36.52 23.59
C GLU A 1645 46.10 -36.04 24.79
N GLU A 1646 45.42 -35.69 25.90
CA GLU A 1646 45.72 -34.65 26.88
C GLU A 1646 44.93 -33.39 26.58
N SER A 1647 43.98 -33.49 25.67
CA SER A 1647 42.89 -32.53 25.63
C SER A 1647 42.09 -32.69 26.93
N LYS A 1648 41.07 -31.86 27.13
CA LYS A 1648 40.39 -31.84 28.41
C LYS A 1648 39.69 -33.17 28.70
N GLY A 1649 38.71 -33.54 27.89
CA GLY A 1649 37.94 -34.74 28.16
C GLY A 1649 38.49 -35.97 27.49
N TYR A 1650 39.81 -36.13 27.52
CA TYR A 1650 40.47 -37.25 26.84
C TYR A 1650 40.24 -38.53 27.63
N ILE A 1651 39.52 -39.47 27.05
CA ILE A 1651 39.40 -40.80 27.63
C ILE A 1651 40.76 -41.48 27.58
N GLU A 1652 41.30 -41.83 28.75
CA GLU A 1652 42.64 -42.39 28.82
C GLU A 1652 42.73 -43.70 28.04
N GLY A 1653 43.80 -43.84 27.28
CA GLY A 1653 44.03 -45.04 26.49
C GLY A 1653 43.04 -45.26 25.37
N SER A 1654 42.16 -44.31 25.10
CA SER A 1654 41.16 -44.50 24.05
C SER A 1654 41.79 -44.40 22.67
N ASP A 1655 42.76 -43.51 22.49
CA ASP A 1655 43.34 -43.23 21.18
C ASP A 1655 42.23 -42.88 20.18
N TYR A 1656 41.44 -41.88 20.55
CA TYR A 1656 40.31 -41.40 19.77
C TYR A 1656 40.46 -39.90 19.54
N THR A 1657 41.61 -39.50 19.05
CA THR A 1657 41.93 -38.09 18.90
C THR A 1657 42.57 -37.83 17.55
N TYR A 1658 42.53 -36.56 17.14
CA TYR A 1658 43.31 -36.10 16.02
C TYR A 1658 44.80 -36.22 16.34
N LYS A 1659 45.61 -36.01 15.31
CA LYS A 1659 47.07 -36.16 15.35
C LYS A 1659 47.42 -37.64 15.44
N LYS A 1660 46.42 -38.47 15.66
CA LYS A 1660 46.50 -39.90 15.40
C LYS A 1660 45.36 -40.34 14.51
N LEU A 1661 44.53 -39.42 14.04
CA LEU A 1661 43.44 -39.72 13.15
C LEU A 1661 43.45 -38.84 11.91
N GLY A 1662 44.06 -37.67 11.96
CA GLY A 1662 44.07 -36.76 10.84
C GLY A 1662 45.39 -36.77 10.08
N ASP A 1663 46.37 -37.49 10.61
CA ASP A 1663 47.64 -37.65 9.92
C ASP A 1663 47.45 -38.41 8.62
N LYS A 1664 48.18 -38.01 7.58
CA LYS A 1664 48.08 -38.72 6.31
C LYS A 1664 48.52 -40.17 6.46
N ASP A 1665 49.60 -40.41 7.19
CA ASP A 1665 49.98 -41.77 7.52
C ASP A 1665 48.96 -42.37 8.47
N ASN A 1666 48.90 -43.70 8.48
CA ASN A 1666 47.99 -44.47 9.33
C ASN A 1666 46.56 -44.32 8.83
N LEU A 1667 46.34 -43.42 7.88
CA LEU A 1667 45.02 -43.16 7.36
C LEU A 1667 45.09 -42.48 6.00
N PRO A 1668 45.17 -43.23 4.91
CA PRO A 1668 45.12 -42.63 3.58
C PRO A 1668 43.82 -41.87 3.38
N TYR A 1669 43.92 -40.81 2.58
CA TYR A 1669 42.83 -39.85 2.47
C TYR A 1669 41.58 -40.47 1.87
N LYS A 1670 41.74 -41.26 0.81
CA LYS A 1670 40.59 -41.91 0.20
C LYS A 1670 39.81 -42.73 1.21
N THR A 1671 40.51 -43.38 2.14
CA THR A 1671 39.81 -44.11 3.19
C THR A 1671 39.05 -43.17 4.11
N ARG A 1672 39.59 -41.98 4.40
CA ARG A 1672 38.83 -41.01 5.17
C ARG A 1672 37.53 -40.65 4.46
N VAL A 1673 37.63 -40.34 3.16
CA VAL A 1673 36.42 -40.02 2.40
C VAL A 1673 35.44 -41.17 2.46
N LYS A 1674 35.91 -42.40 2.25
CA LYS A 1674 35.01 -43.54 2.27
C LYS A 1674 34.37 -43.72 3.63
N GLY A 1675 35.12 -43.45 4.70
CA GLY A 1675 34.55 -43.52 6.03
C GLY A 1675 33.55 -42.42 6.31
N LEU A 1676 33.59 -41.33 5.55
CA LEU A 1676 32.61 -40.28 5.74
C LEU A 1676 31.34 -40.46 4.93
N THR A 1677 31.34 -41.38 3.96
CA THR A 1677 30.18 -41.54 3.08
C THR A 1677 29.56 -42.93 3.16
N THR A 1678 29.82 -43.68 4.22
CA THR A 1678 29.11 -44.93 4.47
C THR A 1678 28.46 -44.85 5.84
N PRO A 1679 27.16 -44.60 5.92
CA PRO A 1679 26.54 -44.29 7.22
C PRO A 1679 26.71 -45.42 8.21
N TRP A 1680 26.74 -45.06 9.49
CA TRP A 1680 26.84 -46.01 10.60
C TRP A 1680 28.05 -46.91 10.43
N SER A 1681 29.21 -46.28 10.29
CA SER A 1681 30.45 -47.01 10.10
C SER A 1681 31.23 -47.03 11.40
N PRO A 1682 31.76 -48.17 11.80
CA PRO A 1682 32.59 -48.22 13.02
C PRO A 1682 33.81 -47.34 12.85
N TRP A 1683 34.09 -46.54 13.87
CA TRP A 1683 35.12 -45.52 13.77
C TRP A 1683 36.21 -45.62 14.82
N ASN A 1684 35.92 -46.12 16.03
CA ASN A 1684 36.98 -46.24 17.02
C ASN A 1684 38.05 -47.24 16.58
N PRO A 1685 37.72 -48.50 16.31
CA PRO A 1685 38.69 -49.34 15.60
C PRO A 1685 38.74 -49.03 14.11
N PHE A 1686 37.79 -48.24 13.61
CA PHE A 1686 37.78 -47.74 12.25
C PHE A 1686 37.78 -48.87 11.22
N GLN A 1687 36.69 -49.63 11.22
CA GLN A 1687 36.49 -50.63 10.20
C GLN A 1687 35.71 -50.04 9.02
N VAL A 1688 35.61 -50.85 7.96
CA VAL A 1688 34.93 -50.45 6.73
C VAL A 1688 35.49 -49.15 6.18
#